data_1NEU
# 
_entry.id   1NEU 
# 
_audit_conform.dict_name       mmcif_pdbx.dic 
_audit_conform.dict_version    5.398 
_audit_conform.dict_location   http://mmcif.pdb.org/dictionaries/ascii/mmcif_pdbx.dic 
# 
loop_
_database_2.database_id 
_database_2.database_code 
_database_2.pdbx_database_accession 
_database_2.pdbx_DOI 
PDB   1NEU         pdb_00001neu 10.2210/pdb1neu/pdb 
WWPDB D_1000175263 ?            ?                   
# 
loop_
_pdbx_audit_revision_history.ordinal 
_pdbx_audit_revision_history.data_content_type 
_pdbx_audit_revision_history.major_revision 
_pdbx_audit_revision_history.minor_revision 
_pdbx_audit_revision_history.revision_date 
1 'Structure model' 1 0 1997-05-15 
2 'Structure model' 1 1 2008-03-24 
3 'Structure model' 1 2 2011-07-13 
4 'Structure model' 1 3 2024-06-05 
5 'Structure model' 1 4 2024-10-30 
# 
_pdbx_audit_revision_details.ordinal             1 
_pdbx_audit_revision_details.revision_ordinal    1 
_pdbx_audit_revision_details.data_content_type   'Structure model' 
_pdbx_audit_revision_details.provider            repository 
_pdbx_audit_revision_details.type                'Initial release' 
_pdbx_audit_revision_details.description         ? 
_pdbx_audit_revision_details.details             ? 
# 
loop_
_pdbx_audit_revision_group.ordinal 
_pdbx_audit_revision_group.revision_ordinal 
_pdbx_audit_revision_group.data_content_type 
_pdbx_audit_revision_group.group 
1 2 'Structure model' 'Version format compliance' 
2 3 'Structure model' 'Version format compliance' 
3 4 'Structure model' 'Data collection'           
4 4 'Structure model' 'Database references'       
5 4 'Structure model' Other                       
6 5 'Structure model' 'Structure summary'         
# 
loop_
_pdbx_audit_revision_category.ordinal 
_pdbx_audit_revision_category.revision_ordinal 
_pdbx_audit_revision_category.data_content_type 
_pdbx_audit_revision_category.category 
1 4 'Structure model' chem_comp_atom            
2 4 'Structure model' chem_comp_bond            
3 4 'Structure model' database_2                
4 4 'Structure model' pdbx_database_status      
5 5 'Structure model' pdbx_entry_details        
6 5 'Structure model' pdbx_modification_feature 
# 
loop_
_pdbx_audit_revision_item.ordinal 
_pdbx_audit_revision_item.revision_ordinal 
_pdbx_audit_revision_item.data_content_type 
_pdbx_audit_revision_item.item 
1 4 'Structure model' '_database_2.pdbx_DOI'                
2 4 'Structure model' '_database_2.pdbx_database_accession' 
3 4 'Structure model' '_pdbx_database_status.process_site'  
# 
_pdbx_database_status.status_code                     REL 
_pdbx_database_status.entry_id                        1NEU 
_pdbx_database_status.recvd_initial_deposition_date   1996-09-24 
_pdbx_database_status.deposit_site                    ? 
_pdbx_database_status.process_site                    BNL 
_pdbx_database_status.SG_entry                        . 
_pdbx_database_status.pdb_format_compatible           Y 
_pdbx_database_status.status_code_mr                  ? 
_pdbx_database_status.status_code_sf                  ? 
_pdbx_database_status.status_code_cs                  ? 
_pdbx_database_status.status_code_nmr_data            ? 
_pdbx_database_status.methods_development_category    ? 
# 
loop_
_audit_author.name 
_audit_author.pdbx_ordinal 
'Shapiro, L.'       1 
'Doyle, J.P.'       2 
'Hensley, P.'       3 
'Colman, D.R.'      4 
'Hendrickson, W.A.' 5 
# 
_citation.id                        primary 
_citation.title                     
'Crystal structure of the extracellular domain from P0, the major structural protein of peripheral nerve myelin.' 
_citation.journal_abbrev            Neuron 
_citation.journal_volume            17 
_citation.page_first                435 
_citation.page_last                 449 
_citation.year                      1996 
_citation.journal_id_ASTM           NERNET 
_citation.country                   US 
_citation.journal_id_ISSN           0896-6273 
_citation.journal_id_CSD            2038 
_citation.book_publisher            ? 
_citation.pdbx_database_id_PubMed   8816707 
_citation.pdbx_database_id_DOI      '10.1016/S0896-6273(00)80176-2' 
# 
loop_
_citation_author.citation_id 
_citation_author.name 
_citation_author.ordinal 
_citation_author.identifier_ORCID 
primary 'Shapiro, L.'       1 ? 
primary 'Doyle, J.P.'       2 ? 
primary 'Hensley, P.'       3 ? 
primary 'Colman, D.R.'      4 ? 
primary 'Hendrickson, W.A.' 5 ? 
# 
loop_
_entity.id 
_entity.type 
_entity.src_method 
_entity.pdbx_description 
_entity.formula_weight 
_entity.pdbx_number_of_molecules 
_entity.pdbx_ec 
_entity.pdbx_mutation 
_entity.pdbx_fragment 
_entity.details 
1 polymer man 'MYELIN P0 PROTEIN' 14159.656 1   ? ? 'EXTRACELLULAR DOMAIN, RESIDUES 1 - 124' ? 
2 water   nat water               18.015    164 ? ? ?                                        ? 
# 
_entity_poly.entity_id                      1 
_entity_poly.type                           'polypeptide(L)' 
_entity_poly.nstd_linkage                   no 
_entity_poly.nstd_monomer                   no 
_entity_poly.pdbx_seq_one_letter_code       
;IVVYTDREVYGAVGSQVTLHCSFWSSEWVSDDISFTWRYQPEGGRDAISIFHYAKGQPYIDEVGTFKERIQWVGDPSWKD
GSIVIHNLDYSDNGTFTCDVKNPPDIVGKTSQVTLYVFEKVPTR
;
_entity_poly.pdbx_seq_one_letter_code_can   
;IVVYTDREVYGAVGSQVTLHCSFWSSEWVSDDISFTWRYQPEGGRDAISIFHYAKGQPYIDEVGTFKERIQWVGDPSWKD
GSIVIHNLDYSDNGTFTCDVKNPPDIVGKTSQVTLYVFEKVPTR
;
_entity_poly.pdbx_strand_id                 A 
_entity_poly.pdbx_target_identifier         ? 
# 
_pdbx_entity_nonpoly.entity_id   2 
_pdbx_entity_nonpoly.name        water 
_pdbx_entity_nonpoly.comp_id     HOH 
# 
loop_
_entity_poly_seq.entity_id 
_entity_poly_seq.num 
_entity_poly_seq.mon_id 
_entity_poly_seq.hetero 
1 1   ILE n 
1 2   VAL n 
1 3   VAL n 
1 4   TYR n 
1 5   THR n 
1 6   ASP n 
1 7   ARG n 
1 8   GLU n 
1 9   VAL n 
1 10  TYR n 
1 11  GLY n 
1 12  ALA n 
1 13  VAL n 
1 14  GLY n 
1 15  SER n 
1 16  GLN n 
1 17  VAL n 
1 18  THR n 
1 19  LEU n 
1 20  HIS n 
1 21  CYS n 
1 22  SER n 
1 23  PHE n 
1 24  TRP n 
1 25  SER n 
1 26  SER n 
1 27  GLU n 
1 28  TRP n 
1 29  VAL n 
1 30  SER n 
1 31  ASP n 
1 32  ASP n 
1 33  ILE n 
1 34  SER n 
1 35  PHE n 
1 36  THR n 
1 37  TRP n 
1 38  ARG n 
1 39  TYR n 
1 40  GLN n 
1 41  PRO n 
1 42  GLU n 
1 43  GLY n 
1 44  GLY n 
1 45  ARG n 
1 46  ASP n 
1 47  ALA n 
1 48  ILE n 
1 49  SER n 
1 50  ILE n 
1 51  PHE n 
1 52  HIS n 
1 53  TYR n 
1 54  ALA n 
1 55  LYS n 
1 56  GLY n 
1 57  GLN n 
1 58  PRO n 
1 59  TYR n 
1 60  ILE n 
1 61  ASP n 
1 62  GLU n 
1 63  VAL n 
1 64  GLY n 
1 65  THR n 
1 66  PHE n 
1 67  LYS n 
1 68  GLU n 
1 69  ARG n 
1 70  ILE n 
1 71  GLN n 
1 72  TRP n 
1 73  VAL n 
1 74  GLY n 
1 75  ASP n 
1 76  PRO n 
1 77  SER n 
1 78  TRP n 
1 79  LYS n 
1 80  ASP n 
1 81  GLY n 
1 82  SER n 
1 83  ILE n 
1 84  VAL n 
1 85  ILE n 
1 86  HIS n 
1 87  ASN n 
1 88  LEU n 
1 89  ASP n 
1 90  TYR n 
1 91  SER n 
1 92  ASP n 
1 93  ASN n 
1 94  GLY n 
1 95  THR n 
1 96  PHE n 
1 97  THR n 
1 98  CYS n 
1 99  ASP n 
1 100 VAL n 
1 101 LYS n 
1 102 ASN n 
1 103 PRO n 
1 104 PRO n 
1 105 ASP n 
1 106 ILE n 
1 107 VAL n 
1 108 GLY n 
1 109 LYS n 
1 110 THR n 
1 111 SER n 
1 112 GLN n 
1 113 VAL n 
1 114 THR n 
1 115 LEU n 
1 116 TYR n 
1 117 VAL n 
1 118 PHE n 
1 119 GLU n 
1 120 LYS n 
1 121 VAL n 
1 122 PRO n 
1 123 THR n 
1 124 ARG n 
# 
_entity_src_gen.entity_id                          1 
_entity_src_gen.pdbx_src_id                        1 
_entity_src_gen.pdbx_alt_source_flag               sample 
_entity_src_gen.pdbx_seq_type                      ? 
_entity_src_gen.pdbx_beg_seq_num                   ? 
_entity_src_gen.pdbx_end_seq_num                   ? 
_entity_src_gen.gene_src_common_name               'Norway rat' 
_entity_src_gen.gene_src_genus                     Rattus 
_entity_src_gen.pdbx_gene_src_gene                 ? 
_entity_src_gen.gene_src_species                   ? 
_entity_src_gen.gene_src_strain                    ? 
_entity_src_gen.gene_src_tissue                    ? 
_entity_src_gen.gene_src_tissue_fraction           ? 
_entity_src_gen.gene_src_details                   ? 
_entity_src_gen.pdbx_gene_src_fragment             ? 
_entity_src_gen.pdbx_gene_src_scientific_name      'Rattus norvegicus' 
_entity_src_gen.pdbx_gene_src_ncbi_taxonomy_id     10116 
_entity_src_gen.pdbx_gene_src_variant              ? 
_entity_src_gen.pdbx_gene_src_cell_line            ? 
_entity_src_gen.pdbx_gene_src_atcc                 ? 
_entity_src_gen.pdbx_gene_src_organ                ? 
_entity_src_gen.pdbx_gene_src_organelle            ? 
_entity_src_gen.pdbx_gene_src_cell                 ? 
_entity_src_gen.pdbx_gene_src_cellular_location    ? 
_entity_src_gen.host_org_common_name               ? 
_entity_src_gen.pdbx_host_org_scientific_name      'Escherichia coli' 
_entity_src_gen.pdbx_host_org_ncbi_taxonomy_id     562 
_entity_src_gen.host_org_genus                     Escherichia 
_entity_src_gen.pdbx_host_org_gene                 ? 
_entity_src_gen.pdbx_host_org_organ                ? 
_entity_src_gen.host_org_species                   ? 
_entity_src_gen.pdbx_host_org_tissue               ? 
_entity_src_gen.pdbx_host_org_tissue_fraction      ? 
_entity_src_gen.pdbx_host_org_strain               ? 
_entity_src_gen.pdbx_host_org_variant              ? 
_entity_src_gen.pdbx_host_org_cell_line            ? 
_entity_src_gen.pdbx_host_org_atcc                 ? 
_entity_src_gen.pdbx_host_org_culture_collection   ? 
_entity_src_gen.pdbx_host_org_cell                 ? 
_entity_src_gen.pdbx_host_org_organelle            ? 
_entity_src_gen.pdbx_host_org_cellular_location    ? 
_entity_src_gen.pdbx_host_org_vector_type          ? 
_entity_src_gen.pdbx_host_org_vector               ? 
_entity_src_gen.host_org_details                   ? 
_entity_src_gen.expression_system_id               ? 
_entity_src_gen.plasmid_name                       ? 
_entity_src_gen.plasmid_details                    ? 
_entity_src_gen.pdbx_description                   ? 
# 
loop_
_chem_comp.id 
_chem_comp.type 
_chem_comp.mon_nstd_flag 
_chem_comp.name 
_chem_comp.pdbx_synonyms 
_chem_comp.formula 
_chem_comp.formula_weight 
ALA 'L-peptide linking' y ALANINE         ? 'C3 H7 N O2'     89.093  
ARG 'L-peptide linking' y ARGININE        ? 'C6 H15 N4 O2 1' 175.209 
ASN 'L-peptide linking' y ASPARAGINE      ? 'C4 H8 N2 O3'    132.118 
ASP 'L-peptide linking' y 'ASPARTIC ACID' ? 'C4 H7 N O4'     133.103 
CYS 'L-peptide linking' y CYSTEINE        ? 'C3 H7 N O2 S'   121.158 
GLN 'L-peptide linking' y GLUTAMINE       ? 'C5 H10 N2 O3'   146.144 
GLU 'L-peptide linking' y 'GLUTAMIC ACID' ? 'C5 H9 N O4'     147.129 
GLY 'peptide linking'   y GLYCINE         ? 'C2 H5 N O2'     75.067  
HIS 'L-peptide linking' y HISTIDINE       ? 'C6 H10 N3 O2 1' 156.162 
HOH non-polymer         . WATER           ? 'H2 O'           18.015  
ILE 'L-peptide linking' y ISOLEUCINE      ? 'C6 H13 N O2'    131.173 
LEU 'L-peptide linking' y LEUCINE         ? 'C6 H13 N O2'    131.173 
LYS 'L-peptide linking' y LYSINE          ? 'C6 H15 N2 O2 1' 147.195 
PHE 'L-peptide linking' y PHENYLALANINE   ? 'C9 H11 N O2'    165.189 
PRO 'L-peptide linking' y PROLINE         ? 'C5 H9 N O2'     115.130 
SER 'L-peptide linking' y SERINE          ? 'C3 H7 N O3'     105.093 
THR 'L-peptide linking' y THREONINE       ? 'C4 H9 N O3'     119.119 
TRP 'L-peptide linking' y TRYPTOPHAN      ? 'C11 H12 N2 O2'  204.225 
TYR 'L-peptide linking' y TYROSINE        ? 'C9 H11 N O3'    181.189 
VAL 'L-peptide linking' y VALINE          ? 'C5 H11 N O2'    117.146 
# 
loop_
_pdbx_poly_seq_scheme.asym_id 
_pdbx_poly_seq_scheme.entity_id 
_pdbx_poly_seq_scheme.seq_id 
_pdbx_poly_seq_scheme.mon_id 
_pdbx_poly_seq_scheme.ndb_seq_num 
_pdbx_poly_seq_scheme.pdb_seq_num 
_pdbx_poly_seq_scheme.auth_seq_num 
_pdbx_poly_seq_scheme.pdb_mon_id 
_pdbx_poly_seq_scheme.auth_mon_id 
_pdbx_poly_seq_scheme.pdb_strand_id 
_pdbx_poly_seq_scheme.pdb_ins_code 
_pdbx_poly_seq_scheme.hetero 
A 1 1   ILE 1   1   1   ILE ILE A . n 
A 1 2   VAL 2   2   2   VAL VAL A . n 
A 1 3   VAL 3   3   3   VAL VAL A . n 
A 1 4   TYR 4   4   4   TYR TYR A . n 
A 1 5   THR 5   5   5   THR THR A . n 
A 1 6   ASP 6   6   6   ASP ASP A . n 
A 1 7   ARG 7   7   7   ARG ARG A . n 
A 1 8   GLU 8   8   8   GLU GLU A . n 
A 1 9   VAL 9   9   9   VAL VAL A . n 
A 1 10  TYR 10  10  10  TYR TYR A . n 
A 1 11  GLY 11  11  11  GLY GLY A . n 
A 1 12  ALA 12  12  12  ALA ALA A . n 
A 1 13  VAL 13  13  13  VAL VAL A . n 
A 1 14  GLY 14  14  14  GLY GLY A . n 
A 1 15  SER 15  15  15  SER SER A . n 
A 1 16  GLN 16  16  16  GLN GLN A . n 
A 1 17  VAL 17  17  17  VAL VAL A . n 
A 1 18  THR 18  18  18  THR THR A . n 
A 1 19  LEU 19  19  19  LEU LEU A . n 
A 1 20  HIS 20  20  20  HIS HIS A . n 
A 1 21  CYS 21  21  21  CYS CYS A . n 
A 1 22  SER 22  22  22  SER SER A . n 
A 1 23  PHE 23  23  23  PHE PHE A . n 
A 1 24  TRP 24  24  24  TRP TRP A . n 
A 1 25  SER 25  25  25  SER SER A . n 
A 1 26  SER 26  26  26  SER SER A . n 
A 1 27  GLU 27  27  27  GLU GLU A . n 
A 1 28  TRP 28  28  28  TRP TRP A . n 
A 1 29  VAL 29  29  29  VAL VAL A . n 
A 1 30  SER 30  30  30  SER SER A . n 
A 1 31  ASP 31  31  31  ASP ASP A . n 
A 1 32  ASP 32  32  32  ASP ASP A . n 
A 1 33  ILE 33  33  33  ILE ILE A . n 
A 1 34  SER 34  34  34  SER SER A . n 
A 1 35  PHE 35  35  35  PHE PHE A . n 
A 1 36  THR 36  36  36  THR THR A . n 
A 1 37  TRP 37  37  37  TRP TRP A . n 
A 1 38  ARG 38  38  38  ARG ARG A . n 
A 1 39  TYR 39  39  39  TYR TYR A . n 
A 1 40  GLN 40  40  40  GLN GLN A . n 
A 1 41  PRO 41  41  41  PRO PRO A . n 
A 1 42  GLU 42  42  42  GLU GLU A . n 
A 1 43  GLY 43  43  43  GLY GLY A . n 
A 1 44  GLY 44  44  44  GLY GLY A . n 
A 1 45  ARG 45  45  45  ARG ARG A . n 
A 1 46  ASP 46  46  46  ASP ASP A . n 
A 1 47  ALA 47  47  47  ALA ALA A . n 
A 1 48  ILE 48  48  48  ILE ILE A . n 
A 1 49  SER 49  49  49  SER SER A . n 
A 1 50  ILE 50  50  50  ILE ILE A . n 
A 1 51  PHE 51  51  51  PHE PHE A . n 
A 1 52  HIS 52  52  52  HIS HIS A . n 
A 1 53  TYR 53  53  53  TYR TYR A . n 
A 1 54  ALA 54  54  54  ALA ALA A . n 
A 1 55  LYS 55  55  55  LYS LYS A . n 
A 1 56  GLY 56  56  56  GLY GLY A . n 
A 1 57  GLN 57  57  57  GLN GLN A . n 
A 1 58  PRO 58  58  58  PRO PRO A . n 
A 1 59  TYR 59  59  59  TYR TYR A . n 
A 1 60  ILE 60  60  60  ILE ILE A . n 
A 1 61  ASP 61  61  61  ASP ASP A . n 
A 1 62  GLU 62  62  62  GLU GLU A . n 
A 1 63  VAL 63  63  63  VAL VAL A . n 
A 1 64  GLY 64  64  64  GLY GLY A . n 
A 1 65  THR 65  65  65  THR THR A . n 
A 1 66  PHE 66  66  66  PHE PHE A . n 
A 1 67  LYS 67  67  67  LYS LYS A . n 
A 1 68  GLU 68  68  68  GLU GLU A . n 
A 1 69  ARG 69  69  69  ARG ARG A . n 
A 1 70  ILE 70  70  70  ILE ILE A . n 
A 1 71  GLN 71  71  71  GLN GLN A . n 
A 1 72  TRP 72  72  72  TRP TRP A . n 
A 1 73  VAL 73  73  73  VAL VAL A . n 
A 1 74  GLY 74  74  74  GLY GLY A . n 
A 1 75  ASP 75  75  75  ASP ASP A . n 
A 1 76  PRO 76  76  76  PRO PRO A . n 
A 1 77  SER 77  77  77  SER SER A . n 
A 1 78  TRP 78  78  78  TRP TRP A . n 
A 1 79  LYS 79  79  79  LYS LYS A . n 
A 1 80  ASP 80  80  80  ASP ASP A . n 
A 1 81  GLY 81  81  81  GLY GLY A . n 
A 1 82  SER 82  82  82  SER SER A . n 
A 1 83  ILE 83  83  83  ILE ILE A . n 
A 1 84  VAL 84  84  84  VAL VAL A . n 
A 1 85  ILE 85  85  85  ILE ILE A . n 
A 1 86  HIS 86  86  86  HIS HIS A . n 
A 1 87  ASN 87  87  87  ASN ASN A . n 
A 1 88  LEU 88  88  88  LEU LEU A . n 
A 1 89  ASP 89  89  89  ASP ASP A . n 
A 1 90  TYR 90  90  90  TYR TYR A . n 
A 1 91  SER 91  91  91  SER SER A . n 
A 1 92  ASP 92  92  92  ASP ASP A . n 
A 1 93  ASN 93  93  93  ASN ASN A . n 
A 1 94  GLY 94  94  94  GLY GLY A . n 
A 1 95  THR 95  95  95  THR THR A . n 
A 1 96  PHE 96  96  96  PHE PHE A . n 
A 1 97  THR 97  97  97  THR THR A . n 
A 1 98  CYS 98  98  98  CYS CYS A . n 
A 1 99  ASP 99  99  99  ASP ASP A . n 
A 1 100 VAL 100 100 100 VAL VAL A . n 
A 1 101 LYS 101 101 101 LYS LYS A . n 
A 1 102 ASN 102 102 102 ASN ASN A . n 
A 1 103 PRO 103 103 ?   ?   ?   A . n 
A 1 104 PRO 104 104 ?   ?   ?   A . n 
A 1 105 ASP 105 105 ?   ?   ?   A . n 
A 1 106 ILE 106 106 ?   ?   ?   A . n 
A 1 107 VAL 107 107 107 VAL VAL A . n 
A 1 108 GLY 108 108 108 GLY GLY A . n 
A 1 109 LYS 109 109 109 LYS LYS A . n 
A 1 110 THR 110 110 110 THR THR A . n 
A 1 111 SER 111 111 111 SER SER A . n 
A 1 112 GLN 112 112 112 GLN GLN A . n 
A 1 113 VAL 113 113 113 VAL VAL A . n 
A 1 114 THR 114 114 114 THR THR A . n 
A 1 115 LEU 115 115 115 LEU LEU A . n 
A 1 116 TYR 116 116 116 TYR TYR A . n 
A 1 117 VAL 117 117 117 VAL VAL A . n 
A 1 118 PHE 118 118 118 PHE PHE A . n 
A 1 119 GLU 119 119 119 GLU GLU A . n 
A 1 120 LYS 120 120 ?   ?   ?   A . n 
A 1 121 VAL 121 121 ?   ?   ?   A . n 
A 1 122 PRO 122 122 ?   ?   ?   A . n 
A 1 123 THR 123 123 ?   ?   ?   A . n 
A 1 124 ARG 124 124 ?   ?   ?   A . n 
# 
loop_
_pdbx_nonpoly_scheme.asym_id 
_pdbx_nonpoly_scheme.entity_id 
_pdbx_nonpoly_scheme.mon_id 
_pdbx_nonpoly_scheme.ndb_seq_num 
_pdbx_nonpoly_scheme.pdb_seq_num 
_pdbx_nonpoly_scheme.auth_seq_num 
_pdbx_nonpoly_scheme.pdb_mon_id 
_pdbx_nonpoly_scheme.auth_mon_id 
_pdbx_nonpoly_scheme.pdb_strand_id 
_pdbx_nonpoly_scheme.pdb_ins_code 
B 2 HOH 1   200 200 HOH HOH A . 
B 2 HOH 2   201 201 HOH HOH A . 
B 2 HOH 3   202 202 HOH HOH A . 
B 2 HOH 4   204 204 HOH HOH A . 
B 2 HOH 5   205 205 HOH HOH A . 
B 2 HOH 6   208 208 HOH HOH A . 
B 2 HOH 7   209 209 HOH HOH A . 
B 2 HOH 8   210 210 HOH HOH A . 
B 2 HOH 9   211 211 HOH HOH A . 
B 2 HOH 10  212 212 HOH HOH A . 
B 2 HOH 11  214 214 HOH HOH A . 
B 2 HOH 12  215 215 HOH HOH A . 
B 2 HOH 13  216 216 HOH HOH A . 
B 2 HOH 14  217 217 HOH HOH A . 
B 2 HOH 15  218 218 HOH HOH A . 
B 2 HOH 16  219 219 HOH HOH A . 
B 2 HOH 17  220 220 HOH HOH A . 
B 2 HOH 18  221 221 HOH HOH A . 
B 2 HOH 19  222 222 HOH HOH A . 
B 2 HOH 20  224 224 HOH HOH A . 
B 2 HOH 21  226 226 HOH HOH A . 
B 2 HOH 22  228 228 HOH HOH A . 
B 2 HOH 23  230 230 HOH HOH A . 
B 2 HOH 24  231 231 HOH HOH A . 
B 2 HOH 25  232 232 HOH HOH A . 
B 2 HOH 26  233 233 HOH HOH A . 
B 2 HOH 27  234 234 HOH HOH A . 
B 2 HOH 28  235 235 HOH HOH A . 
B 2 HOH 29  236 236 HOH HOH A . 
B 2 HOH 30  237 237 HOH HOH A . 
B 2 HOH 31  251 251 HOH HOH A . 
B 2 HOH 32  253 253 HOH HOH A . 
B 2 HOH 33  254 254 HOH HOH A . 
B 2 HOH 34  255 255 HOH HOH A . 
B 2 HOH 35  256 256 HOH HOH A . 
B 2 HOH 36  258 258 HOH HOH A . 
B 2 HOH 37  259 259 HOH HOH A . 
B 2 HOH 38  260 260 HOH HOH A . 
B 2 HOH 39  261 261 HOH HOH A . 
B 2 HOH 40  262 262 HOH HOH A . 
B 2 HOH 41  263 263 HOH HOH A . 
B 2 HOH 42  265 265 HOH HOH A . 
B 2 HOH 43  267 267 HOH HOH A . 
B 2 HOH 44  270 270 HOH HOH A . 
B 2 HOH 45  271 271 HOH HOH A . 
B 2 HOH 46  272 272 HOH HOH A . 
B 2 HOH 47  273 273 HOH HOH A . 
B 2 HOH 48  274 274 HOH HOH A . 
B 2 HOH 49  275 275 HOH HOH A . 
B 2 HOH 50  301 301 HOH HOH A . 
B 2 HOH 51  303 303 HOH HOH A . 
B 2 HOH 52  304 304 HOH HOH A . 
B 2 HOH 53  305 305 HOH HOH A . 
B 2 HOH 54  307 307 HOH HOH A . 
B 2 HOH 55  308 308 HOH HOH A . 
B 2 HOH 56  309 309 HOH HOH A . 
B 2 HOH 57  310 310 HOH HOH A . 
B 2 HOH 58  311 311 HOH HOH A . 
B 2 HOH 59  312 312 HOH HOH A . 
B 2 HOH 60  313 313 HOH HOH A . 
B 2 HOH 61  315 315 HOH HOH A . 
B 2 HOH 62  316 316 HOH HOH A . 
B 2 HOH 63  317 317 HOH HOH A . 
B 2 HOH 64  318 318 HOH HOH A . 
B 2 HOH 65  319 319 HOH HOH A . 
B 2 HOH 66  320 320 HOH HOH A . 
B 2 HOH 67  352 352 HOH HOH A . 
B 2 HOH 68  353 353 HOH HOH A . 
B 2 HOH 69  354 354 HOH HOH A . 
B 2 HOH 70  355 355 HOH HOH A . 
B 2 HOH 71  358 358 HOH HOH A . 
B 2 HOH 72  360 360 HOH HOH A . 
B 2 HOH 73  361 361 HOH HOH A . 
B 2 HOH 74  362 362 HOH HOH A . 
B 2 HOH 75  363 363 HOH HOH A . 
B 2 HOH 76  364 364 HOH HOH A . 
B 2 HOH 77  366 366 HOH HOH A . 
B 2 HOH 78  370 370 HOH HOH A . 
B 2 HOH 79  372 372 HOH HOH A . 
B 2 HOH 80  373 373 HOH HOH A . 
B 2 HOH 81  374 374 HOH HOH A . 
B 2 HOH 82  376 376 HOH HOH A . 
B 2 HOH 83  377 377 HOH HOH A . 
B 2 HOH 84  378 378 HOH HOH A . 
B 2 HOH 85  379 379 HOH HOH A . 
B 2 HOH 86  384 384 HOH HOH A . 
B 2 HOH 87  387 387 HOH HOH A . 
B 2 HOH 88  389 389 HOH HOH A . 
B 2 HOH 89  390 390 HOH HOH A . 
B 2 HOH 90  391 391 HOH HOH A . 
B 2 HOH 91  392 392 HOH HOH A . 
B 2 HOH 92  394 394 HOH HOH A . 
B 2 HOH 93  399 399 HOH HOH A . 
B 2 HOH 94  400 400 HOH HOH A . 
B 2 HOH 95  401 401 HOH HOH A . 
B 2 HOH 96  402 402 HOH HOH A . 
B 2 HOH 97  403 403 HOH HOH A . 
B 2 HOH 98  405 405 HOH HOH A . 
B 2 HOH 99  408 408 HOH HOH A . 
B 2 HOH 100 409 409 HOH HOH A . 
B 2 HOH 101 410 410 HOH HOH A . 
B 2 HOH 102 411 411 HOH HOH A . 
B 2 HOH 103 415 415 HOH HOH A . 
B 2 HOH 104 417 417 HOH HOH A . 
B 2 HOH 105 419 419 HOH HOH A . 
B 2 HOH 106 420 420 HOH HOH A . 
B 2 HOH 107 421 421 HOH HOH A . 
B 2 HOH 108 422 422 HOH HOH A . 
B 2 HOH 109 423 423 HOH HOH A . 
B 2 HOH 110 427 427 HOH HOH A . 
B 2 HOH 111 433 433 HOH HOH A . 
B 2 HOH 112 435 435 HOH HOH A . 
B 2 HOH 113 437 437 HOH HOH A . 
B 2 HOH 114 438 438 HOH HOH A . 
B 2 HOH 115 440 440 HOH HOH A . 
B 2 HOH 116 441 441 HOH HOH A . 
B 2 HOH 117 442 442 HOH HOH A . 
B 2 HOH 118 443 443 HOH HOH A . 
B 2 HOH 119 452 452 HOH HOH A . 
B 2 HOH 120 453 453 HOH HOH A . 
B 2 HOH 121 455 455 HOH HOH A . 
B 2 HOH 122 457 457 HOH HOH A . 
B 2 HOH 123 458 458 HOH HOH A . 
B 2 HOH 124 462 462 HOH HOH A . 
B 2 HOH 125 463 463 HOH HOH A . 
B 2 HOH 126 467 467 HOH HOH A . 
B 2 HOH 127 469 469 HOH HOH A . 
B 2 HOH 128 471 471 HOH HOH A . 
B 2 HOH 129 473 473 HOH HOH A . 
B 2 HOH 130 484 484 HOH HOH A . 
B 2 HOH 131 500 500 HOH HOH A . 
B 2 HOH 132 501 501 HOH HOH A . 
B 2 HOH 133 506 506 HOH HOH A . 
B 2 HOH 134 510 510 HOH HOH A . 
B 2 HOH 135 511 511 HOH HOH A . 
B 2 HOH 136 514 514 HOH HOH A . 
B 2 HOH 137 516 516 HOH HOH A . 
B 2 HOH 138 517 517 HOH HOH A . 
B 2 HOH 139 520 520 HOH HOH A . 
B 2 HOH 140 521 521 HOH HOH A . 
B 2 HOH 141 551 551 HOH HOH A . 
B 2 HOH 142 555 555 HOH HOH A . 
B 2 HOH 143 556 556 HOH HOH A . 
B 2 HOH 144 557 557 HOH HOH A . 
B 2 HOH 145 559 559 HOH HOH A . 
B 2 HOH 146 567 567 HOH HOH A . 
B 2 HOH 147 571 571 HOH HOH A . 
B 2 HOH 148 572 572 HOH HOH A . 
B 2 HOH 149 573 573 HOH HOH A . 
B 2 HOH 150 578 578 HOH HOH A . 
B 2 HOH 151 579 579 HOH HOH A . 
B 2 HOH 152 581 581 HOH HOH A . 
B 2 HOH 153 583 583 HOH HOH A . 
B 2 HOH 154 600 600 HOH HOH A . 
B 2 HOH 155 601 601 HOH HOH A . 
B 2 HOH 156 602 602 HOH HOH A . 
B 2 HOH 157 603 603 HOH HOH A . 
B 2 HOH 158 604 604 HOH HOH A . 
B 2 HOH 159 605 605 HOH HOH A . 
B 2 HOH 160 606 606 HOH HOH A . 
B 2 HOH 161 607 607 HOH HOH A . 
B 2 HOH 162 608 608 HOH HOH A . 
B 2 HOH 163 612 612 HOH HOH A . 
B 2 HOH 164 615 615 HOH HOH A . 
# 
loop_
_pdbx_unobs_or_zero_occ_atoms.id 
_pdbx_unobs_or_zero_occ_atoms.PDB_model_num 
_pdbx_unobs_or_zero_occ_atoms.polymer_flag 
_pdbx_unobs_or_zero_occ_atoms.occupancy_flag 
_pdbx_unobs_or_zero_occ_atoms.auth_asym_id 
_pdbx_unobs_or_zero_occ_atoms.auth_comp_id 
_pdbx_unobs_or_zero_occ_atoms.auth_seq_id 
_pdbx_unobs_or_zero_occ_atoms.PDB_ins_code 
_pdbx_unobs_or_zero_occ_atoms.auth_atom_id 
_pdbx_unobs_or_zero_occ_atoms.label_alt_id 
_pdbx_unobs_or_zero_occ_atoms.label_asym_id 
_pdbx_unobs_or_zero_occ_atoms.label_comp_id 
_pdbx_unobs_or_zero_occ_atoms.label_seq_id 
_pdbx_unobs_or_zero_occ_atoms.label_atom_id 
1  1 Y 1 A GLU 27  ? CD  ? A GLU 27  CD  
2  1 Y 1 A GLU 27  ? OE1 ? A GLU 27  OE1 
3  1 Y 1 A GLU 27  ? OE2 ? A GLU 27  OE2 
4  1 Y 1 A GLN 57  ? CD  ? A GLN 57  CD  
5  1 Y 1 A GLN 57  ? OE1 ? A GLN 57  OE1 
6  1 Y 1 A GLN 57  ? NE2 ? A GLN 57  NE2 
7  1 Y 1 A ASP 61  ? CG  ? A ASP 61  CG  
8  1 Y 1 A ASP 61  ? OD1 ? A ASP 61  OD1 
9  1 Y 1 A ASP 61  ? OD2 ? A ASP 61  OD2 
10 1 Y 1 A GLU 119 ? CG  ? A GLU 119 CG  
11 1 Y 1 A GLU 119 ? CD  ? A GLU 119 CD  
12 1 Y 1 A GLU 119 ? OE1 ? A GLU 119 OE1 
13 1 Y 1 A GLU 119 ? OE2 ? A GLU 119 OE2 
# 
_software.name             X-PLOR 
_software.classification   refinement 
_software.version          . 
_software.citation_id      ? 
_software.pdbx_ordinal     1 
# 
_cell.entry_id           1NEU 
_cell.length_a           88.900 
_cell.length_b           88.900 
_cell.length_c           91.600 
_cell.angle_alpha        90.00 
_cell.angle_beta         90.00 
_cell.angle_gamma        90.00 
_cell.Z_PDB              16 
_cell.pdbx_unique_axis   ? 
# 
_symmetry.entry_id                         1NEU 
_symmetry.space_group_name_H-M             'I 4 2 2' 
_symmetry.pdbx_full_space_group_name_H-M   ? 
_symmetry.cell_setting                     ? 
_symmetry.Int_Tables_number                97 
# 
_exptl.entry_id          1NEU 
_exptl.method            'X-RAY DIFFRACTION' 
_exptl.crystals_number   ? 
# 
_exptl_crystal.id                    1 
_exptl_crystal.density_meas          ? 
_exptl_crystal.density_Matthews      3.19 
_exptl_crystal.density_percent_sol   61.49 
_exptl_crystal.description           
;PHASING WAS OBTAINED FROM A MULTI-WAVELENGTH ANOMALOUS DIFFRACTION (MAD) EXPERIMENT ON A PCMBS-DERIVATIZED CRYSTAL; THE MERCURY POSITION WAS POORLY OCCUPIED (~0.2), AND SO THE DERIVED PHASES WERE COMBINED WITH PHASES OBTAINED BY SIR/AS ON A MORE COMPLETELY DERIVATIZED CRYSTAL.
;
# 
_diffrn.id                     1 
_diffrn.ambient_temp           ? 
_diffrn.ambient_temp_details   ? 
_diffrn.crystal_id             1 
# 
_diffrn_radiation.diffrn_id                        1 
_diffrn_radiation.wavelength_id                    1 
_diffrn_radiation.pdbx_monochromatic_or_laue_m_l   ? 
_diffrn_radiation.monochromator                    ? 
_diffrn_radiation.pdbx_diffrn_protocol             ? 
_diffrn_radiation.pdbx_scattering_type             x-ray 
# 
_diffrn_radiation_wavelength.id           1 
_diffrn_radiation_wavelength.wavelength   . 
_diffrn_radiation_wavelength.wt           1.0 
# 
_refine.entry_id                                 1NEU 
_refine.ls_number_reflns_obs                     14237 
_refine.ls_number_reflns_all                     ? 
_refine.pdbx_ls_sigma_I                          ? 
_refine.pdbx_ls_sigma_F                          2.0 
_refine.pdbx_data_cutoff_high_absF               ? 
_refine.pdbx_data_cutoff_low_absF                ? 
_refine.pdbx_data_cutoff_high_rms_absF           ? 
_refine.ls_d_res_low                             8.0 
_refine.ls_d_res_high                            1.9 
_refine.ls_percent_reflns_obs                    97.7 
_refine.ls_R_factor_obs                          0.215 
_refine.ls_R_factor_all                          ? 
_refine.ls_R_factor_R_work                       0.215 
_refine.ls_R_factor_R_free                       0.268 
_refine.ls_R_factor_R_free_error                 ? 
_refine.ls_R_factor_R_free_error_details         ? 
_refine.ls_percent_reflns_R_free                 5. 
_refine.ls_number_reflns_R_free                  ? 
_refine.ls_number_parameters                     ? 
_refine.ls_number_restraints                     ? 
_refine.occupancy_min                            ? 
_refine.occupancy_max                            ? 
_refine.B_iso_mean                               23.5 
_refine.aniso_B[1][1]                            ? 
_refine.aniso_B[2][2]                            ? 
_refine.aniso_B[3][3]                            ? 
_refine.aniso_B[1][2]                            ? 
_refine.aniso_B[1][3]                            ? 
_refine.aniso_B[2][3]                            ? 
_refine.solvent_model_details                    ? 
_refine.solvent_model_param_ksol                 ? 
_refine.solvent_model_param_bsol                 ? 
_refine.pdbx_ls_cross_valid_method               ? 
_refine.details                                  ? 
_refine.pdbx_starting_model                      ? 
_refine.pdbx_method_to_determine_struct          'MAD, SIR/AS' 
_refine.pdbx_isotropic_thermal_model             ? 
_refine.pdbx_stereochemistry_target_values       ? 
_refine.pdbx_stereochem_target_val_spec_case     ? 
_refine.pdbx_R_Free_selection_details            ? 
_refine.pdbx_overall_ESU_R                       ? 
_refine.pdbx_overall_ESU_R_Free                  ? 
_refine.overall_SU_ML                            ? 
_refine.overall_SU_B                             ? 
_refine.pdbx_refine_id                           'X-RAY DIFFRACTION' 
_refine.pdbx_diffrn_id                           1 
_refine.pdbx_TLS_residual_ADP_flag               ? 
_refine.correlation_coeff_Fo_to_Fc               ? 
_refine.correlation_coeff_Fo_to_Fc_free          ? 
_refine.pdbx_solvent_vdw_probe_radii             ? 
_refine.pdbx_solvent_ion_probe_radii             ? 
_refine.pdbx_solvent_shrinkage_radii             ? 
_refine.pdbx_overall_phase_error                 ? 
_refine.overall_SU_R_Cruickshank_DPI             ? 
_refine.pdbx_overall_SU_R_free_Cruickshank_DPI   ? 
_refine.pdbx_overall_SU_R_Blow_DPI               ? 
_refine.pdbx_overall_SU_R_free_Blow_DPI          ? 
# 
_refine_hist.pdbx_refine_id                   'X-RAY DIFFRACTION' 
_refine_hist.cycle_id                         LAST 
_refine_hist.pdbx_number_atoms_protein        931 
_refine_hist.pdbx_number_atoms_nucleic_acid   0 
_refine_hist.pdbx_number_atoms_ligand         0 
_refine_hist.number_atoms_solvent             165 
_refine_hist.number_atoms_total               1096 
_refine_hist.d_res_high                       1.9 
_refine_hist.d_res_low                        8.0 
# 
loop_
_refine_ls_restr.type 
_refine_ls_restr.dev_ideal 
_refine_ls_restr.dev_ideal_target 
_refine_ls_restr.weight 
_refine_ls_restr.number 
_refine_ls_restr.pdbx_refine_id 
_refine_ls_restr.pdbx_restraint_function 
x_bond_d                0.014 ? ? ? 'X-RAY DIFFRACTION' ? 
x_bond_d_na             ?     ? ? ? 'X-RAY DIFFRACTION' ? 
x_bond_d_prot           ?     ? ? ? 'X-RAY DIFFRACTION' ? 
x_angle_d               ?     ? ? ? 'X-RAY DIFFRACTION' ? 
x_angle_d_na            ?     ? ? ? 'X-RAY DIFFRACTION' ? 
x_angle_d_prot          ?     ? ? ? 'X-RAY DIFFRACTION' ? 
x_angle_deg             1.541 ? ? ? 'X-RAY DIFFRACTION' ? 
x_angle_deg_na          ?     ? ? ? 'X-RAY DIFFRACTION' ? 
x_angle_deg_prot        ?     ? ? ? 'X-RAY DIFFRACTION' ? 
x_dihedral_angle_d      ?     ? ? ? 'X-RAY DIFFRACTION' ? 
x_dihedral_angle_d_na   ?     ? ? ? 'X-RAY DIFFRACTION' ? 
x_dihedral_angle_d_prot ?     ? ? ? 'X-RAY DIFFRACTION' ? 
x_improper_angle_d      ?     ? ? ? 'X-RAY DIFFRACTION' ? 
x_improper_angle_d_na   ?     ? ? ? 'X-RAY DIFFRACTION' ? 
x_improper_angle_d_prot ?     ? ? ? 'X-RAY DIFFRACTION' ? 
x_mcbond_it             ?     ? ? ? 'X-RAY DIFFRACTION' ? 
x_mcangle_it            ?     ? ? ? 'X-RAY DIFFRACTION' ? 
x_scbond_it             ?     ? ? ? 'X-RAY DIFFRACTION' ? 
x_scangle_it            ?     ? ? ? 'X-RAY DIFFRACTION' ? 
# 
_struct.entry_id                  1NEU 
_struct.title                     'STRUCTURE OF MYELIN MEMBRANE ADHESION MOLECULE P0' 
_struct.pdbx_model_details        ? 
_struct.pdbx_CASP_flag            ? 
_struct.pdbx_model_type_details   ? 
# 
_struct_keywords.entry_id        1NEU 
_struct_keywords.pdbx_keywords   'STRUCTURAL PROTEIN' 
_struct_keywords.text            
'MYELIN, STRUCTURAL PROTEIN, GLYCOPROTEIN, TRANSMEMBRANE, PHOSPHORYLATION, IMMUNOGLOBULIN FOLD, MYELIN MEMBRANE ADHESION MOLECULE' 
# 
loop_
_struct_asym.id 
_struct_asym.pdbx_blank_PDB_chainid_flag 
_struct_asym.pdbx_modified 
_struct_asym.entity_id 
_struct_asym.details 
A N N 1 ? 
B N N 2 ? 
# 
_struct_ref.id                         1 
_struct_ref.db_name                    UNP 
_struct_ref.db_code                    MYP0_RAT 
_struct_ref.entity_id                  1 
_struct_ref.pdbx_db_accession          P06907 
_struct_ref.pdbx_align_begin           1 
_struct_ref.pdbx_seq_one_letter_code   
;MAPGAPSSSPSPILAALLFSSLVLSPTLAIVVYTDREVYGAVGSQVTLHCSFWSSEWVSDDISFTWRYQPEGGRDAISIF
HYAKGQPYIDEVGTFKERIQWVGDPSWKDGSIVIHNLDYSDNGTFTCDVKNPPDIVGKTSQVTLYVFEKVPTRYGVVLGA
VIGGILGVVLLLLLLFYLIRYCWLRRQAALQRRLSAMEKGKFHKSSKDSSKRGRQTPVLYAMLDHSRSTKAASEKKSKGL
GESRKDKK
;
_struct_ref.pdbx_db_isoform            ? 
# 
_struct_ref_seq.align_id                      1 
_struct_ref_seq.ref_id                        1 
_struct_ref_seq.pdbx_PDB_id_code              1NEU 
_struct_ref_seq.pdbx_strand_id                A 
_struct_ref_seq.seq_align_beg                 1 
_struct_ref_seq.pdbx_seq_align_beg_ins_code   ? 
_struct_ref_seq.seq_align_end                 124 
_struct_ref_seq.pdbx_seq_align_end_ins_code   ? 
_struct_ref_seq.pdbx_db_accession             P06907 
_struct_ref_seq.db_align_beg                  30 
_struct_ref_seq.pdbx_db_align_beg_ins_code    ? 
_struct_ref_seq.db_align_end                  153 
_struct_ref_seq.pdbx_db_align_end_ins_code    ? 
_struct_ref_seq.pdbx_auth_seq_align_beg       1 
_struct_ref_seq.pdbx_auth_seq_align_end       124 
# 
_pdbx_struct_assembly.id                   1 
_pdbx_struct_assembly.details              author_defined_assembly 
_pdbx_struct_assembly.method_details       ? 
_pdbx_struct_assembly.oligomeric_details   dimeric 
_pdbx_struct_assembly.oligomeric_count     2 
# 
_pdbx_struct_assembly_gen.assembly_id       1 
_pdbx_struct_assembly_gen.oper_expression   1,2 
_pdbx_struct_assembly_gen.asym_id_list      A,B 
# 
loop_
_pdbx_struct_oper_list.id 
_pdbx_struct_oper_list.type 
_pdbx_struct_oper_list.name 
_pdbx_struct_oper_list.symmetry_operation 
_pdbx_struct_oper_list.matrix[1][1] 
_pdbx_struct_oper_list.matrix[1][2] 
_pdbx_struct_oper_list.matrix[1][3] 
_pdbx_struct_oper_list.vector[1] 
_pdbx_struct_oper_list.matrix[2][1] 
_pdbx_struct_oper_list.matrix[2][2] 
_pdbx_struct_oper_list.matrix[2][3] 
_pdbx_struct_oper_list.vector[2] 
_pdbx_struct_oper_list.matrix[3][1] 
_pdbx_struct_oper_list.matrix[3][2] 
_pdbx_struct_oper_list.matrix[3][3] 
_pdbx_struct_oper_list.vector[3] 
1 'identity operation'         1_555  x,y,z              1.0000000000  0.0000000000  0.0000000000 0.0000000000  0.0000000000  1.0000000000  0.0000000000  0.0000000000  0.0000000000 0.0000000000  1.0000000000  0.0000000000   
2 'crystal symmetry operation' 15_545 y+1/2,x-1/2,-z+1/2 -0.3901048882 -0.5078492906 0.7680542130 14.6116147603 -0.5078492906 -0.5771225297 -0.6395456854 -9.7999992532 0.7680542130 -0.6395456854 -0.0327725821 -18.0826754813 
# 
_struct_biol.id   1 
# 
loop_
_struct_conf.conf_type_id 
_struct_conf.id 
_struct_conf.pdbx_PDB_helix_id 
_struct_conf.beg_label_comp_id 
_struct_conf.beg_label_asym_id 
_struct_conf.beg_label_seq_id 
_struct_conf.pdbx_beg_PDB_ins_code 
_struct_conf.end_label_comp_id 
_struct_conf.end_label_asym_id 
_struct_conf.end_label_seq_id 
_struct_conf.pdbx_end_PDB_ins_code 
_struct_conf.beg_auth_comp_id 
_struct_conf.beg_auth_asym_id 
_struct_conf.beg_auth_seq_id 
_struct_conf.end_auth_comp_id 
_struct_conf.end_auth_asym_id 
_struct_conf.end_auth_seq_id 
_struct_conf.pdbx_PDB_helix_class 
_struct_conf.details 
_struct_conf.pdbx_PDB_helix_length 
HELX_P HELX_P1 1 PRO A 76 ? TRP A 78 ? PRO A 76 TRP A 78 5 ? 3 
HELX_P HELX_P2 2 TYR A 90 ? ASP A 92 ? TYR A 90 ASP A 92 5 ? 3 
# 
_struct_conf_type.id          HELX_P 
_struct_conf_type.criteria    ? 
_struct_conf_type.reference   ? 
# 
_struct_conn.id                            disulf1 
_struct_conn.conn_type_id                  disulf 
_struct_conn.pdbx_leaving_atom_flag        ? 
_struct_conn.pdbx_PDB_id                   ? 
_struct_conn.ptnr1_label_asym_id           A 
_struct_conn.ptnr1_label_comp_id           CYS 
_struct_conn.ptnr1_label_seq_id            21 
_struct_conn.ptnr1_label_atom_id           SG 
_struct_conn.pdbx_ptnr1_label_alt_id       ? 
_struct_conn.pdbx_ptnr1_PDB_ins_code       ? 
_struct_conn.pdbx_ptnr1_standard_comp_id   ? 
_struct_conn.ptnr1_symmetry                1_555 
_struct_conn.ptnr2_label_asym_id           A 
_struct_conn.ptnr2_label_comp_id           CYS 
_struct_conn.ptnr2_label_seq_id            98 
_struct_conn.ptnr2_label_atom_id           SG 
_struct_conn.pdbx_ptnr2_label_alt_id       ? 
_struct_conn.pdbx_ptnr2_PDB_ins_code       ? 
_struct_conn.ptnr1_auth_asym_id            A 
_struct_conn.ptnr1_auth_comp_id            CYS 
_struct_conn.ptnr1_auth_seq_id             21 
_struct_conn.ptnr2_auth_asym_id            A 
_struct_conn.ptnr2_auth_comp_id            CYS 
_struct_conn.ptnr2_auth_seq_id             98 
_struct_conn.ptnr2_symmetry                1_555 
_struct_conn.pdbx_ptnr3_label_atom_id      ? 
_struct_conn.pdbx_ptnr3_label_seq_id       ? 
_struct_conn.pdbx_ptnr3_label_comp_id      ? 
_struct_conn.pdbx_ptnr3_label_asym_id      ? 
_struct_conn.pdbx_ptnr3_label_alt_id       ? 
_struct_conn.pdbx_ptnr3_PDB_ins_code       ? 
_struct_conn.details                       ? 
_struct_conn.pdbx_dist_value               2.179 
_struct_conn.pdbx_value_order              ? 
_struct_conn.pdbx_role                     ? 
# 
_struct_conn_type.id          disulf 
_struct_conn_type.criteria    ? 
_struct_conn_type.reference   ? 
# 
_pdbx_modification_feature.ordinal                            1 
_pdbx_modification_feature.label_comp_id                      CYS 
_pdbx_modification_feature.label_asym_id                      A 
_pdbx_modification_feature.label_seq_id                       21 
_pdbx_modification_feature.label_alt_id                       ? 
_pdbx_modification_feature.modified_residue_label_comp_id     CYS 
_pdbx_modification_feature.modified_residue_label_asym_id     A 
_pdbx_modification_feature.modified_residue_label_seq_id      98 
_pdbx_modification_feature.modified_residue_label_alt_id      ? 
_pdbx_modification_feature.auth_comp_id                       CYS 
_pdbx_modification_feature.auth_asym_id                       A 
_pdbx_modification_feature.auth_seq_id                        21 
_pdbx_modification_feature.PDB_ins_code                       ? 
_pdbx_modification_feature.symmetry                           1_555 
_pdbx_modification_feature.modified_residue_auth_comp_id      CYS 
_pdbx_modification_feature.modified_residue_auth_asym_id      A 
_pdbx_modification_feature.modified_residue_auth_seq_id       98 
_pdbx_modification_feature.modified_residue_PDB_ins_code      ? 
_pdbx_modification_feature.modified_residue_symmetry          1_555 
_pdbx_modification_feature.comp_id_linking_atom               SG 
_pdbx_modification_feature.modified_residue_id_linking_atom   SG 
_pdbx_modification_feature.modified_residue_id                . 
_pdbx_modification_feature.ref_pcm_id                         . 
_pdbx_modification_feature.ref_comp_id                        . 
_pdbx_modification_feature.type                               None 
_pdbx_modification_feature.category                           'Disulfide bridge' 
# 
loop_
_struct_sheet.id 
_struct_sheet.type 
_struct_sheet.number_strands 
_struct_sheet.details 
A ? 2 ? 
B ? 6 ? 
C ? 3 ? 
# 
loop_
_struct_sheet_order.sheet_id 
_struct_sheet_order.range_id_1 
_struct_sheet_order.range_id_2 
_struct_sheet_order.offset 
_struct_sheet_order.sense 
A 1 2 ? anti-parallel 
B 1 2 ? parallel      
B 2 3 ? anti-parallel 
B 3 4 ? anti-parallel 
B 4 5 ? anti-parallel 
B 5 6 ? anti-parallel 
C 1 2 ? anti-parallel 
C 2 3 ? anti-parallel 
# 
loop_
_struct_sheet_range.sheet_id 
_struct_sheet_range.id 
_struct_sheet_range.beg_label_comp_id 
_struct_sheet_range.beg_label_asym_id 
_struct_sheet_range.beg_label_seq_id 
_struct_sheet_range.pdbx_beg_PDB_ins_code 
_struct_sheet_range.end_label_comp_id 
_struct_sheet_range.end_label_asym_id 
_struct_sheet_range.end_label_seq_id 
_struct_sheet_range.pdbx_end_PDB_ins_code 
_struct_sheet_range.beg_auth_comp_id 
_struct_sheet_range.beg_auth_asym_id 
_struct_sheet_range.beg_auth_seq_id 
_struct_sheet_range.end_auth_comp_id 
_struct_sheet_range.end_auth_asym_id 
_struct_sheet_range.end_auth_seq_id 
A 1 VAL A 2   ? TYR A 4   ? VAL A 2   TYR A 4   
A 2 SER A 22  ? TRP A 24  ? SER A 22  TRP A 24  
B 1 GLU A 8   ? ALA A 12  ? GLU A 8   ALA A 12  
B 2 LYS A 109 ? PHE A 118 ? LYS A 109 PHE A 118 
B 3 GLY A 94  ? LYS A 101 ? GLY A 94  LYS A 101 
B 4 SER A 34  ? PRO A 41  ? SER A 34  PRO A 41  
B 5 ILE A 48  ? ALA A 54  ? ILE A 48  ALA A 54  
B 6 GLN A 57  ? ILE A 60  ? GLN A 57  ILE A 60  
C 1 VAL A 17  ? LEU A 19  ? VAL A 17  LEU A 19  
C 2 ILE A 83  ? ILE A 85  ? ILE A 83  ILE A 85  
C 3 ILE A 70  ? TRP A 72  ? ILE A 70  TRP A 72  
# 
loop_
_pdbx_struct_sheet_hbond.sheet_id 
_pdbx_struct_sheet_hbond.range_id_1 
_pdbx_struct_sheet_hbond.range_id_2 
_pdbx_struct_sheet_hbond.range_1_label_atom_id 
_pdbx_struct_sheet_hbond.range_1_label_comp_id 
_pdbx_struct_sheet_hbond.range_1_label_asym_id 
_pdbx_struct_sheet_hbond.range_1_label_seq_id 
_pdbx_struct_sheet_hbond.range_1_PDB_ins_code 
_pdbx_struct_sheet_hbond.range_1_auth_atom_id 
_pdbx_struct_sheet_hbond.range_1_auth_comp_id 
_pdbx_struct_sheet_hbond.range_1_auth_asym_id 
_pdbx_struct_sheet_hbond.range_1_auth_seq_id 
_pdbx_struct_sheet_hbond.range_2_label_atom_id 
_pdbx_struct_sheet_hbond.range_2_label_comp_id 
_pdbx_struct_sheet_hbond.range_2_label_asym_id 
_pdbx_struct_sheet_hbond.range_2_label_seq_id 
_pdbx_struct_sheet_hbond.range_2_PDB_ins_code 
_pdbx_struct_sheet_hbond.range_2_auth_atom_id 
_pdbx_struct_sheet_hbond.range_2_auth_comp_id 
_pdbx_struct_sheet_hbond.range_2_auth_asym_id 
_pdbx_struct_sheet_hbond.range_2_auth_seq_id 
A 1 2 O VAL A 2   ? O VAL A 2   N TRP A 24  ? N TRP A 24  
B 1 2 O VAL A 9   ? O VAL A 9   N THR A 114 ? N THR A 114 
B 2 3 O LYS A 109 ? O LYS A 109 N VAL A 100 ? N VAL A 100 
B 3 4 O THR A 95  ? O THR A 95  N GLN A 40  ? N GLN A 40  
B 4 5 O PHE A 35  ? O PHE A 35  N TYR A 53  ? N TYR A 53  
B 5 6 O HIS A 52  ? O HIS A 52  N TYR A 59  ? N TYR A 59  
C 1 2 O VAL A 17  ? O VAL A 17  N ILE A 85  ? N ILE A 85  
C 2 3 O VAL A 84  ? O VAL A 84  N GLN A 71  ? N GLN A 71  
# 
_pdbx_entry_details.entry_id                   1NEU 
_pdbx_entry_details.compound_details           ? 
_pdbx_entry_details.source_details             ? 
_pdbx_entry_details.nonpolymer_details         ? 
_pdbx_entry_details.sequence_details           ? 
_pdbx_entry_details.has_ligand_of_interest     ? 
_pdbx_entry_details.has_protein_modification   Y 
# 
_pdbx_validate_torsion.id              1 
_pdbx_validate_torsion.PDB_model_num   1 
_pdbx_validate_torsion.auth_comp_id    PHE 
_pdbx_validate_torsion.auth_asym_id    A 
_pdbx_validate_torsion.auth_seq_id     118 
_pdbx_validate_torsion.PDB_ins_code    ? 
_pdbx_validate_torsion.label_alt_id    ? 
_pdbx_validate_torsion.phi             -120.70 
_pdbx_validate_torsion.psi             -158.43 
# 
loop_
_pdbx_unobs_or_zero_occ_residues.id 
_pdbx_unobs_or_zero_occ_residues.PDB_model_num 
_pdbx_unobs_or_zero_occ_residues.polymer_flag 
_pdbx_unobs_or_zero_occ_residues.occupancy_flag 
_pdbx_unobs_or_zero_occ_residues.auth_asym_id 
_pdbx_unobs_or_zero_occ_residues.auth_comp_id 
_pdbx_unobs_or_zero_occ_residues.auth_seq_id 
_pdbx_unobs_or_zero_occ_residues.PDB_ins_code 
_pdbx_unobs_or_zero_occ_residues.label_asym_id 
_pdbx_unobs_or_zero_occ_residues.label_comp_id 
_pdbx_unobs_or_zero_occ_residues.label_seq_id 
1 1 Y 1 A PRO 103 ? A PRO 103 
2 1 Y 1 A PRO 104 ? A PRO 104 
3 1 Y 1 A ASP 105 ? A ASP 105 
4 1 Y 1 A ILE 106 ? A ILE 106 
5 1 Y 1 A LYS 120 ? A LYS 120 
6 1 Y 1 A VAL 121 ? A VAL 121 
7 1 Y 1 A PRO 122 ? A PRO 122 
8 1 Y 1 A THR 123 ? A THR 123 
9 1 Y 1 A ARG 124 ? A ARG 124 
# 
loop_
_chem_comp_atom.comp_id 
_chem_comp_atom.atom_id 
_chem_comp_atom.type_symbol 
_chem_comp_atom.pdbx_aromatic_flag 
_chem_comp_atom.pdbx_stereo_config 
_chem_comp_atom.pdbx_ordinal 
ALA N    N N N 1   
ALA CA   C N S 2   
ALA C    C N N 3   
ALA O    O N N 4   
ALA CB   C N N 5   
ALA OXT  O N N 6   
ALA H    H N N 7   
ALA H2   H N N 8   
ALA HA   H N N 9   
ALA HB1  H N N 10  
ALA HB2  H N N 11  
ALA HB3  H N N 12  
ALA HXT  H N N 13  
ARG N    N N N 14  
ARG CA   C N S 15  
ARG C    C N N 16  
ARG O    O N N 17  
ARG CB   C N N 18  
ARG CG   C N N 19  
ARG CD   C N N 20  
ARG NE   N N N 21  
ARG CZ   C N N 22  
ARG NH1  N N N 23  
ARG NH2  N N N 24  
ARG OXT  O N N 25  
ARG H    H N N 26  
ARG H2   H N N 27  
ARG HA   H N N 28  
ARG HB2  H N N 29  
ARG HB3  H N N 30  
ARG HG2  H N N 31  
ARG HG3  H N N 32  
ARG HD2  H N N 33  
ARG HD3  H N N 34  
ARG HE   H N N 35  
ARG HH11 H N N 36  
ARG HH12 H N N 37  
ARG HH21 H N N 38  
ARG HH22 H N N 39  
ARG HXT  H N N 40  
ASN N    N N N 41  
ASN CA   C N S 42  
ASN C    C N N 43  
ASN O    O N N 44  
ASN CB   C N N 45  
ASN CG   C N N 46  
ASN OD1  O N N 47  
ASN ND2  N N N 48  
ASN OXT  O N N 49  
ASN H    H N N 50  
ASN H2   H N N 51  
ASN HA   H N N 52  
ASN HB2  H N N 53  
ASN HB3  H N N 54  
ASN HD21 H N N 55  
ASN HD22 H N N 56  
ASN HXT  H N N 57  
ASP N    N N N 58  
ASP CA   C N S 59  
ASP C    C N N 60  
ASP O    O N N 61  
ASP CB   C N N 62  
ASP CG   C N N 63  
ASP OD1  O N N 64  
ASP OD2  O N N 65  
ASP OXT  O N N 66  
ASP H    H N N 67  
ASP H2   H N N 68  
ASP HA   H N N 69  
ASP HB2  H N N 70  
ASP HB3  H N N 71  
ASP HD2  H N N 72  
ASP HXT  H N N 73  
CYS N    N N N 74  
CYS CA   C N R 75  
CYS C    C N N 76  
CYS O    O N N 77  
CYS CB   C N N 78  
CYS SG   S N N 79  
CYS OXT  O N N 80  
CYS H    H N N 81  
CYS H2   H N N 82  
CYS HA   H N N 83  
CYS HB2  H N N 84  
CYS HB3  H N N 85  
CYS HG   H N N 86  
CYS HXT  H N N 87  
GLN N    N N N 88  
GLN CA   C N S 89  
GLN C    C N N 90  
GLN O    O N N 91  
GLN CB   C N N 92  
GLN CG   C N N 93  
GLN CD   C N N 94  
GLN OE1  O N N 95  
GLN NE2  N N N 96  
GLN OXT  O N N 97  
GLN H    H N N 98  
GLN H2   H N N 99  
GLN HA   H N N 100 
GLN HB2  H N N 101 
GLN HB3  H N N 102 
GLN HG2  H N N 103 
GLN HG3  H N N 104 
GLN HE21 H N N 105 
GLN HE22 H N N 106 
GLN HXT  H N N 107 
GLU N    N N N 108 
GLU CA   C N S 109 
GLU C    C N N 110 
GLU O    O N N 111 
GLU CB   C N N 112 
GLU CG   C N N 113 
GLU CD   C N N 114 
GLU OE1  O N N 115 
GLU OE2  O N N 116 
GLU OXT  O N N 117 
GLU H    H N N 118 
GLU H2   H N N 119 
GLU HA   H N N 120 
GLU HB2  H N N 121 
GLU HB3  H N N 122 
GLU HG2  H N N 123 
GLU HG3  H N N 124 
GLU HE2  H N N 125 
GLU HXT  H N N 126 
GLY N    N N N 127 
GLY CA   C N N 128 
GLY C    C N N 129 
GLY O    O N N 130 
GLY OXT  O N N 131 
GLY H    H N N 132 
GLY H2   H N N 133 
GLY HA2  H N N 134 
GLY HA3  H N N 135 
GLY HXT  H N N 136 
HIS N    N N N 137 
HIS CA   C N S 138 
HIS C    C N N 139 
HIS O    O N N 140 
HIS CB   C N N 141 
HIS CG   C Y N 142 
HIS ND1  N Y N 143 
HIS CD2  C Y N 144 
HIS CE1  C Y N 145 
HIS NE2  N Y N 146 
HIS OXT  O N N 147 
HIS H    H N N 148 
HIS H2   H N N 149 
HIS HA   H N N 150 
HIS HB2  H N N 151 
HIS HB3  H N N 152 
HIS HD1  H N N 153 
HIS HD2  H N N 154 
HIS HE1  H N N 155 
HIS HE2  H N N 156 
HIS HXT  H N N 157 
HOH O    O N N 158 
HOH H1   H N N 159 
HOH H2   H N N 160 
ILE N    N N N 161 
ILE CA   C N S 162 
ILE C    C N N 163 
ILE O    O N N 164 
ILE CB   C N S 165 
ILE CG1  C N N 166 
ILE CG2  C N N 167 
ILE CD1  C N N 168 
ILE OXT  O N N 169 
ILE H    H N N 170 
ILE H2   H N N 171 
ILE HA   H N N 172 
ILE HB   H N N 173 
ILE HG12 H N N 174 
ILE HG13 H N N 175 
ILE HG21 H N N 176 
ILE HG22 H N N 177 
ILE HG23 H N N 178 
ILE HD11 H N N 179 
ILE HD12 H N N 180 
ILE HD13 H N N 181 
ILE HXT  H N N 182 
LEU N    N N N 183 
LEU CA   C N S 184 
LEU C    C N N 185 
LEU O    O N N 186 
LEU CB   C N N 187 
LEU CG   C N N 188 
LEU CD1  C N N 189 
LEU CD2  C N N 190 
LEU OXT  O N N 191 
LEU H    H N N 192 
LEU H2   H N N 193 
LEU HA   H N N 194 
LEU HB2  H N N 195 
LEU HB3  H N N 196 
LEU HG   H N N 197 
LEU HD11 H N N 198 
LEU HD12 H N N 199 
LEU HD13 H N N 200 
LEU HD21 H N N 201 
LEU HD22 H N N 202 
LEU HD23 H N N 203 
LEU HXT  H N N 204 
LYS N    N N N 205 
LYS CA   C N S 206 
LYS C    C N N 207 
LYS O    O N N 208 
LYS CB   C N N 209 
LYS CG   C N N 210 
LYS CD   C N N 211 
LYS CE   C N N 212 
LYS NZ   N N N 213 
LYS OXT  O N N 214 
LYS H    H N N 215 
LYS H2   H N N 216 
LYS HA   H N N 217 
LYS HB2  H N N 218 
LYS HB3  H N N 219 
LYS HG2  H N N 220 
LYS HG3  H N N 221 
LYS HD2  H N N 222 
LYS HD3  H N N 223 
LYS HE2  H N N 224 
LYS HE3  H N N 225 
LYS HZ1  H N N 226 
LYS HZ2  H N N 227 
LYS HZ3  H N N 228 
LYS HXT  H N N 229 
PHE N    N N N 230 
PHE CA   C N S 231 
PHE C    C N N 232 
PHE O    O N N 233 
PHE CB   C N N 234 
PHE CG   C Y N 235 
PHE CD1  C Y N 236 
PHE CD2  C Y N 237 
PHE CE1  C Y N 238 
PHE CE2  C Y N 239 
PHE CZ   C Y N 240 
PHE OXT  O N N 241 
PHE H    H N N 242 
PHE H2   H N N 243 
PHE HA   H N N 244 
PHE HB2  H N N 245 
PHE HB3  H N N 246 
PHE HD1  H N N 247 
PHE HD2  H N N 248 
PHE HE1  H N N 249 
PHE HE2  H N N 250 
PHE HZ   H N N 251 
PHE HXT  H N N 252 
PRO N    N N N 253 
PRO CA   C N S 254 
PRO C    C N N 255 
PRO O    O N N 256 
PRO CB   C N N 257 
PRO CG   C N N 258 
PRO CD   C N N 259 
PRO OXT  O N N 260 
PRO H    H N N 261 
PRO HA   H N N 262 
PRO HB2  H N N 263 
PRO HB3  H N N 264 
PRO HG2  H N N 265 
PRO HG3  H N N 266 
PRO HD2  H N N 267 
PRO HD3  H N N 268 
PRO HXT  H N N 269 
SER N    N N N 270 
SER CA   C N S 271 
SER C    C N N 272 
SER O    O N N 273 
SER CB   C N N 274 
SER OG   O N N 275 
SER OXT  O N N 276 
SER H    H N N 277 
SER H2   H N N 278 
SER HA   H N N 279 
SER HB2  H N N 280 
SER HB3  H N N 281 
SER HG   H N N 282 
SER HXT  H N N 283 
THR N    N N N 284 
THR CA   C N S 285 
THR C    C N N 286 
THR O    O N N 287 
THR CB   C N R 288 
THR OG1  O N N 289 
THR CG2  C N N 290 
THR OXT  O N N 291 
THR H    H N N 292 
THR H2   H N N 293 
THR HA   H N N 294 
THR HB   H N N 295 
THR HG1  H N N 296 
THR HG21 H N N 297 
THR HG22 H N N 298 
THR HG23 H N N 299 
THR HXT  H N N 300 
TRP N    N N N 301 
TRP CA   C N S 302 
TRP C    C N N 303 
TRP O    O N N 304 
TRP CB   C N N 305 
TRP CG   C Y N 306 
TRP CD1  C Y N 307 
TRP CD2  C Y N 308 
TRP NE1  N Y N 309 
TRP CE2  C Y N 310 
TRP CE3  C Y N 311 
TRP CZ2  C Y N 312 
TRP CZ3  C Y N 313 
TRP CH2  C Y N 314 
TRP OXT  O N N 315 
TRP H    H N N 316 
TRP H2   H N N 317 
TRP HA   H N N 318 
TRP HB2  H N N 319 
TRP HB3  H N N 320 
TRP HD1  H N N 321 
TRP HE1  H N N 322 
TRP HE3  H N N 323 
TRP HZ2  H N N 324 
TRP HZ3  H N N 325 
TRP HH2  H N N 326 
TRP HXT  H N N 327 
TYR N    N N N 328 
TYR CA   C N S 329 
TYR C    C N N 330 
TYR O    O N N 331 
TYR CB   C N N 332 
TYR CG   C Y N 333 
TYR CD1  C Y N 334 
TYR CD2  C Y N 335 
TYR CE1  C Y N 336 
TYR CE2  C Y N 337 
TYR CZ   C Y N 338 
TYR OH   O N N 339 
TYR OXT  O N N 340 
TYR H    H N N 341 
TYR H2   H N N 342 
TYR HA   H N N 343 
TYR HB2  H N N 344 
TYR HB3  H N N 345 
TYR HD1  H N N 346 
TYR HD2  H N N 347 
TYR HE1  H N N 348 
TYR HE2  H N N 349 
TYR HH   H N N 350 
TYR HXT  H N N 351 
VAL N    N N N 352 
VAL CA   C N S 353 
VAL C    C N N 354 
VAL O    O N N 355 
VAL CB   C N N 356 
VAL CG1  C N N 357 
VAL CG2  C N N 358 
VAL OXT  O N N 359 
VAL H    H N N 360 
VAL H2   H N N 361 
VAL HA   H N N 362 
VAL HB   H N N 363 
VAL HG11 H N N 364 
VAL HG12 H N N 365 
VAL HG13 H N N 366 
VAL HG21 H N N 367 
VAL HG22 H N N 368 
VAL HG23 H N N 369 
VAL HXT  H N N 370 
# 
loop_
_chem_comp_bond.comp_id 
_chem_comp_bond.atom_id_1 
_chem_comp_bond.atom_id_2 
_chem_comp_bond.value_order 
_chem_comp_bond.pdbx_aromatic_flag 
_chem_comp_bond.pdbx_stereo_config 
_chem_comp_bond.pdbx_ordinal 
ALA N   CA   sing N N 1   
ALA N   H    sing N N 2   
ALA N   H2   sing N N 3   
ALA CA  C    sing N N 4   
ALA CA  CB   sing N N 5   
ALA CA  HA   sing N N 6   
ALA C   O    doub N N 7   
ALA C   OXT  sing N N 8   
ALA CB  HB1  sing N N 9   
ALA CB  HB2  sing N N 10  
ALA CB  HB3  sing N N 11  
ALA OXT HXT  sing N N 12  
ARG N   CA   sing N N 13  
ARG N   H    sing N N 14  
ARG N   H2   sing N N 15  
ARG CA  C    sing N N 16  
ARG CA  CB   sing N N 17  
ARG CA  HA   sing N N 18  
ARG C   O    doub N N 19  
ARG C   OXT  sing N N 20  
ARG CB  CG   sing N N 21  
ARG CB  HB2  sing N N 22  
ARG CB  HB3  sing N N 23  
ARG CG  CD   sing N N 24  
ARG CG  HG2  sing N N 25  
ARG CG  HG3  sing N N 26  
ARG CD  NE   sing N N 27  
ARG CD  HD2  sing N N 28  
ARG CD  HD3  sing N N 29  
ARG NE  CZ   sing N N 30  
ARG NE  HE   sing N N 31  
ARG CZ  NH1  sing N N 32  
ARG CZ  NH2  doub N N 33  
ARG NH1 HH11 sing N N 34  
ARG NH1 HH12 sing N N 35  
ARG NH2 HH21 sing N N 36  
ARG NH2 HH22 sing N N 37  
ARG OXT HXT  sing N N 38  
ASN N   CA   sing N N 39  
ASN N   H    sing N N 40  
ASN N   H2   sing N N 41  
ASN CA  C    sing N N 42  
ASN CA  CB   sing N N 43  
ASN CA  HA   sing N N 44  
ASN C   O    doub N N 45  
ASN C   OXT  sing N N 46  
ASN CB  CG   sing N N 47  
ASN CB  HB2  sing N N 48  
ASN CB  HB3  sing N N 49  
ASN CG  OD1  doub N N 50  
ASN CG  ND2  sing N N 51  
ASN ND2 HD21 sing N N 52  
ASN ND2 HD22 sing N N 53  
ASN OXT HXT  sing N N 54  
ASP N   CA   sing N N 55  
ASP N   H    sing N N 56  
ASP N   H2   sing N N 57  
ASP CA  C    sing N N 58  
ASP CA  CB   sing N N 59  
ASP CA  HA   sing N N 60  
ASP C   O    doub N N 61  
ASP C   OXT  sing N N 62  
ASP CB  CG   sing N N 63  
ASP CB  HB2  sing N N 64  
ASP CB  HB3  sing N N 65  
ASP CG  OD1  doub N N 66  
ASP CG  OD2  sing N N 67  
ASP OD2 HD2  sing N N 68  
ASP OXT HXT  sing N N 69  
CYS N   CA   sing N N 70  
CYS N   H    sing N N 71  
CYS N   H2   sing N N 72  
CYS CA  C    sing N N 73  
CYS CA  CB   sing N N 74  
CYS CA  HA   sing N N 75  
CYS C   O    doub N N 76  
CYS C   OXT  sing N N 77  
CYS CB  SG   sing N N 78  
CYS CB  HB2  sing N N 79  
CYS CB  HB3  sing N N 80  
CYS SG  HG   sing N N 81  
CYS OXT HXT  sing N N 82  
GLN N   CA   sing N N 83  
GLN N   H    sing N N 84  
GLN N   H2   sing N N 85  
GLN CA  C    sing N N 86  
GLN CA  CB   sing N N 87  
GLN CA  HA   sing N N 88  
GLN C   O    doub N N 89  
GLN C   OXT  sing N N 90  
GLN CB  CG   sing N N 91  
GLN CB  HB2  sing N N 92  
GLN CB  HB3  sing N N 93  
GLN CG  CD   sing N N 94  
GLN CG  HG2  sing N N 95  
GLN CG  HG3  sing N N 96  
GLN CD  OE1  doub N N 97  
GLN CD  NE2  sing N N 98  
GLN NE2 HE21 sing N N 99  
GLN NE2 HE22 sing N N 100 
GLN OXT HXT  sing N N 101 
GLU N   CA   sing N N 102 
GLU N   H    sing N N 103 
GLU N   H2   sing N N 104 
GLU CA  C    sing N N 105 
GLU CA  CB   sing N N 106 
GLU CA  HA   sing N N 107 
GLU C   O    doub N N 108 
GLU C   OXT  sing N N 109 
GLU CB  CG   sing N N 110 
GLU CB  HB2  sing N N 111 
GLU CB  HB3  sing N N 112 
GLU CG  CD   sing N N 113 
GLU CG  HG2  sing N N 114 
GLU CG  HG3  sing N N 115 
GLU CD  OE1  doub N N 116 
GLU CD  OE2  sing N N 117 
GLU OE2 HE2  sing N N 118 
GLU OXT HXT  sing N N 119 
GLY N   CA   sing N N 120 
GLY N   H    sing N N 121 
GLY N   H2   sing N N 122 
GLY CA  C    sing N N 123 
GLY CA  HA2  sing N N 124 
GLY CA  HA3  sing N N 125 
GLY C   O    doub N N 126 
GLY C   OXT  sing N N 127 
GLY OXT HXT  sing N N 128 
HIS N   CA   sing N N 129 
HIS N   H    sing N N 130 
HIS N   H2   sing N N 131 
HIS CA  C    sing N N 132 
HIS CA  CB   sing N N 133 
HIS CA  HA   sing N N 134 
HIS C   O    doub N N 135 
HIS C   OXT  sing N N 136 
HIS CB  CG   sing N N 137 
HIS CB  HB2  sing N N 138 
HIS CB  HB3  sing N N 139 
HIS CG  ND1  sing Y N 140 
HIS CG  CD2  doub Y N 141 
HIS ND1 CE1  doub Y N 142 
HIS ND1 HD1  sing N N 143 
HIS CD2 NE2  sing Y N 144 
HIS CD2 HD2  sing N N 145 
HIS CE1 NE2  sing Y N 146 
HIS CE1 HE1  sing N N 147 
HIS NE2 HE2  sing N N 148 
HIS OXT HXT  sing N N 149 
HOH O   H1   sing N N 150 
HOH O   H2   sing N N 151 
ILE N   CA   sing N N 152 
ILE N   H    sing N N 153 
ILE N   H2   sing N N 154 
ILE CA  C    sing N N 155 
ILE CA  CB   sing N N 156 
ILE CA  HA   sing N N 157 
ILE C   O    doub N N 158 
ILE C   OXT  sing N N 159 
ILE CB  CG1  sing N N 160 
ILE CB  CG2  sing N N 161 
ILE CB  HB   sing N N 162 
ILE CG1 CD1  sing N N 163 
ILE CG1 HG12 sing N N 164 
ILE CG1 HG13 sing N N 165 
ILE CG2 HG21 sing N N 166 
ILE CG2 HG22 sing N N 167 
ILE CG2 HG23 sing N N 168 
ILE CD1 HD11 sing N N 169 
ILE CD1 HD12 sing N N 170 
ILE CD1 HD13 sing N N 171 
ILE OXT HXT  sing N N 172 
LEU N   CA   sing N N 173 
LEU N   H    sing N N 174 
LEU N   H2   sing N N 175 
LEU CA  C    sing N N 176 
LEU CA  CB   sing N N 177 
LEU CA  HA   sing N N 178 
LEU C   O    doub N N 179 
LEU C   OXT  sing N N 180 
LEU CB  CG   sing N N 181 
LEU CB  HB2  sing N N 182 
LEU CB  HB3  sing N N 183 
LEU CG  CD1  sing N N 184 
LEU CG  CD2  sing N N 185 
LEU CG  HG   sing N N 186 
LEU CD1 HD11 sing N N 187 
LEU CD1 HD12 sing N N 188 
LEU CD1 HD13 sing N N 189 
LEU CD2 HD21 sing N N 190 
LEU CD2 HD22 sing N N 191 
LEU CD2 HD23 sing N N 192 
LEU OXT HXT  sing N N 193 
LYS N   CA   sing N N 194 
LYS N   H    sing N N 195 
LYS N   H2   sing N N 196 
LYS CA  C    sing N N 197 
LYS CA  CB   sing N N 198 
LYS CA  HA   sing N N 199 
LYS C   O    doub N N 200 
LYS C   OXT  sing N N 201 
LYS CB  CG   sing N N 202 
LYS CB  HB2  sing N N 203 
LYS CB  HB3  sing N N 204 
LYS CG  CD   sing N N 205 
LYS CG  HG2  sing N N 206 
LYS CG  HG3  sing N N 207 
LYS CD  CE   sing N N 208 
LYS CD  HD2  sing N N 209 
LYS CD  HD3  sing N N 210 
LYS CE  NZ   sing N N 211 
LYS CE  HE2  sing N N 212 
LYS CE  HE3  sing N N 213 
LYS NZ  HZ1  sing N N 214 
LYS NZ  HZ2  sing N N 215 
LYS NZ  HZ3  sing N N 216 
LYS OXT HXT  sing N N 217 
PHE N   CA   sing N N 218 
PHE N   H    sing N N 219 
PHE N   H2   sing N N 220 
PHE CA  C    sing N N 221 
PHE CA  CB   sing N N 222 
PHE CA  HA   sing N N 223 
PHE C   O    doub N N 224 
PHE C   OXT  sing N N 225 
PHE CB  CG   sing N N 226 
PHE CB  HB2  sing N N 227 
PHE CB  HB3  sing N N 228 
PHE CG  CD1  doub Y N 229 
PHE CG  CD2  sing Y N 230 
PHE CD1 CE1  sing Y N 231 
PHE CD1 HD1  sing N N 232 
PHE CD2 CE2  doub Y N 233 
PHE CD2 HD2  sing N N 234 
PHE CE1 CZ   doub Y N 235 
PHE CE1 HE1  sing N N 236 
PHE CE2 CZ   sing Y N 237 
PHE CE2 HE2  sing N N 238 
PHE CZ  HZ   sing N N 239 
PHE OXT HXT  sing N N 240 
PRO N   CA   sing N N 241 
PRO N   CD   sing N N 242 
PRO N   H    sing N N 243 
PRO CA  C    sing N N 244 
PRO CA  CB   sing N N 245 
PRO CA  HA   sing N N 246 
PRO C   O    doub N N 247 
PRO C   OXT  sing N N 248 
PRO CB  CG   sing N N 249 
PRO CB  HB2  sing N N 250 
PRO CB  HB3  sing N N 251 
PRO CG  CD   sing N N 252 
PRO CG  HG2  sing N N 253 
PRO CG  HG3  sing N N 254 
PRO CD  HD2  sing N N 255 
PRO CD  HD3  sing N N 256 
PRO OXT HXT  sing N N 257 
SER N   CA   sing N N 258 
SER N   H    sing N N 259 
SER N   H2   sing N N 260 
SER CA  C    sing N N 261 
SER CA  CB   sing N N 262 
SER CA  HA   sing N N 263 
SER C   O    doub N N 264 
SER C   OXT  sing N N 265 
SER CB  OG   sing N N 266 
SER CB  HB2  sing N N 267 
SER CB  HB3  sing N N 268 
SER OG  HG   sing N N 269 
SER OXT HXT  sing N N 270 
THR N   CA   sing N N 271 
THR N   H    sing N N 272 
THR N   H2   sing N N 273 
THR CA  C    sing N N 274 
THR CA  CB   sing N N 275 
THR CA  HA   sing N N 276 
THR C   O    doub N N 277 
THR C   OXT  sing N N 278 
THR CB  OG1  sing N N 279 
THR CB  CG2  sing N N 280 
THR CB  HB   sing N N 281 
THR OG1 HG1  sing N N 282 
THR CG2 HG21 sing N N 283 
THR CG2 HG22 sing N N 284 
THR CG2 HG23 sing N N 285 
THR OXT HXT  sing N N 286 
TRP N   CA   sing N N 287 
TRP N   H    sing N N 288 
TRP N   H2   sing N N 289 
TRP CA  C    sing N N 290 
TRP CA  CB   sing N N 291 
TRP CA  HA   sing N N 292 
TRP C   O    doub N N 293 
TRP C   OXT  sing N N 294 
TRP CB  CG   sing N N 295 
TRP CB  HB2  sing N N 296 
TRP CB  HB3  sing N N 297 
TRP CG  CD1  doub Y N 298 
TRP CG  CD2  sing Y N 299 
TRP CD1 NE1  sing Y N 300 
TRP CD1 HD1  sing N N 301 
TRP CD2 CE2  doub Y N 302 
TRP CD2 CE3  sing Y N 303 
TRP NE1 CE2  sing Y N 304 
TRP NE1 HE1  sing N N 305 
TRP CE2 CZ2  sing Y N 306 
TRP CE3 CZ3  doub Y N 307 
TRP CE3 HE3  sing N N 308 
TRP CZ2 CH2  doub Y N 309 
TRP CZ2 HZ2  sing N N 310 
TRP CZ3 CH2  sing Y N 311 
TRP CZ3 HZ3  sing N N 312 
TRP CH2 HH2  sing N N 313 
TRP OXT HXT  sing N N 314 
TYR N   CA   sing N N 315 
TYR N   H    sing N N 316 
TYR N   H2   sing N N 317 
TYR CA  C    sing N N 318 
TYR CA  CB   sing N N 319 
TYR CA  HA   sing N N 320 
TYR C   O    doub N N 321 
TYR C   OXT  sing N N 322 
TYR CB  CG   sing N N 323 
TYR CB  HB2  sing N N 324 
TYR CB  HB3  sing N N 325 
TYR CG  CD1  doub Y N 326 
TYR CG  CD2  sing Y N 327 
TYR CD1 CE1  sing Y N 328 
TYR CD1 HD1  sing N N 329 
TYR CD2 CE2  doub Y N 330 
TYR CD2 HD2  sing N N 331 
TYR CE1 CZ   doub Y N 332 
TYR CE1 HE1  sing N N 333 
TYR CE2 CZ   sing Y N 334 
TYR CE2 HE2  sing N N 335 
TYR CZ  OH   sing N N 336 
TYR OH  HH   sing N N 337 
TYR OXT HXT  sing N N 338 
VAL N   CA   sing N N 339 
VAL N   H    sing N N 340 
VAL N   H2   sing N N 341 
VAL CA  C    sing N N 342 
VAL CA  CB   sing N N 343 
VAL CA  HA   sing N N 344 
VAL C   O    doub N N 345 
VAL C   OXT  sing N N 346 
VAL CB  CG1  sing N N 347 
VAL CB  CG2  sing N N 348 
VAL CB  HB   sing N N 349 
VAL CG1 HG11 sing N N 350 
VAL CG1 HG12 sing N N 351 
VAL CG1 HG13 sing N N 352 
VAL CG2 HG21 sing N N 353 
VAL CG2 HG22 sing N N 354 
VAL CG2 HG23 sing N N 355 
VAL OXT HXT  sing N N 356 
# 
_atom_sites.entry_id                    1NEU 
_atom_sites.fract_transf_matrix[1][1]   0.01042464 
_atom_sites.fract_transf_matrix[1][2]   -0.00421016 
_atom_sites.fract_transf_matrix[1][3]   0.00037619 
_atom_sites.fract_transf_matrix[2][1]   -0.00163964 
_atom_sites.fract_transf_matrix[2][2]   -0.00310496 
_atom_sites.fract_transf_matrix[2][3]   0.01068695 
_atom_sites.fract_transf_matrix[3][1]   -0.00378098 
_atom_sites.fract_transf_matrix[3][2]   -0.00966469 
_atom_sites.fract_transf_matrix[3][3]   -0.00338805 
_atom_sites.fract_transf_vector[1]      0.574687 
_atom_sites.fract_transf_vector[2]      0.261446 
_atom_sites.fract_transf_vector[3]      0.199633 
# 
loop_
_atom_type.symbol 
C 
N 
O 
S 
# 
loop_
_atom_site.group_PDB 
_atom_site.id 
_atom_site.type_symbol 
_atom_site.label_atom_id 
_atom_site.label_alt_id 
_atom_site.label_comp_id 
_atom_site.label_asym_id 
_atom_site.label_entity_id 
_atom_site.label_seq_id 
_atom_site.pdbx_PDB_ins_code 
_atom_site.Cartn_x 
_atom_site.Cartn_y 
_atom_site.Cartn_z 
_atom_site.occupancy 
_atom_site.B_iso_or_equiv 
_atom_site.pdbx_formal_charge 
_atom_site.auth_seq_id 
_atom_site.auth_comp_id 
_atom_site.auth_asym_id 
_atom_site.auth_atom_id 
_atom_site.pdbx_PDB_model_num 
ATOM   1    N N   . ILE A 1 1   ? 15.382  -4.290  8.065   1.00 31.92 ? 1   ILE A N   1 
ATOM   2    C CA  . ILE A 1 1   ? 15.615  -5.760  8.054   1.00 31.99 ? 1   ILE A CA  1 
ATOM   3    C C   . ILE A 1 1   ? 14.389  -6.554  7.587   1.00 30.80 ? 1   ILE A C   1 
ATOM   4    O O   . ILE A 1 1   ? 14.542  -7.573  6.910   1.00 31.93 ? 1   ILE A O   1 
ATOM   5    C CB  . ILE A 1 1   ? 16.069  -6.255  9.436   1.00 33.42 ? 1   ILE A CB  1 
ATOM   6    C CG1 . ILE A 1 1   ? 15.839  -7.756  9.604   1.00 34.77 ? 1   ILE A CG1 1 
ATOM   7    C CG2 . ILE A 1 1   ? 15.302  -5.566  10.507  1.00 34.20 ? 1   ILE A CG2 1 
ATOM   8    C CD1 . ILE A 1 1   ? 15.196  -8.134  10.968  1.00 35.44 ? 1   ILE A CD1 1 
ATOM   9    N N   . VAL A 1 2   ? 13.177  -6.097  7.912   1.00 28.20 ? 2   VAL A N   1 
ATOM   10   C CA  . VAL A 1 2   ? 11.972  -6.818  7.490   1.00 25.06 ? 2   VAL A CA  1 
ATOM   11   C C   . VAL A 1 2   ? 10.784  -5.871  7.234   1.00 24.34 ? 2   VAL A C   1 
ATOM   12   O O   . VAL A 1 2   ? 10.603  -4.873  7.958   1.00 23.42 ? 2   VAL A O   1 
ATOM   13   C CB  . VAL A 1 2   ? 11.588  -7.879  8.555   1.00 25.01 ? 2   VAL A CB  1 
ATOM   14   C CG1 . VAL A 1 2   ? 11.278  -7.204  9.910   1.00 23.91 ? 2   VAL A CG1 1 
ATOM   15   C CG2 . VAL A 1 2   ? 10.409  -8.729  8.076   1.00 24.74 ? 2   VAL A CG2 1 
ATOM   16   N N   . VAL A 1 3   ? 10.009  -6.172  6.190   1.00 22.53 ? 3   VAL A N   1 
ATOM   17   C CA  . VAL A 1 3   ? 8.815   -5.394  5.828   1.00 20.77 ? 3   VAL A CA  1 
ATOM   18   C C   . VAL A 1 3   ? 7.584   -6.278  6.072   1.00 20.99 ? 3   VAL A C   1 
ATOM   19   O O   . VAL A 1 3   ? 7.556   -7.446  5.619   1.00 21.04 ? 3   VAL A O   1 
ATOM   20   C CB  . VAL A 1 3   ? 8.851   -4.979  4.330   1.00 20.18 ? 3   VAL A CB  1 
ATOM   21   C CG1 . VAL A 1 3   ? 7.611   -4.183  3.946   1.00 19.13 ? 3   VAL A CG1 1 
ATOM   22   C CG2 . VAL A 1 3   ? 10.077  -4.183  4.064   1.00 19.69 ? 3   VAL A CG2 1 
ATOM   23   N N   . TYR A 1 4   ? 6.564   -5.731  6.744   1.00 20.06 ? 4   TYR A N   1 
ATOM   24   C CA  . TYR A 1 4   ? 5.322   -6.465  7.056   1.00 19.01 ? 4   TYR A CA  1 
ATOM   25   C C   . TYR A 1 4   ? 4.060   -5.961  6.340   1.00 19.58 ? 4   TYR A C   1 
ATOM   26   O O   . TYR A 1 4   ? 3.831   -4.741  6.245   1.00 19.29 ? 4   TYR A O   1 
ATOM   27   C CB  . TYR A 1 4   ? 5.004   -6.376  8.561   1.00 17.75 ? 4   TYR A CB  1 
ATOM   28   C CG  . TYR A 1 4   ? 6.039   -6.943  9.489   1.00 16.82 ? 4   TYR A CG  1 
ATOM   29   C CD1 . TYR A 1 4   ? 6.266   -8.311  9.548   1.00 16.68 ? 4   TYR A CD1 1 
ATOM   30   C CD2 . TYR A 1 4   ? 6.797   -6.107  10.305  1.00 16.04 ? 4   TYR A CD2 1 
ATOM   31   C CE1 . TYR A 1 4   ? 7.226   -8.844  10.392  1.00 16.79 ? 4   TYR A CE1 1 
ATOM   32   C CE2 . TYR A 1 4   ? 7.761   -6.622  11.168  1.00 16.13 ? 4   TYR A CE2 1 
ATOM   33   C CZ  . TYR A 1 4   ? 7.967   -7.992  11.201  1.00 16.53 ? 4   TYR A CZ  1 
ATOM   34   O OH  . TYR A 1 4   ? 8.894   -8.520  12.044  1.00 16.10 ? 4   TYR A OH  1 
ATOM   35   N N   . THR A 1 5   ? 3.232   -6.908  5.886   1.00 19.40 ? 5   THR A N   1 
ATOM   36   C CA  . THR A 1 5   ? 1.919   -6.632  5.283   1.00 19.75 ? 5   THR A CA  1 
ATOM   37   C C   . THR A 1 5   ? 1.059   -7.860  5.706   1.00 21.01 ? 5   THR A C   1 
ATOM   38   O O   . THR A 1 5   ? 1.608   -8.835  6.245   1.00 20.96 ? 5   THR A O   1 
ATOM   39   C CB  . THR A 1 5   ? 1.943   -6.585  3.720   1.00 19.77 ? 5   THR A CB  1 
ATOM   40   O OG1 . THR A 1 5   ? 2.506   -7.798  3.190   1.00 19.24 ? 5   THR A OG1 1 
ATOM   41   C CG2 . THR A 1 5   ? 2.684   -5.365  3.208   1.00 19.01 ? 5   THR A CG2 1 
ATOM   42   N N   . ASP A 1 6   ? -0.260  -7.806  5.527   1.00 21.75 ? 6   ASP A N   1 
ATOM   43   C CA  . ASP A 1 6   ? -1.142  -8.969  5.818   1.00 22.33 ? 6   ASP A CA  1 
ATOM   44   C C   . ASP A 1 6   ? -1.038  -9.869  4.583   1.00 22.83 ? 6   ASP A C   1 
ATOM   45   O O   . ASP A 1 6   ? -0.614  -9.388  3.537   1.00 22.18 ? 6   ASP A O   1 
ATOM   46   C CB  . ASP A 1 6   ? -2.599  -8.532  5.977   1.00 22.41 ? 6   ASP A CB  1 
ATOM   47   C CG  . ASP A 1 6   ? -2.857  -7.845  7.299   1.00 22.64 ? 6   ASP A CG  1 
ATOM   48   O OD1 . ASP A 1 6   ? -2.304  -8.327  8.306   1.00 23.35 ? 6   ASP A OD1 1 
ATOM   49   O OD2 . ASP A 1 6   ? -3.597  -6.834  7.349   1.00 22.90 ? 6   ASP A OD2 1 
ATOM   50   N N   . ARG A 1 7   ? -1.371  -11.161 4.679   1.00 23.80 ? 7   ARG A N   1 
ATOM   51   C CA  . ARG A 1 7   ? -1.291  -12.027 3.478   1.00 24.80 ? 7   ARG A CA  1 
ATOM   52   C C   . ARG A 1 7   ? -2.477  -11.814 2.512   1.00 23.79 ? 7   ARG A C   1 
ATOM   53   O O   . ARG A 1 7   ? -2.315  -11.671 1.289   1.00 20.70 ? 7   ARG A O   1 
ATOM   54   C CB  . ARG A 1 7   ? -1.158  -13.512 3.872   1.00 27.90 ? 7   ARG A CB  1 
ATOM   55   C CG  . ARG A 1 7   ? -0.832  -14.447 2.688   1.00 30.70 ? 7   ARG A CG  1 
ATOM   56   C CD  . ARG A 1 7   ? -0.531  -15.891 3.127   1.00 33.45 ? 7   ARG A CD  1 
ATOM   57   N NE  . ARG A 1 7   ? -1.658  -16.479 3.852   1.00 36.63 ? 7   ARG A NE  1 
ATOM   58   C CZ  . ARG A 1 7   ? -2.773  -16.928 3.273   1.00 38.13 ? 7   ARG A CZ  1 
ATOM   59   N NH1 . ARG A 1 7   ? -2.911  -16.870 1.938   1.00 39.19 ? 7   ARG A NH1 1 
ATOM   60   N NH2 . ARG A 1 7   ? -3.769  -17.396 4.029   1.00 38.34 ? 7   ARG A NH2 1 
ATOM   61   N N   . GLU A 1 8   ? -3.675  -11.770 3.070   1.00 24.85 ? 8   GLU A N   1 
ATOM   62   C CA  . GLU A 1 8   ? -4.874  -11.550 2.255   1.00 28.23 ? 8   GLU A CA  1 
ATOM   63   C C   . GLU A 1 8   ? -5.800  -10.658 3.056   1.00 27.74 ? 8   GLU A C   1 
ATOM   64   O O   . GLU A 1 8   ? -5.691  -10.604 4.293   1.00 27.63 ? 8   GLU A O   1 
ATOM   65   C CB  . GLU A 1 8   ? -5.649  -12.852 1.985   1.00 31.25 ? 8   GLU A CB  1 
ATOM   66   C CG  . GLU A 1 8   ? -4.875  -14.020 1.399   1.00 34.33 ? 8   GLU A CG  1 
ATOM   67   C CD  . GLU A 1 8   ? -5.796  -15.216 1.107   1.00 36.84 ? 8   GLU A CD  1 
ATOM   68   O OE1 . GLU A 1 8   ? -6.601  -15.608 1.994   1.00 38.25 ? 8   GLU A OE1 1 
ATOM   69   O OE2 . GLU A 1 8   ? -5.705  -15.773 -0.009  1.00 37.47 ? 8   GLU A OE2 1 
ATOM   70   N N   . VAL A 1 9   ? -6.666  -9.926  2.360   1.00 26.66 ? 9   VAL A N   1 
ATOM   71   C CA  . VAL A 1 9   ? -7.638  -9.072  3.032   1.00 26.37 ? 9   VAL A CA  1 
ATOM   72   C C   . VAL A 1 9   ? -8.938  -9.223  2.279   1.00 27.05 ? 9   VAL A C   1 
ATOM   73   O O   . VAL A 1 9   ? -8.945  -9.342  1.037   1.00 26.17 ? 9   VAL A O   1 
ATOM   74   C CB  . VAL A 1 9   ? -7.232  -7.550  3.086   1.00 25.76 ? 9   VAL A CB  1 
ATOM   75   C CG1 . VAL A 1 9   ? -6.020  -7.367  3.936   1.00 24.62 ? 9   VAL A CG1 1 
ATOM   76   C CG2 . VAL A 1 9   ? -7.003  -6.986  1.692   1.00 24.92 ? 9   VAL A CG2 1 
ATOM   77   N N   . TYR A 1 10  ? -10.033 -9.276  3.027   1.00 27.51 ? 10  TYR A N   1 
ATOM   78   C CA  . TYR A 1 10  ? -11.350 -9.407  2.417   1.00 29.08 ? 10  TYR A CA  1 
ATOM   79   C C   . TYR A 1 10  ? -12.127 -8.123  2.633   1.00 28.25 ? 10  TYR A C   1 
ATOM   80   O O   . TYR A 1 10  ? -12.081 -7.547  3.724   1.00 27.71 ? 10  TYR A O   1 
ATOM   81   C CB  . TYR A 1 10  ? -12.118 -10.574 3.049   1.00 31.47 ? 10  TYR A CB  1 
ATOM   82   C CG  . TYR A 1 10  ? -11.464 -11.921 2.855   1.00 34.82 ? 10  TYR A CG  1 
ATOM   83   C CD1 . TYR A 1 10  ? -10.712 -12.188 1.712   1.00 35.90 ? 10  TYR A CD1 1 
ATOM   84   C CD2 . TYR A 1 10  ? -11.592 -12.928 3.805   1.00 36.48 ? 10  TYR A CD2 1 
ATOM   85   C CE1 . TYR A 1 10  ? -10.098 -13.413 1.517   1.00 37.45 ? 10  TYR A CE1 1 
ATOM   86   C CE2 . TYR A 1 10  ? -10.981 -14.171 3.617   1.00 38.27 ? 10  TYR A CE2 1 
ATOM   87   C CZ  . TYR A 1 10  ? -10.229 -14.395 2.465   1.00 38.63 ? 10  TYR A CZ  1 
ATOM   88   O OH  . TYR A 1 10  ? -9.576  -15.592 2.267   1.00 40.79 ? 10  TYR A OH  1 
ATOM   89   N N   . GLY A 1 11  ? -12.836 -7.674  1.607   1.00 27.18 ? 11  GLY A N   1 
ATOM   90   C CA  . GLY A 1 11  ? -13.630 -6.478  1.750   1.00 26.48 ? 11  GLY A CA  1 
ATOM   91   C C   . GLY A 1 11  ? -14.991 -6.621  1.115   1.00 26.94 ? 11  GLY A C   1 
ATOM   92   O O   . GLY A 1 11  ? -15.161 -7.418  0.188   1.00 26.85 ? 11  GLY A O   1 
ATOM   93   N N   . ALA A 1 12  ? -15.959 -5.848  1.609   1.00 27.02 ? 12  ALA A N   1 
ATOM   94   C CA  . ALA A 1 12  ? -17.318 -5.855  1.082   1.00 27.26 ? 12  ALA A CA  1 
ATOM   95   C C   . ALA A 1 12  ? -17.466 -4.721  0.084   1.00 27.13 ? 12  ALA A C   1 
ATOM   96   O O   . ALA A 1 12  ? -16.817 -3.671  0.222   1.00 28.62 ? 12  ALA A O   1 
ATOM   97   C CB  . ALA A 1 12  ? -18.314 -5.700  2.207   1.00 26.86 ? 12  ALA A CB  1 
ATOM   98   N N   . VAL A 1 13  ? -18.292 -4.924  -0.932  1.00 26.42 ? 13  VAL A N   1 
ATOM   99   C CA  . VAL A 1 13  ? -18.498 -3.894  -1.944  1.00 26.73 ? 13  VAL A CA  1 
ATOM   100  C C   . VAL A 1 13  ? -19.073 -2.642  -1.243  1.00 27.24 ? 13  VAL A C   1 
ATOM   101  O O   . VAL A 1 13  ? -19.813 -2.779  -0.262  1.00 27.72 ? 13  VAL A O   1 
ATOM   102  C CB  . VAL A 1 13  ? -19.423 -4.428  -3.098  1.00 26.24 ? 13  VAL A CB  1 
ATOM   103  C CG1 . VAL A 1 13  ? -19.857 -3.333  -4.022  1.00 25.10 ? 13  VAL A CG1 1 
ATOM   104  C CG2 . VAL A 1 13  ? -18.670 -5.450  -3.913  1.00 26.52 ? 13  VAL A CG2 1 
ATOM   105  N N   . GLY A 1 14  ? -18.678 -1.441  -1.695  1.00 26.73 ? 14  GLY A N   1 
ATOM   106  C CA  . GLY A 1 14  ? -19.158 -0.191  -1.100  1.00 25.69 ? 14  GLY A CA  1 
ATOM   107  C C   . GLY A 1 14  ? -18.575 0.127   0.274   1.00 25.35 ? 14  GLY A C   1 
ATOM   108  O O   . GLY A 1 14  ? -18.976 1.091   0.932   1.00 25.15 ? 14  GLY A O   1 
ATOM   109  N N   . SER A 1 15  ? -17.619 -0.688  0.709   1.00 24.19 ? 15  SER A N   1 
ATOM   110  C CA  . SER A 1 15  ? -16.981 -0.525  2.003   1.00 23.37 ? 15  SER A CA  1 
ATOM   111  C C   . SER A 1 15  ? -15.513 -0.101  1.823   1.00 22.51 ? 15  SER A C   1 
ATOM   112  O O   . SER A 1 15  ? -15.117 0.252   0.720   1.00 23.33 ? 15  SER A O   1 
ATOM   113  C CB  . SER A 1 15  ? -17.087 -1.842  2.725   1.00 22.74 ? 15  SER A CB  1 
ATOM   114  O OG  . SER A 1 15  ? -16.693 -1.685  4.049   1.00 24.27 ? 15  SER A OG  1 
ATOM   115  N N   . GLN A 1 16  ? -14.716 -0.087  2.891   1.00 22.49 ? 16  GLN A N   1 
ATOM   116  C CA  . GLN A 1 16  ? -13.298 0.294   2.787   1.00 22.86 ? 16  GLN A CA  1 
ATOM   117  C C   . GLN A 1 16  ? -12.419 -0.784  3.424   1.00 22.27 ? 16  GLN A C   1 
ATOM   118  O O   . GLN A 1 16  ? -12.901 -1.614  4.201   1.00 22.70 ? 16  GLN A O   1 
ATOM   119  C CB  . GLN A 1 16  ? -13.021 1.631   3.499   1.00 24.22 ? 16  GLN A CB  1 
ATOM   120  C CG  . GLN A 1 16  ? -13.134 1.509   5.010   1.00 26.92 ? 16  GLN A CG  1 
ATOM   121  C CD  . GLN A 1 16  ? -12.638 2.729   5.762   1.00 29.13 ? 16  GLN A CD  1 
ATOM   122  O OE1 . GLN A 1 16  ? -13.418 3.621   6.105   1.00 30.66 ? 16  GLN A OE1 1 
ATOM   123  N NE2 . GLN A 1 16  ? -11.341 2.772   6.038   1.00 30.52 ? 16  GLN A NE2 1 
ATOM   124  N N   . VAL A 1 17  ? -11.130 -0.766  3.124   1.00 20.26 ? 17  VAL A N   1 
ATOM   125  C CA  . VAL A 1 17  ? -10.230 -1.741  3.718   1.00 20.21 ? 17  VAL A CA  1 
ATOM   126  C C   . VAL A 1 17  ? -8.862  -1.070  3.964   1.00 19.86 ? 17  VAL A C   1 
ATOM   127  O O   . VAL A 1 17  ? -8.498  -0.153  3.215   1.00 20.58 ? 17  VAL A O   1 
ATOM   128  C CB  . VAL A 1 17  ? -10.110 -3.039  2.801   1.00 19.98 ? 17  VAL A CB  1 
ATOM   129  C CG1 . VAL A 1 17  ? -9.388  -2.746  1.517   1.00 18.94 ? 17  VAL A CG1 1 
ATOM   130  C CG2 . VAL A 1 17  ? -9.379  -4.132  3.535   1.00 21.50 ? 17  VAL A CG2 1 
ATOM   131  N N   . THR A 1 18  ? -8.185  -1.368  5.073   1.00 19.10 ? 18  THR A N   1 
ATOM   132  C CA  . THR A 1 18  ? -6.858  -0.781  5.235   1.00 19.23 ? 18  THR A CA  1 
ATOM   133  C C   . THR A 1 18  ? -5.720  -1.756  4.902   1.00 18.17 ? 18  THR A C   1 
ATOM   134  O O   . THR A 1 18  ? -5.760  -2.949  5.227   1.00 17.32 ? 18  THR A O   1 
ATOM   135  C CB  . THR A 1 18  ? -6.624  0.077   6.569   1.00 20.36 ? 18  THR A CB  1 
ATOM   136  O OG1 . THR A 1 18  ? -5.551  -0.450  7.353   1.00 22.45 ? 18  THR A OG1 1 
ATOM   137  C CG2 . THR A 1 18  ? -7.832  0.238   7.377   1.00 19.58 ? 18  THR A CG2 1 
ATOM   138  N N   . LEU A 1 19  ? -4.789  -1.263  4.092   1.00 17.62 ? 19  LEU A N   1 
ATOM   139  C CA  . LEU A 1 19  ? -3.641  -2.032  3.668   1.00 17.13 ? 19  LEU A CA  1 
ATOM   140  C C   . LEU A 1 19  ? -2.453  -1.628  4.519   1.00 17.09 ? 19  LEU A C   1 
ATOM   141  O O   . LEU A 1 19  ? -1.893  -0.535  4.330   1.00 16.92 ? 19  LEU A O   1 
ATOM   142  C CB  . LEU A 1 19  ? -3.363  -1.751  2.193   1.00 16.99 ? 19  LEU A CB  1 
ATOM   143  C CG  . LEU A 1 19  ? -4.492  -1.992  1.176   1.00 16.57 ? 19  LEU A CG  1 
ATOM   144  C CD1 . LEU A 1 19  ? -4.006  -1.617  -0.216  1.00 16.85 ? 19  LEU A CD1 1 
ATOM   145  C CD2 . LEU A 1 19  ? -4.969  -3.445  1.214   1.00 17.10 ? 19  LEU A CD2 1 
ATOM   146  N N   . HIS A 1 20  ? -2.095  -2.478  5.480   1.00 17.87 ? 20  HIS A N   1 
ATOM   147  C CA  . HIS A 1 20  ? -0.953  -2.228  6.385   1.00 19.06 ? 20  HIS A CA  1 
ATOM   148  C C   . HIS A 1 20  ? 0.423   -2.436  5.785   1.00 18.48 ? 20  HIS A C   1 
ATOM   149  O O   . HIS A 1 20  ? 0.637   -3.392  5.036   1.00 18.95 ? 20  HIS A O   1 
ATOM   150  C CB  . HIS A 1 20  ? -1.008  -3.129  7.646   1.00 21.60 ? 20  HIS A CB  1 
ATOM   151  C CG  . HIS A 1 20  ? 0.227   -3.051  8.524   1.00 24.48 ? 20  HIS A CG  1 
ATOM   152  N ND1 . HIS A 1 20  ? 0.362   -2.126  9.555   1.00 25.00 ? 20  HIS A ND1 1 
ATOM   153  C CD2 . HIS A 1 20  ? 1.368   -3.789  8.532   1.00 23.65 ? 20  HIS A CD2 1 
ATOM   154  C CE1 . HIS A 1 20  ? 1.526   -2.306  10.154  1.00 24.52 ? 20  HIS A CE1 1 
ATOM   155  N NE2 . HIS A 1 20  ? 2.155   -3.307  9.556   1.00 24.70 ? 20  HIS A NE2 1 
ATOM   156  N N   . CYS A 1 21  ? 1.354   -1.554  6.151   1.00 15.70 ? 21  CYS A N   1 
ATOM   157  C CA  . CYS A 1 21  ? 2.736   -1.686  5.757   1.00 15.28 ? 21  CYS A CA  1 
ATOM   158  C C   . CYS A 1 21  ? 3.585   -1.020  6.842   1.00 15.51 ? 21  CYS A C   1 
ATOM   159  O O   . CYS A 1 21  ? 3.286   0.072   7.296   1.00 14.05 ? 21  CYS A O   1 
ATOM   160  C CB  . CYS A 1 21  ? 3.040   -1.051  4.413   1.00 14.37 ? 21  CYS A CB  1 
ATOM   161  S SG  . CYS A 1 21  ? 4.776   -1.293  3.983   1.00 16.54 ? 21  CYS A SG  1 
ATOM   162  N N   . SER A 1 22  ? 4.601   -1.720  7.309   1.00 15.79 ? 22  SER A N   1 
ATOM   163  C CA  . SER A 1 22  ? 5.488   -1.189  8.322   1.00 15.88 ? 22  SER A CA  1 
ATOM   164  C C   . SER A 1 22  ? 6.814   -1.921  8.185   1.00 17.07 ? 22  SER A C   1 
ATOM   165  O O   . SER A 1 22  ? 6.928   -2.912  7.456   1.00 15.57 ? 22  SER A O   1 
ATOM   166  C CB  . SER A 1 22  ? 4.879   -1.342  9.717   1.00 15.62 ? 22  SER A CB  1 
ATOM   167  O OG  . SER A 1 22  ? 4.727   -2.699  10.060  1.00 15.21 ? 22  SER A OG  1 
ATOM   168  N N   . PHE A 1 23  ? 7.856   -1.352  8.770   1.00 17.88 ? 23  PHE A N   1 
ATOM   169  C CA  . PHE A 1 23  ? 9.164   -1.973  8.704   1.00 18.12 ? 23  PHE A CA  1 
ATOM   170  C C   . PHE A 1 23  ? 9.847   -1.903  10.072  1.00 18.54 ? 23  PHE A C   1 
ATOM   171  O O   . PHE A 1 23  ? 9.498   -1.058  10.920  1.00 18.19 ? 23  PHE A O   1 
ATOM   172  C CB  A PHE A 1 23  ? 9.942   -1.165  7.644   0.57 19.43 ? 23  PHE A CB  1 
ATOM   173  C CB  B PHE A 1 23  ? 10.027  -1.417  7.576   0.36 17.57 ? 23  PHE A CB  1 
ATOM   174  C CG  A PHE A 1 23  ? 11.428  -1.115  7.838   0.57 20.63 ? 23  PHE A CG  1 
ATOM   175  C CG  B PHE A 1 23  ? 10.584  -0.067  7.836   0.36 16.86 ? 23  PHE A CG  1 
ATOM   176  C CD1 A PHE A 1 23  ? 11.996  -0.254  8.766   0.57 20.67 ? 23  PHE A CD1 1 
ATOM   177  C CD1 B PHE A 1 23  ? 9.846   1.065   7.536   0.36 17.06 ? 23  PHE A CD1 1 
ATOM   178  C CD2 A PHE A 1 23  ? 12.266  -1.891  7.048   0.57 21.43 ? 23  PHE A CD2 1 
ATOM   179  C CD2 B PHE A 1 23  ? 11.883  0.081   8.318   0.36 16.97 ? 23  PHE A CD2 1 
ATOM   180  C CE1 A PHE A 1 23  ? 13.366  -0.166  8.906   0.57 21.51 ? 23  PHE A CE1 1 
ATOM   181  C CE1 B PHE A 1 23  ? 10.397  2.338   7.704   0.36 17.25 ? 23  PHE A CE1 1 
ATOM   182  C CE2 A PHE A 1 23  ? 13.645  -1.802  7.185   0.57 22.30 ? 23  PHE A CE2 1 
ATOM   183  C CE2 B PHE A 1 23  ? 12.441  1.343   8.492   0.36 16.97 ? 23  PHE A CE2 1 
ATOM   184  C CZ  A PHE A 1 23  ? 14.196  -0.941  8.112   0.57 21.94 ? 23  PHE A CZ  1 
ATOM   185  C CZ  B PHE A 1 23  ? 11.699  2.472   8.183   0.36 17.18 ? 23  PHE A CZ  1 
ATOM   186  N N   . TRP A 1 24  ? 10.728  -2.859  10.339  1.00 18.14 ? 24  TRP A N   1 
ATOM   187  C CA  . TRP A 1 24  ? 11.437  -2.855  11.608  1.00 18.67 ? 24  TRP A CA  1 
ATOM   188  C C   . TRP A 1 24  ? 12.889  -3.223  11.382  1.00 19.01 ? 24  TRP A C   1 
ATOM   189  O O   . TRP A 1 24  ? 13.212  -3.895  10.393  1.00 19.18 ? 24  TRP A O   1 
ATOM   190  C CB  . TRP A 1 24  ? 10.763  -3.806  12.625  1.00 17.61 ? 24  TRP A CB  1 
ATOM   191  C CG  . TRP A 1 24  ? 11.468  -3.881  13.975  1.00 17.29 ? 24  TRP A CG  1 
ATOM   192  C CD1 . TRP A 1 24  ? 11.299  -3.039  15.068  1.00 16.93 ? 24  TRP A CD1 1 
ATOM   193  C CD2 . TRP A 1 24  ? 12.468  -4.827  14.356  1.00 16.50 ? 24  TRP A CD2 1 
ATOM   194  N NE1 . TRP A 1 24  ? 12.151  -3.412  16.092  1.00 16.98 ? 24  TRP A NE1 1 
ATOM   195  C CE2 . TRP A 1 24  ? 12.873  -4.506  15.686  1.00 17.00 ? 24  TRP A CE2 1 
ATOM   196  C CE3 . TRP A 1 24  ? 13.072  -5.911  13.699  1.00 16.64 ? 24  TRP A CE3 1 
ATOM   197  C CZ2 . TRP A 1 24  ? 13.852  -5.234  16.366  1.00 17.25 ? 24  TRP A CZ2 1 
ATOM   198  C CZ3 . TRP A 1 24  ? 14.056  -6.641  14.375  1.00 16.78 ? 24  TRP A CZ3 1 
ATOM   199  C CH2 . TRP A 1 24  ? 14.434  -6.297  15.699  1.00 17.82 ? 24  TRP A CH2 1 
ATOM   200  N N   . SER A 1 25  ? 13.753  -2.689  12.242  1.00 19.08 ? 25  SER A N   1 
ATOM   201  C CA  . SER A 1 25  ? 15.183  -2.952  12.233  1.00 20.29 ? 25  SER A CA  1 
ATOM   202  C C   . SER A 1 25  ? 15.692  -3.006  13.670  1.00 20.40 ? 25  SER A C   1 
ATOM   203  O O   . SER A 1 25  ? 15.213  -2.244  14.514  1.00 20.65 ? 25  SER A O   1 
ATOM   204  C CB  . SER A 1 25  ? 15.910  -1.832  11.516  1.00 21.83 ? 25  SER A CB  1 
ATOM   205  O OG  . SER A 1 25  ? 17.308  -2.083  11.516  1.00 24.62 ? 25  SER A OG  1 
ATOM   206  N N   . SER A 1 26  ? 16.650  -3.882  13.967  1.00 20.07 ? 26  SER A N   1 
ATOM   207  C CA  . SER A 1 26  ? 17.182  -3.936  15.329  1.00 20.65 ? 26  SER A CA  1 
ATOM   208  C C   . SER A 1 26  ? 18.080  -2.714  15.657  1.00 21.07 ? 26  SER A C   1 
ATOM   209  O O   . SER A 1 26  ? 18.294  -2.398  16.832  1.00 21.86 ? 26  SER A O   1 
ATOM   210  C CB  . SER A 1 26  ? 17.941  -5.245  15.589  1.00 20.46 ? 26  SER A CB  1 
ATOM   211  O OG  . SER A 1 26  ? 18.987  -5.417  14.655  1.00 21.82 ? 26  SER A OG  1 
ATOM   212  N N   . GLU A 1 27  ? 18.584  -2.025  14.634  1.00 21.63 ? 27  GLU A N   1 
ATOM   213  C CA  . GLU A 1 27  ? 19.428  -0.829  14.826  1.00 22.47 ? 27  GLU A CA  1 
ATOM   214  C C   . GLU A 1 27  ? 18.729  0.474   14.454  1.00 21.34 ? 27  GLU A C   1 
ATOM   215  O O   . GLU A 1 27  ? 17.718  0.459   13.762  1.00 20.32 ? 27  GLU A O   1 
ATOM   216  C CB  . GLU A 1 27  ? 20.741  -0.973  14.052  1.00 23.61 ? 27  GLU A CB  1 
ATOM   217  C CG  . GLU A 1 27  ? 21.825  -1.782  14.822  1.00 24.76 ? 27  GLU A CG  1 
ATOM   218  N N   . TRP A 1 28  ? 19.255  1.601   14.920  1.00 21.64 ? 28  TRP A N   1 
ATOM   219  C CA  . TRP A 1 28  ? 18.639  2.908   14.645  1.00 21.48 ? 28  TRP A CA  1 
ATOM   220  C C   . TRP A 1 28  ? 18.605  3.181   13.148  1.00 20.87 ? 28  TRP A C   1 
ATOM   221  O O   . TRP A 1 28  ? 19.575  2.902   12.457  1.00 20.77 ? 28  TRP A O   1 
ATOM   222  C CB  . TRP A 1 28  ? 19.402  4.049   15.360  1.00 21.60 ? 28  TRP A CB  1 
ATOM   223  C CG  . TRP A 1 28  ? 18.786  5.433   15.140  1.00 21.07 ? 28  TRP A CG  1 
ATOM   224  C CD1 . TRP A 1 28  ? 17.764  5.998   15.852  1.00 21.38 ? 28  TRP A CD1 1 
ATOM   225  C CD2 . TRP A 1 28  ? 19.128  6.379   14.111  1.00 21.05 ? 28  TRP A CD2 1 
ATOM   226  N NE1 . TRP A 1 28  ? 17.445  7.230   15.327  1.00 21.74 ? 28  TRP A NE1 1 
ATOM   227  C CE2 . TRP A 1 28  ? 18.265  7.487   14.257  1.00 21.50 ? 28  TRP A CE2 1 
ATOM   228  C CE3 . TRP A 1 28  ? 20.074  6.392   13.081  1.00 21.08 ? 28  TRP A CE3 1 
ATOM   229  C CZ2 . TRP A 1 28  ? 18.318  8.600   13.406  1.00 21.21 ? 28  TRP A CZ2 1 
ATOM   230  C CZ3 . TRP A 1 28  ? 20.124  7.502   12.237  1.00 21.72 ? 28  TRP A CZ3 1 
ATOM   231  C CH2 . TRP A 1 28  ? 19.250  8.585   12.408  1.00 21.01 ? 28  TRP A CH2 1 
ATOM   232  N N   . VAL A 1 29  ? 17.506  3.752   12.669  1.00 20.42 ? 29  VAL A N   1 
ATOM   233  C CA  . VAL A 1 29  ? 17.348  4.086   11.254  1.00 22.25 ? 29  VAL A CA  1 
ATOM   234  C C   . VAL A 1 29  ? 16.619  5.440   11.215  1.00 21.93 ? 29  VAL A C   1 
ATOM   235  O O   . VAL A 1 29  ? 15.618  5.634   11.921  1.00 21.74 ? 29  VAL A O   1 
ATOM   236  C CB  . VAL A 1 29  ? 16.532  2.945   10.462  1.00 23.08 ? 29  VAL A CB  1 
ATOM   237  C CG1 . VAL A 1 29  ? 16.269  3.358   9.031   1.00 22.87 ? 29  VAL A CG1 1 
ATOM   238  C CG2 . VAL A 1 29  ? 17.337  1.624   10.432  1.00 22.67 ? 29  VAL A CG2 1 
ATOM   239  N N   . SER A 1 30  ? 17.137  6.376   10.417  1.00 22.48 ? 30  SER A N   1 
ATOM   240  C CA  . SER A 1 30  ? 16.549  7.726   10.321  1.00 22.41 ? 30  SER A CA  1 
ATOM   241  C C   . SER A 1 30  ? 15.177  7.750   9.662   1.00 22.24 ? 30  SER A C   1 
ATOM   242  O O   . SER A 1 30  ? 14.758  6.759   9.064   1.00 23.22 ? 30  SER A O   1 
ATOM   243  C CB  . SER A 1 30  ? 17.499  8.664   9.566   1.00 22.36 ? 30  SER A CB  1 
ATOM   244  O OG  . SER A 1 30  ? 17.498  8.400   8.180   1.00 22.90 ? 30  SER A OG  1 
ATOM   245  N N   . ASP A 1 31  ? 14.478  8.872   9.761   1.00 20.80 ? 31  ASP A N   1 
ATOM   246  C CA  . ASP A 1 31  ? 13.166  8.997   9.152   1.00 21.52 ? 31  ASP A CA  1 
ATOM   247  C C   . ASP A 1 31  ? 13.231  9.424   7.662   1.00 21.82 ? 31  ASP A C   1 
ATOM   248  O O   . ASP A 1 31  ? 12.232  9.853   7.077   1.00 22.28 ? 31  ASP A O   1 
ATOM   249  C CB  . ASP A 1 31  ? 12.275  9.950   9.953   1.00 20.66 ? 31  ASP A CB  1 
ATOM   250  C CG  . ASP A 1 31  ? 12.743  11.429  9.856   1.00 21.49 ? 31  ASP A CG  1 
ATOM   251  O OD1 . ASP A 1 31  ? 13.840  11.733  9.301   1.00 19.18 ? 31  ASP A OD1 1 
ATOM   252  O OD2 . ASP A 1 31  ? 12.004  12.293  10.354  1.00 21.35 ? 31  ASP A OD2 1 
ATOM   253  N N   . ASP A 1 32  ? 14.407  9.331   7.054   1.00 22.70 ? 32  ASP A N   1 
ATOM   254  C CA  . ASP A 1 32  ? 14.553  9.667   5.643   1.00 23.80 ? 32  ASP A CA  1 
ATOM   255  C C   . ASP A 1 32  ? 14.257  8.339   4.903   1.00 24.02 ? 32  ASP A C   1 
ATOM   256  O O   . ASP A 1 32  ? 15.164  7.663   4.439   1.00 24.62 ? 32  ASP A O   1 
ATOM   257  C CB  . ASP A 1 32  ? 15.990  10.153  5.374   1.00 24.95 ? 32  ASP A CB  1 
ATOM   258  C CG  . ASP A 1 32  ? 16.177  10.721  3.971   1.00 26.60 ? 32  ASP A CG  1 
ATOM   259  O OD1 . ASP A 1 32  ? 15.216  10.738  3.177   1.00 28.01 ? 32  ASP A OD1 1 
ATOM   260  O OD2 . ASP A 1 32  ? 17.297  11.152  3.637   1.00 26.98 ? 32  ASP A OD2 1 
ATOM   261  N N   . ILE A 1 33  ? 12.994  7.942   4.859   1.00 24.13 ? 33  ILE A N   1 
ATOM   262  C CA  . ILE A 1 33  ? 12.594  6.678   4.231   1.00 24.64 ? 33  ILE A CA  1 
ATOM   263  C C   . ILE A 1 33  ? 11.464  6.945   3.259   1.00 24.54 ? 33  ILE A C   1 
ATOM   264  O O   . ILE A 1 33  ? 10.727  7.916   3.440   1.00 25.77 ? 33  ILE A O   1 
ATOM   265  C CB  . ILE A 1 33  ? 11.993  5.700   5.273   1.00 25.27 ? 33  ILE A CB  1 
ATOM   266  C CG1 . ILE A 1 33  ? 10.707  6.294   5.825   1.00 25.50 ? 33  ILE A CG1 1 
ATOM   267  C CG2 . ILE A 1 33  ? 12.999  5.368   6.387   1.00 25.61 ? 33  ILE A CG2 1 
ATOM   268  C CD1 . ILE A 1 33  ? 10.325  5.765   7.163   1.00 26.77 ? 33  ILE A CD1 1 
ATOM   269  N N   . SER A 1 34  ? 11.312  6.097   2.242   1.00 22.94 ? 34  SER A N   1 
ATOM   270  C CA  . SER A 1 34  ? 10.213  6.256   1.290   1.00 21.24 ? 34  SER A CA  1 
ATOM   271  C C   . SER A 1 34  ? 9.340   4.986   1.229   1.00 19.90 ? 34  SER A C   1 
ATOM   272  O O   . SER A 1 34  ? 9.827   3.868   1.450   1.00 18.61 ? 34  SER A O   1 
ATOM   273  C CB  . SER A 1 34  ? 10.724  6.641   -0.128  1.00 21.58 ? 34  SER A CB  1 
ATOM   274  O OG  . SER A 1 34  ? 11.476  5.613   -0.784  1.00 21.00 ? 34  SER A OG  1 
ATOM   275  N N   . PHE A 1 35  ? 8.056   5.184   0.937   1.00 19.39 ? 35  PHE A N   1 
ATOM   276  C CA  . PHE A 1 35  ? 7.076   4.101   0.780   1.00 17.90 ? 35  PHE A CA  1 
ATOM   277  C C   . PHE A 1 35  ? 6.454   4.237   -0.606  1.00 17.83 ? 35  PHE A C   1 
ATOM   278  O O   . PHE A 1 35  ? 6.144   5.343   -1.036  1.00 18.03 ? 35  PHE A O   1 
ATOM   279  C CB  . PHE A 1 35  ? 5.943   4.207   1.808   1.00 17.58 ? 35  PHE A CB  1 
ATOM   280  C CG  . PHE A 1 35  ? 6.379   3.986   3.245   1.00 19.12 ? 35  PHE A CG  1 
ATOM   281  C CD1 . PHE A 1 35  ? 6.537   2.693   3.757   1.00 18.85 ? 35  PHE A CD1 1 
ATOM   282  C CD2 . PHE A 1 35  ? 6.591   5.079   4.102   1.00 19.37 ? 35  PHE A CD2 1 
ATOM   283  C CE1 . PHE A 1 35  ? 6.892   2.488   5.091   1.00 19.56 ? 35  PHE A CE1 1 
ATOM   284  C CE2 . PHE A 1 35  ? 6.950   4.883   5.447   1.00 19.76 ? 35  PHE A CE2 1 
ATOM   285  C CZ  . PHE A 1 35  ? 7.099   3.584   5.943   1.00 19.90 ? 35  PHE A CZ  1 
ATOM   286  N N   . THR A 1 36  ? 6.381   3.136   -1.353  1.00 17.34 ? 36  THR A N   1 
ATOM   287  C CA  . THR A 1 36  ? 5.728   3.148   -2.644  1.00 16.78 ? 36  THR A CA  1 
ATOM   288  C C   . THR A 1 36  ? 4.737   1.979   -2.704  1.00 16.97 ? 36  THR A C   1 
ATOM   289  O O   . THR A 1 36  ? 5.100   0.852   -2.370  1.00 18.19 ? 36  THR A O   1 
ATOM   290  C CB  . THR A 1 36  ? 6.730   2.994   -3.803  1.00 18.21 ? 36  THR A CB  1 
ATOM   291  O OG1 . THR A 1 36  ? 7.740   4.020   -3.727  1.00 18.55 ? 36  THR A OG1 1 
ATOM   292  C CG2 . THR A 1 36  ? 5.992   3.077   -5.169  1.00 18.15 ? 36  THR A CG2 1 
ATOM   293  N N   . TRP A 1 37  ? 3.486   2.240   -3.069  1.00 16.13 ? 37  TRP A N   1 
ATOM   294  C CA  . TRP A 1 37  ? 2.475   1.174   -3.233  1.00 15.77 ? 37  TRP A CA  1 
ATOM   295  C C   . TRP A 1 37  ? 2.156   0.905   -4.738  1.00 15.96 ? 37  TRP A C   1 
ATOM   296  O O   . TRP A 1 37  ? 1.802   1.838   -5.478  1.00 14.57 ? 37  TRP A O   1 
ATOM   297  C CB  . TRP A 1 37  ? 1.163   1.514   -2.496  1.00 14.52 ? 37  TRP A CB  1 
ATOM   298  C CG  . TRP A 1 37  ? 1.157   1.187   -1.033  1.00 15.07 ? 37  TRP A CG  1 
ATOM   299  C CD1 . TRP A 1 37  ? 1.254   2.075   0.013   1.00 15.55 ? 37  TRP A CD1 1 
ATOM   300  C CD2 . TRP A 1 37  ? 0.908   -0.101  -0.442  1.00 15.79 ? 37  TRP A CD2 1 
ATOM   301  N NE1 . TRP A 1 37  ? 1.059   1.422   1.212   1.00 15.91 ? 37  TRP A NE1 1 
ATOM   302  C CE2 . TRP A 1 37  ? 0.836   0.090   0.965   1.00 15.70 ? 37  TRP A CE2 1 
ATOM   303  C CE3 . TRP A 1 37  ? 0.714   -1.407  -0.967  1.00 15.33 ? 37  TRP A CE3 1 
ATOM   304  C CZ2 . TRP A 1 37  ? 0.575   -0.969  1.851   1.00 15.34 ? 37  TRP A CZ2 1 
ATOM   305  C CZ3 . TRP A 1 37  ? 0.454   -2.460  -0.081  1.00 13.86 ? 37  TRP A CZ3 1 
ATOM   306  C CH2 . TRP A 1 37  ? 0.386   -2.234  1.309   1.00 14.40 ? 37  TRP A CH2 1 
ATOM   307  N N   . ARG A 1 38  ? 2.279   -0.357  -5.177  1.00 16.06 ? 38  ARG A N   1 
ATOM   308  C CA  . ARG A 1 38  ? 1.962   -0.742  -6.557  1.00 16.15 ? 38  ARG A CA  1 
ATOM   309  C C   . ARG A 1 38  ? 0.801   -1.772  -6.578  1.00 17.02 ? 38  ARG A C   1 
ATOM   310  O O   . ARG A 1 38  ? 0.615   -2.545  -5.625  1.00 17.80 ? 38  ARG A O   1 
ATOM   311  C CB  . ARG A 1 38  ? 3.199   -1.300  -7.264  1.00 16.96 ? 38  ARG A CB  1 
ATOM   312  C CG  . ARG A 1 38  ? 4.199   -0.251  -7.700  1.00 16.79 ? 38  ARG A CG  1 
ATOM   313  C CD  . ARG A 1 38  ? 5.445   -0.882  -8.296  1.00 17.59 ? 38  ARG A CD  1 
ATOM   314  N NE  . ARG A 1 38  ? 6.473   0.127   -8.561  1.00 20.12 ? 38  ARG A NE  1 
ATOM   315  C CZ  . ARG A 1 38  ? 7.456   0.455   -7.707  1.00 20.92 ? 38  ARG A CZ  1 
ATOM   316  N NH1 . ARG A 1 38  ? 7.571   -0.152  -6.507  1.00 20.11 ? 38  ARG A NH1 1 
ATOM   317  N NH2 . ARG A 1 38  ? 8.323   1.409   -8.049  1.00 22.14 ? 38  ARG A NH2 1 
ATOM   318  N N   . TYR A 1 39  ? -0.006  -1.742  -7.636  1.00 17.31 ? 39  TYR A N   1 
ATOM   319  C CA  . TYR A 1 39  ? -1.170  -2.616  -7.791  1.00 17.11 ? 39  TYR A CA  1 
ATOM   320  C C   . TYR A 1 39  ? -1.129  -3.450  -9.093  1.00 18.15 ? 39  TYR A C   1 
ATOM   321  O O   . TYR A 1 39  ? -0.836  -2.918  -10.167 1.00 16.05 ? 39  TYR A O   1 
ATOM   322  C CB  . TYR A 1 39  ? -2.447  -1.760  -7.782  1.00 15.98 ? 39  TYR A CB  1 
ATOM   323  C CG  . TYR A 1 39  ? -3.728  -2.496  -8.169  1.00 16.55 ? 39  TYR A CG  1 
ATOM   324  C CD1 . TYR A 1 39  ? -4.302  -3.432  -7.307  1.00 16.78 ? 39  TYR A CD1 1 
ATOM   325  C CD2 . TYR A 1 39  ? -4.380  -2.242  -9.389  1.00 16.38 ? 39  TYR A CD2 1 
ATOM   326  C CE1 . TYR A 1 39  ? -5.506  -4.101  -7.639  1.00 16.65 ? 39  TYR A CE1 1 
ATOM   327  C CE2 . TYR A 1 39  ? -5.576  -2.912  -9.736  1.00 16.17 ? 39  TYR A CE2 1 
ATOM   328  C CZ  . TYR A 1 39  ? -6.122  -3.835  -8.846  1.00 17.00 ? 39  TYR A CZ  1 
ATOM   329  O OH  . TYR A 1 39  ? -7.288  -4.510  -9.133  1.00 18.39 ? 39  TYR A OH  1 
ATOM   330  N N   . GLN A 1 40  ? -1.433  -4.750  -8.965  1.00 19.57 ? 40  GLN A N   1 
ATOM   331  C CA  . GLN A 1 40  ? -1.503  -5.696  -10.088 1.00 19.95 ? 40  GLN A CA  1 
ATOM   332  C C   . GLN A 1 40  ? -2.892  -6.365  -10.044 1.00 19.47 ? 40  GLN A C   1 
ATOM   333  O O   . GLN A 1 40  ? -3.208  -7.091  -9.097  1.00 19.87 ? 40  GLN A O   1 
ATOM   334  C CB  . GLN A 1 40  ? -0.411  -6.759  -9.959  1.00 20.72 ? 40  GLN A CB  1 
ATOM   335  C CG  . GLN A 1 40  ? -0.427  -7.757  -11.119 1.00 22.77 ? 40  GLN A CG  1 
ATOM   336  C CD  . GLN A 1 40  ? 0.654   -8.821  -10.998 1.00 24.45 ? 40  GLN A CD  1 
ATOM   337  O OE1 . GLN A 1 40  ? 1.822   -8.591  -11.367 1.00 26.19 ? 40  GLN A OE1 1 
ATOM   338  N NE2 . GLN A 1 40  ? 0.281   -9.989  -10.491 1.00 24.32 ? 40  GLN A NE2 1 
ATOM   339  N N   . PRO A 1 41  ? -3.767  -6.083  -11.023 1.00 19.57 ? 41  PRO A N   1 
ATOM   340  C CA  . PRO A 1 41  ? -5.092  -6.714  -10.990 1.00 20.78 ? 41  PRO A CA  1 
ATOM   341  C C   . PRO A 1 41  ? -5.051  -8.241  -11.118 1.00 22.29 ? 41  PRO A C   1 
ATOM   342  O O   . PRO A 1 41  ? -4.094  -8.822  -11.663 1.00 21.68 ? 41  PRO A O   1 
ATOM   343  C CB  . PRO A 1 41  ? -5.823  -6.069  -12.163 1.00 19.95 ? 41  PRO A CB  1 
ATOM   344  C CG  . PRO A 1 41  ? -4.737  -5.699  -13.085 1.00 20.63 ? 41  PRO A CG  1 
ATOM   345  C CD  . PRO A 1 41  ? -3.632  -5.202  -12.189 1.00 20.01 ? 41  PRO A CD  1 
ATOM   346  N N   . GLU A 1 42  ? -6.068  -8.886  -10.570 1.00 24.34 ? 42  GLU A N   1 
ATOM   347  C CA  . GLU A 1 42  ? -6.162  -10.339 -10.598 1.00 26.95 ? 42  GLU A CA  1 
ATOM   348  C C   . GLU A 1 42  ? -6.021  -10.836 -12.036 1.00 27.33 ? 42  GLU A C   1 
ATOM   349  O O   . GLU A 1 42  ? -6.686  -10.340 -12.954 1.00 27.01 ? 42  GLU A O   1 
ATOM   350  C CB  . GLU A 1 42  ? -7.501  -10.758 -10.016 1.00 28.80 ? 42  GLU A CB  1 
ATOM   351  C CG  . GLU A 1 42  ? -7.656  -12.206 -9.707  1.00 31.66 ? 42  GLU A CG  1 
ATOM   352  C CD  . GLU A 1 42  ? -9.049  -12.470 -9.194  1.00 33.98 ? 42  GLU A CD  1 
ATOM   353  O OE1 . GLU A 1 42  ? -10.004 -12.252 -9.979  1.00 35.02 ? 42  GLU A OE1 1 
ATOM   354  O OE2 . GLU A 1 42  ? -9.198  -12.828 -8.000  1.00 35.62 ? 42  GLU A OE2 1 
ATOM   355  N N   . GLY A 1 43  ? -5.066  -11.731 -12.240 1.00 28.56 ? 43  GLY A N   1 
ATOM   356  C CA  . GLY A 1 43  ? -4.837  -12.275 -13.565 1.00 29.81 ? 43  GLY A CA  1 
ATOM   357  C C   . GLY A 1 43  ? -3.977  -11.430 -14.486 1.00 30.22 ? 43  GLY A C   1 
ATOM   358  O O   . GLY A 1 43  ? -3.842  -11.767 -15.665 1.00 31.29 ? 43  GLY A O   1 
ATOM   359  N N   . GLY A 1 44  ? -3.392  -10.348 -13.971 1.00 29.88 ? 44  GLY A N   1 
ATOM   360  C CA  . GLY A 1 44  ? -2.537  -9.504  -14.795 1.00 28.30 ? 44  GLY A CA  1 
ATOM   361  C C   . GLY A 1 44  ? -1.098  -9.652  -14.344 1.00 27.76 ? 44  GLY A C   1 
ATOM   362  O O   . GLY A 1 44  ? -0.828  -10.367 -13.376 1.00 27.71 ? 44  GLY A O   1 
ATOM   363  N N   . ARG A 1 45  ? -0.162  -9.037  -15.061 1.00 27.38 ? 45  ARG A N   1 
ATOM   364  C CA  . ARG A 1 45  ? 1.239   -9.090  -14.653 1.00 28.16 ? 45  ARG A CA  1 
ATOM   365  C C   . ARG A 1 45  ? 1.935   -7.715  -14.532 1.00 27.52 ? 45  ARG A C   1 
ATOM   366  O O   . ARG A 1 45  ? 3.134   -7.655  -14.229 1.00 28.90 ? 45  ARG A O   1 
ATOM   367  C CB  . ARG A 1 45  ? 2.050   -10.048 -15.527 1.00 28.71 ? 45  ARG A CB  1 
ATOM   368  C CG  . ARG A 1 45  ? 1.837   -11.509 -15.152 1.00 29.91 ? 45  ARG A CG  1 
ATOM   369  C CD  . ARG A 1 45  ? 2.842   -12.412 -15.840 1.00 31.13 ? 45  ARG A CD  1 
ATOM   370  N NE  . ARG A 1 45  ? 2.524   -12.564 -17.253 1.00 33.28 ? 45  ARG A NE  1 
ATOM   371  C CZ  . ARG A 1 45  ? 1.691   -13.493 -17.726 1.00 34.57 ? 45  ARG A CZ  1 
ATOM   372  N NH1 . ARG A 1 45  ? 1.108   -14.353 -16.881 1.00 35.02 ? 45  ARG A NH1 1 
ATOM   373  N NH2 . ARG A 1 45  ? 1.410   -13.544 -19.032 1.00 35.38 ? 45  ARG A NH2 1 
ATOM   374  N N   . ASP A 1 46  ? 1.188   -6.633  -14.764 1.00 25.85 ? 46  ASP A N   1 
ATOM   375  C CA  . ASP A 1 46  ? 1.706   -5.259  -14.662 1.00 25.44 ? 46  ASP A CA  1 
ATOM   376  C C   . ASP A 1 46  ? 1.509   -4.655  -13.278 1.00 24.49 ? 46  ASP A C   1 
ATOM   377  O O   . ASP A 1 46  ? 0.383   -4.627  -12.803 1.00 25.15 ? 46  ASP A O   1 
ATOM   378  C CB  . ASP A 1 46  ? 0.953   -4.359  -15.615 1.00 26.14 ? 46  ASP A CB  1 
ATOM   379  C CG  . ASP A 1 46  ? 1.354   -4.556  -17.029 1.00 27.63 ? 46  ASP A CG  1 
ATOM   380  O OD1 . ASP A 1 46  ? 2.279   -5.356  -17.307 1.00 26.55 ? 46  ASP A OD1 1 
ATOM   381  O OD2 . ASP A 1 46  ? 0.740   -3.884  -17.884 1.00 30.26 ? 46  ASP A OD2 1 
ATOM   382  N N   . ALA A 1 47  ? 2.556   -4.094  -12.674 1.00 23.55 ? 47  ALA A N   1 
ATOM   383  C CA  . ALA A 1 47  ? 2.432   -3.470  -11.333 1.00 21.65 ? 47  ALA A CA  1 
ATOM   384  C C   . ALA A 1 47  ? 2.441   -1.936  -11.446 1.00 21.50 ? 47  ALA A C   1 
ATOM   385  O O   . ALA A 1 47  ? 3.505   -1.332  -11.676 1.00 21.82 ? 47  ALA A O   1 
ATOM   386  C CB  . ALA A 1 47  ? 3.556   -3.940  -10.440 1.00 21.44 ? 47  ALA A CB  1 
ATOM   387  N N   . ILE A 1 48  ? 1.278   -1.302  -11.280 1.00 19.65 ? 48  ILE A N   1 
ATOM   388  C CA  . ILE A 1 48  ? 1.146   0.156   -11.417 1.00 18.17 ? 48  ILE A CA  1 
ATOM   389  C C   . ILE A 1 48  ? 1.246   0.880   -10.064 1.00 17.32 ? 48  ILE A C   1 
ATOM   390  O O   . ILE A 1 48  ? 0.604   0.455   -9.114  1.00 16.02 ? 48  ILE A O   1 
ATOM   391  C CB  . ILE A 1 48  ? -0.194  0.509   -12.129 1.00 17.82 ? 48  ILE A CB  1 
ATOM   392  C CG1 . ILE A 1 48  ? -0.271  -0.258  -13.451 1.00 19.28 ? 48  ILE A CG1 1 
ATOM   393  C CG2 . ILE A 1 48  ? -0.303  1.982   -12.436 1.00 17.80 ? 48  ILE A CG2 1 
ATOM   394  C CD1 . ILE A 1 48  ? 0.976   -0.078  -14.360 1.00 20.36 ? 48  ILE A CD1 1 
ATOM   395  N N   . SER A 1 49  ? 2.055   1.950   -9.990  1.00 16.76 ? 49  SER A N   1 
ATOM   396  C CA  . SER A 1 49  ? 2.225   2.711   -8.740  1.00 16.87 ? 49  SER A CA  1 
ATOM   397  C C   . SER A 1 49  ? 0.982   3.557   -8.473  1.00 16.48 ? 49  SER A C   1 
ATOM   398  O O   . SER A 1 49  ? 0.445   4.178   -9.388  1.00 17.27 ? 49  SER A O   1 
ATOM   399  C CB  A SER A 1 49  ? 3.472   3.621   -8.847  0.69 17.99 ? 49  SER A CB  1 
ATOM   400  C CB  B SER A 1 49  ? 3.527   3.542   -8.748  0.45 17.41 ? 49  SER A CB  1 
ATOM   401  O OG  A SER A 1 49  ? 3.621   4.500   -7.734  0.69 17.86 ? 49  SER A OG  1 
ATOM   402  O OG  B SER A 1 49  ? 3.390   4.804   -9.375  0.45 17.03 ? 49  SER A OG  1 
ATOM   403  N N   . ILE A 1 50  ? 0.446   3.471   -7.255  1.00 16.63 ? 50  ILE A N   1 
ATOM   404  C CA  . ILE A 1 50  ? -0.756  4.235   -6.888  1.00 16.20 ? 50  ILE A CA  1 
ATOM   405  C C   . ILE A 1 50  ? -0.504  5.276   -5.773  1.00 17.09 ? 50  ILE A C   1 
ATOM   406  O O   . ILE A 1 50  ? -1.305  6.223   -5.599  1.00 16.20 ? 50  ILE A O   1 
ATOM   407  C CB  . ILE A 1 50  ? -1.918  3.311   -6.468  1.00 16.05 ? 50  ILE A CB  1 
ATOM   408  C CG1 . ILE A 1 50  ? -1.658  2.703   -5.081  1.00 15.76 ? 50  ILE A CG1 1 
ATOM   409  C CG2 . ILE A 1 50  ? -2.130  2.205   -7.570  1.00 16.90 ? 50  ILE A CG2 1 
ATOM   410  C CD1 . ILE A 1 50  ? -2.796  1.821   -4.546  1.00 16.14 ? 50  ILE A CD1 1 
ATOM   411  N N   . PHE A 1 51  ? 0.616   5.131   -5.059  1.00 17.30 ? 51  PHE A N   1 
ATOM   412  C CA  . PHE A 1 51  ? 0.959   6.050   -3.968  1.00 18.17 ? 51  PHE A CA  1 
ATOM   413  C C   . PHE A 1 51  ? 2.459   6.082   -3.674  1.00 18.62 ? 51  PHE A C   1 
ATOM   414  O O   . PHE A 1 51  ? 3.111   5.044   -3.716  1.00 18.07 ? 51  PHE A O   1 
ATOM   415  C CB  . PHE A 1 51  ? 0.201   5.647   -2.692  1.00 18.76 ? 51  PHE A CB  1 
ATOM   416  C CG  . PHE A 1 51  ? 0.506   6.536   -1.495  1.00 19.40 ? 51  PHE A CG  1 
ATOM   417  C CD1 . PHE A 1 51  ? -0.205  7.722   -1.289  1.00 18.74 ? 51  PHE A CD1 1 
ATOM   418  C CD2 . PHE A 1 51  ? 1.550   6.213   -0.618  1.00 19.18 ? 51  PHE A CD2 1 
ATOM   419  C CE1 . PHE A 1 51  ? 0.129   8.571   -0.236  1.00 18.90 ? 51  PHE A CE1 1 
ATOM   420  C CE2 . PHE A 1 51  ? 1.884   7.066   0.436   1.00 19.65 ? 51  PHE A CE2 1 
ATOM   421  C CZ  . PHE A 1 51  ? 1.168   8.251   0.619   1.00 18.74 ? 51  PHE A CZ  1 
ATOM   422  N N   . HIS A 1 52  ? 2.978   7.260   -3.313  1.00 18.82 ? 52  HIS A N   1 
ATOM   423  C CA  . HIS A 1 52  ? 4.397   7.434   -2.977  1.00 19.81 ? 52  HIS A CA  1 
ATOM   424  C C   . HIS A 1 52  ? 4.579   8.453   -1.841  1.00 20.67 ? 52  HIS A C   1 
ATOM   425  O O   . HIS A 1 52  ? 3.867   9.457   -1.776  1.00 19.23 ? 52  HIS A O   1 
ATOM   426  C CB  . HIS A 1 52  ? 5.203   7.918   -4.188  1.00 20.49 ? 52  HIS A CB  1 
ATOM   427  C CG  . HIS A 1 52  ? 6.690   7.868   -3.986  1.00 21.06 ? 52  HIS A CG  1 
ATOM   428  N ND1 . HIS A 1 52  ? 7.467   8.999   -3.896  1.00 21.94 ? 52  HIS A ND1 1 
ATOM   429  C CD2 . HIS A 1 52  ? 7.539   6.819   -3.883  1.00 20.53 ? 52  HIS A CD2 1 
ATOM   430  C CE1 . HIS A 1 52  ? 8.737   8.653   -3.748  1.00 21.08 ? 52  HIS A CE1 1 
ATOM   431  N NE2 . HIS A 1 52  ? 8.805   7.334   -3.737  1.00 21.96 ? 52  HIS A NE2 1 
ATOM   432  N N   . TYR A 1 53  ? 5.526   8.166   -0.949  1.00 21.58 ? 53  TYR A N   1 
ATOM   433  C CA  . TYR A 1 53  ? 5.855   9.045   0.173   1.00 22.54 ? 53  TYR A CA  1 
ATOM   434  C C   . TYR A 1 53  ? 7.392   9.226   0.320   1.00 22.36 ? 53  TYR A C   1 
ATOM   435  O O   . TYR A 1 53  ? 8.147   8.241   0.299   1.00 21.45 ? 53  TYR A O   1 
ATOM   436  C CB  . TYR A 1 53  ? 5.255   8.471   1.463   1.00 24.38 ? 53  TYR A CB  1 
ATOM   437  C CG  . TYR A 1 53  ? 5.397   9.400   2.627   1.00 26.54 ? 53  TYR A CG  1 
ATOM   438  C CD1 . TYR A 1 53  ? 6.613   9.503   3.332   1.00 27.32 ? 53  TYR A CD1 1 
ATOM   439  C CD2 . TYR A 1 53  ? 4.335   10.229  2.997   1.00 27.17 ? 53  TYR A CD2 1 
ATOM   440  C CE1 . TYR A 1 53  ? 6.758   10.425  4.381   1.00 28.25 ? 53  TYR A CE1 1 
ATOM   441  C CE2 . TYR A 1 53  ? 4.464   11.136  4.039   1.00 28.27 ? 53  TYR A CE2 1 
ATOM   442  C CZ  . TYR A 1 53  ? 5.669   11.225  4.726   1.00 28.68 ? 53  TYR A CZ  1 
ATOM   443  O OH  . TYR A 1 53  ? 5.734   12.077  5.809   1.00 30.65 ? 53  TYR A OH  1 
ATOM   444  N N   . ALA A 1 54  ? 7.857   10.473  0.443   1.00 21.87 ? 54  ALA A N   1 
ATOM   445  C CA  . ALA A 1 54  ? 9.290   10.756  0.615   1.00 21.88 ? 54  ALA A CA  1 
ATOM   446  C C   . ALA A 1 54  ? 9.558   12.176  1.082   1.00 22.55 ? 54  ALA A C   1 
ATOM   447  O O   . ALA A 1 54  ? 8.831   13.083  0.708   1.00 22.77 ? 54  ALA A O   1 
ATOM   448  C CB  . ALA A 1 54  ? 10.017  10.526  -0.665  1.00 21.91 ? 54  ALA A CB  1 
ATOM   449  N N   . LYS A 1 55  ? 10.647  12.367  1.821   1.00 23.21 ? 55  LYS A N   1 
ATOM   450  C CA  . LYS A 1 55  ? 11.062  13.679  2.349   1.00 25.08 ? 55  LYS A CA  1 
ATOM   451  C C   . LYS A 1 55  ? 9.902   14.388  2.991   1.00 25.44 ? 55  LYS A C   1 
ATOM   452  O O   . LYS A 1 55  ? 9.670   15.578  2.724   1.00 26.01 ? 55  LYS A O   1 
ATOM   453  C CB  . LYS A 1 55  ? 11.621  14.604  1.256   1.00 25.85 ? 55  LYS A CB  1 
ATOM   454  C CG  . LYS A 1 55  ? 12.712  14.018  0.376   1.00 27.73 ? 55  LYS A CG  1 
ATOM   455  C CD  . LYS A 1 55  ? 13.837  13.384  1.185   1.00 29.19 ? 55  LYS A CD  1 
ATOM   456  C CE  . LYS A 1 55  ? 14.916  12.780  0.273   1.00 30.10 ? 55  LYS A CE  1 
ATOM   457  N NZ  . LYS A 1 55  ? 16.019  12.151  1.049   1.00 30.25 ? 55  LYS A NZ  1 
ATOM   458  N N   . GLY A 1 56  ? 9.135   13.636  3.774   1.00 25.78 ? 56  GLY A N   1 
ATOM   459  C CA  . GLY A 1 56  ? 7.973   14.186  4.452   1.00 25.77 ? 56  GLY A CA  1 
ATOM   460  C C   . GLY A 1 56  ? 6.730   14.505  3.623   1.00 26.42 ? 56  GLY A C   1 
ATOM   461  O O   . GLY A 1 56  ? 5.726   14.927  4.199   1.00 27.37 ? 56  GLY A O   1 
ATOM   462  N N   . GLN A 1 57  ? 6.759   14.254  2.307   1.00 26.79 ? 57  GLN A N   1 
ATOM   463  C CA  . GLN A 1 57  ? 5.631   14.549  1.410   1.00 25.42 ? 57  GLN A CA  1 
ATOM   464  C C   . GLN A 1 57  ? 4.915   13.347  0.755   1.00 25.22 ? 57  GLN A C   1 
ATOM   465  O O   . GLN A 1 57  ? 5.570   12.474  0.192   1.00 24.04 ? 57  GLN A O   1 
ATOM   466  C CB  . GLN A 1 57  ? 6.124   15.449  0.270   1.00 24.98 ? 57  GLN A CB  1 
ATOM   467  C CG  . GLN A 1 57  ? 6.797   16.725  0.710   1.00 25.74 ? 57  GLN A CG  1 
ATOM   468  N N   . PRO A 1 58  ? 3.564   13.298  0.821   1.00 25.17 ? 58  PRO A N   1 
ATOM   469  C CA  . PRO A 1 58  ? 2.769   12.212  0.209   1.00 25.27 ? 58  PRO A CA  1 
ATOM   470  C C   . PRO A 1 58  ? 2.323   12.596  -1.215  1.00 25.11 ? 58  PRO A C   1 
ATOM   471  O O   . PRO A 1 58  ? 2.040   13.774  -1.490  1.00 23.68 ? 58  PRO A O   1 
ATOM   472  C CB  . PRO A 1 58  ? 1.557   12.067  1.129   1.00 24.98 ? 58  PRO A CB  1 
ATOM   473  C CG  . PRO A 1 58  ? 1.578   13.352  2.029   1.00 25.10 ? 58  PRO A CG  1 
ATOM   474  C CD  . PRO A 1 58  ? 2.720   14.209  1.619   1.00 24.55 ? 58  PRO A CD  1 
ATOM   475  N N   . TYR A 1 59  ? 2.278   11.602  -2.104  1.00 25.05 ? 59  TYR A N   1 
ATOM   476  C CA  . TYR A 1 59  ? 1.870   11.770  -3.500  1.00 25.25 ? 59  TYR A CA  1 
ATOM   477  C C   . TYR A 1 59  ? 0.836   10.683  -3.832  1.00 25.24 ? 59  TYR A C   1 
ATOM   478  O O   . TYR A 1 59  ? 1.132   9.492   -3.759  1.00 24.52 ? 59  TYR A O   1 
ATOM   479  C CB  . TYR A 1 59  ? 3.076   11.606  -4.428  1.00 26.53 ? 59  TYR A CB  1 
ATOM   480  C CG  . TYR A 1 59  ? 4.241   12.513  -4.110  1.00 28.16 ? 59  TYR A CG  1 
ATOM   481  C CD1 . TYR A 1 59  ? 4.248   13.826  -4.560  1.00 28.99 ? 59  TYR A CD1 1 
ATOM   482  C CD2 . TYR A 1 59  ? 5.321   12.069  -3.328  1.00 28.84 ? 59  TYR A CD2 1 
ATOM   483  C CE1 . TYR A 1 59  ? 5.290   14.689  -4.239  1.00 30.36 ? 59  TYR A CE1 1 
ATOM   484  C CE2 . TYR A 1 59  ? 6.381   12.923  -2.996  1.00 29.58 ? 59  TYR A CE2 1 
ATOM   485  C CZ  . TYR A 1 59  ? 6.351   14.235  -3.457  1.00 30.62 ? 59  TYR A CZ  1 
ATOM   486  O OH  . TYR A 1 59  ? 7.343   15.134  -3.134  1.00 31.56 ? 59  TYR A OH  1 
ATOM   487  N N   . ILE A 1 60  ? -0.376  11.092  -4.173  1.00 25.47 ? 60  ILE A N   1 
ATOM   488  C CA  . ILE A 1 60  ? -1.448  10.166  -4.522  1.00 27.11 ? 60  ILE A CA  1 
ATOM   489  C C   . ILE A 1 60  ? -1.737  10.301  -6.005  1.00 28.24 ? 60  ILE A C   1 
ATOM   490  O O   . ILE A 1 60  ? -1.801  11.400  -6.535  1.00 27.33 ? 60  ILE A O   1 
ATOM   491  C CB  . ILE A 1 60  ? -2.761  10.485  -3.737  1.00 27.31 ? 60  ILE A CB  1 
ATOM   492  C CG1 . ILE A 1 60  ? -2.555  10.246  -2.226  1.00 27.76 ? 60  ILE A CG1 1 
ATOM   493  C CG2 . ILE A 1 60  ? -3.913  9.652   -4.255  1.00 26.30 ? 60  ILE A CG2 1 
ATOM   494  C CD1 . ILE A 1 60  ? -3.553  10.956  -1.337  1.00 27.30 ? 60  ILE A CD1 1 
ATOM   495  N N   . ASP A 1 61  ? -1.874  9.165   -6.671  1.00 31.09 ? 61  ASP A N   1 
ATOM   496  C CA  . ASP A 1 61  ? -2.178  9.131   -8.103  1.00 33.08 ? 61  ASP A CA  1 
ATOM   497  C C   . ASP A 1 61  ? -3.613  9.602   -8.366  1.00 33.92 ? 61  ASP A C   1 
ATOM   498  O O   . ASP A 1 61  ? -4.565  9.216   -7.667  1.00 33.34 ? 61  ASP A O   1 
ATOM   499  C CB  . ASP A 1 61  ? -1.983  7.712   -8.649  1.00 33.99 ? 61  ASP A CB  1 
ATOM   500  N N   . GLU A 1 62  ? -3.760  10.440  -9.378  1.00 35.88 ? 62  GLU A N   1 
ATOM   501  C CA  . GLU A 1 62  ? -5.054  10.992  -9.739  1.00 38.02 ? 62  GLU A CA  1 
ATOM   502  C C   . GLU A 1 62  ? -5.516  10.496  -11.103 1.00 37.22 ? 62  GLU A C   1 
ATOM   503  O O   . GLU A 1 62  ? -6.581  10.884  -11.566 1.00 37.30 ? 62  GLU A O   1 
ATOM   504  C CB  . GLU A 1 62  ? -4.982  12.528  -9.731  1.00 40.12 ? 62  GLU A CB  1 
ATOM   505  C CG  . GLU A 1 62  ? -4.670  13.126  -8.337  1.00 43.25 ? 62  GLU A CG  1 
ATOM   506  C CD  . GLU A 1 62  ? -4.669  14.658  -8.301  1.00 44.67 ? 62  GLU A CD  1 
ATOM   507  O OE1 . GLU A 1 62  ? -5.600  15.282  -8.874  1.00 46.01 ? 62  GLU A OE1 1 
ATOM   508  O OE2 . GLU A 1 62  ? -3.757  15.241  -7.660  1.00 45.49 ? 62  GLU A OE2 1 
ATOM   509  N N   . VAL A 1 63  ? -4.808  9.512   -11.648 1.00 36.53 ? 63  VAL A N   1 
ATOM   510  C CA  . VAL A 1 63  ? -5.114  8.994   -12.974 1.00 35.87 ? 63  VAL A CA  1 
ATOM   511  C C   . VAL A 1 63  ? -5.595  7.529   -13.167 1.00 35.25 ? 63  VAL A C   1 
ATOM   512  O O   . VAL A 1 63  ? -6.294  7.222   -14.154 1.00 35.41 ? 63  VAL A O   1 
ATOM   513  C CB  . VAL A 1 63  ? -3.903  9.312   -13.883 1.00 36.11 ? 63  VAL A CB  1 
ATOM   514  C CG1 . VAL A 1 63  ? -3.238  8.064   -14.411 1.00 36.33 ? 63  VAL A CG1 1 
ATOM   515  C CG2 . VAL A 1 63  ? -4.330  10.241  -14.975 1.00 36.59 ? 63  VAL A CG2 1 
ATOM   516  N N   . GLY A 1 64  ? -5.272  6.652   -12.222 1.00 32.97 ? 64  GLY A N   1 
ATOM   517  C CA  . GLY A 1 64  ? -5.629  5.251   -12.348 1.00 30.89 ? 64  GLY A CA  1 
ATOM   518  C C   . GLY A 1 64  ? -6.878  4.668   -11.714 1.00 30.01 ? 64  GLY A C   1 
ATOM   519  O O   . GLY A 1 64  ? -7.797  5.376   -11.321 1.00 29.65 ? 64  GLY A O   1 
ATOM   520  N N   . THR A 1 65  ? -6.861  3.347   -11.559 1.00 29.49 ? 65  THR A N   1 
ATOM   521  C CA  . THR A 1 65  ? -7.979  2.582   -11.011 1.00 29.53 ? 65  THR A CA  1 
ATOM   522  C C   . THR A 1 65  ? -8.489  3.011   -9.641  1.00 28.16 ? 65  THR A C   1 
ATOM   523  O O   . THR A 1 65  ? -9.684  2.883   -9.380  1.00 28.62 ? 65  THR A O   1 
ATOM   524  C CB  . THR A 1 65  ? -7.661  1.045   -11.007 1.00 30.28 ? 65  THR A CB  1 
ATOM   525  O OG1 . THR A 1 65  ? -8.624  0.326   -10.220 1.00 31.43 ? 65  THR A OG1 1 
ATOM   526  C CG2 . THR A 1 65  ? -6.317  0.792   -10.430 1.00 31.35 ? 65  THR A CG2 1 
ATOM   527  N N   . PHE A 1 66  ? -7.601  3.495   -8.767  1.00 26.26 ? 66  PHE A N   1 
ATOM   528  C CA  . PHE A 1 66  ? -8.013  3.896   -7.417  1.00 24.98 ? 66  PHE A CA  1 
ATOM   529  C C   . PHE A 1 66  ? -7.973  5.400   -7.198  1.00 25.63 ? 66  PHE A C   1 
ATOM   530  O O   . PHE A 1 66  ? -7.959  5.882   -6.069  1.00 24.71 ? 66  PHE A O   1 
ATOM   531  C CB  . PHE A 1 66  ? -7.191  3.152   -6.343  1.00 23.51 ? 66  PHE A CB  1 
ATOM   532  C CG  . PHE A 1 66  ? -7.382  1.635   -6.365  1.00 22.07 ? 66  PHE A CG  1 
ATOM   533  C CD1 . PHE A 1 66  ? -8.509  1.046   -5.791  1.00 21.31 ? 66  PHE A CD1 1 
ATOM   534  C CD2 . PHE A 1 66  ? -6.461  0.808   -7.028  1.00 21.28 ? 66  PHE A CD2 1 
ATOM   535  C CE1 . PHE A 1 66  ? -8.716  -0.342  -5.888  1.00 21.01 ? 66  PHE A CE1 1 
ATOM   536  C CE2 . PHE A 1 66  ? -6.667  -0.561  -7.122  1.00 20.15 ? 66  PHE A CE2 1 
ATOM   537  C CZ  . PHE A 1 66  ? -7.793  -1.132  -6.555  1.00 20.20 ? 66  PHE A CZ  1 
ATOM   538  N N   . LYS A 1 67  ? -7.996  6.148   -8.290  1.00 26.80 ? 67  LYS A N   1 
ATOM   539  C CA  . LYS A 1 67  ? -7.983  7.587   -8.176  1.00 28.34 ? 67  LYS A CA  1 
ATOM   540  C C   . LYS A 1 67  ? -9.232  8.017   -7.379  1.00 28.11 ? 67  LYS A C   1 
ATOM   541  O O   . LYS A 1 67  ? -10.335 7.463   -7.592  1.00 28.26 ? 67  LYS A O   1 
ATOM   542  C CB  . LYS A 1 67  ? -7.982  8.220   -9.561  1.00 30.13 ? 67  LYS A CB  1 
ATOM   543  C CG  . LYS A 1 67  ? -9.233  7.973   -10.370 1.00 32.36 ? 67  LYS A CG  1 
ATOM   544  C CD  . LYS A 1 67  ? -9.039  8.569   -11.759 1.00 34.41 ? 67  LYS A CD  1 
ATOM   545  C CE  . LYS A 1 67  ? -10.106 9.589   -12.082 1.00 36.03 ? 67  LYS A CE  1 
ATOM   546  N NZ  . LYS A 1 67  ? -11.452 8.922   -12.132 1.00 37.83 ? 67  LYS A NZ  1 
ATOM   547  N N   . GLU A 1 68  ? -9.043  8.953   -6.447  1.00 26.06 ? 68  GLU A N   1 
ATOM   548  C CA  . GLU A 1 68  ? -10.115 9.481   -5.602  1.00 25.35 ? 68  GLU A CA  1 
ATOM   549  C C   . GLU A 1 68  ? -10.605 8.485   -4.557  1.00 22.86 ? 68  GLU A C   1 
ATOM   550  O O   . GLU A 1 68  ? -11.622 8.722   -3.894  1.00 21.29 ? 68  GLU A O   1 
ATOM   551  C CB  . GLU A 1 68  ? -11.297 9.956   -6.439  1.00 27.31 ? 68  GLU A CB  1 
ATOM   552  C CG  . GLU A 1 68  ? -10.989 11.175  -7.260  1.00 31.05 ? 68  GLU A CG  1 
ATOM   553  C CD  . GLU A 1 68  ? -12.163 11.589  -8.128  1.00 33.93 ? 68  GLU A CD  1 
ATOM   554  O OE1 . GLU A 1 68  ? -13.307 11.144  -7.866  1.00 35.03 ? 68  GLU A OE1 1 
ATOM   555  O OE2 . GLU A 1 68  ? -11.947 12.360  -9.087  1.00 36.14 ? 68  GLU A OE2 1 
ATOM   556  N N   . ARG A 1 69  ? -9.852  7.398   -4.390  1.00 20.90 ? 69  ARG A N   1 
ATOM   557  C CA  . ARG A 1 69  ? -10.192 6.356   -3.439  1.00 19.37 ? 69  ARG A CA  1 
ATOM   558  C C   . ARG A 1 69  ? -9.025  5.926   -2.559  1.00 18.30 ? 69  ARG A C   1 
ATOM   559  O O   . ARG A 1 69  ? -9.092  4.868   -1.937  1.00 17.80 ? 69  ARG A O   1 
ATOM   560  C CB  . ARG A 1 69  ? -10.813 5.144   -4.154  1.00 20.44 ? 69  ARG A CB  1 
ATOM   561  C CG  . ARG A 1 69  ? -12.124 5.468   -4.894  1.00 20.80 ? 69  ARG A CG  1 
ATOM   562  C CD  . ARG A 1 69  ? -12.870 4.216   -5.366  1.00 20.87 ? 69  ARG A CD  1 
ATOM   563  N NE  . ARG A 1 69  ? -12.159 3.492   -6.420  1.00 20.33 ? 69  ARG A NE  1 
ATOM   564  C CZ  . ARG A 1 69  ? -11.997 2.166   -6.461  1.00 20.50 ? 69  ARG A CZ  1 
ATOM   565  N NH1 . ARG A 1 69  ? -12.473 1.396   -5.494  1.00 20.21 ? 69  ARG A NH1 1 
ATOM   566  N NH2 . ARG A 1 69  ? -11.443 1.596   -7.530  1.00 20.14 ? 69  ARG A NH2 1 
ATOM   567  N N   . ILE A 1 70  ? -7.996  6.775   -2.450  1.00 17.28 ? 70  ILE A N   1 
ATOM   568  C CA  . ILE A 1 70  ? -6.821  6.484   -1.602  1.00 17.40 ? 70  ILE A CA  1 
ATOM   569  C C   . ILE A 1 70  ? -6.638  7.523   -0.474  1.00 17.72 ? 70  ILE A C   1 
ATOM   570  O O   . ILE A 1 70  ? -6.759  8.739   -0.720  1.00 17.74 ? 70  ILE A O   1 
ATOM   571  C CB  . ILE A 1 70  ? -5.509  6.448   -2.422  1.00 17.73 ? 70  ILE A CB  1 
ATOM   572  C CG1 . ILE A 1 70  ? -5.556  5.287   -3.423  1.00 18.94 ? 70  ILE A CG1 1 
ATOM   573  C CG2 . ILE A 1 70  ? -4.315  6.253   -1.508  1.00 16.86 ? 70  ILE A CG2 1 
ATOM   574  C CD1 . ILE A 1 70  ? -4.639  5.475   -4.583  1.00 19.67 ? 70  ILE A CD1 1 
ATOM   575  N N   . GLN A 1 71  ? -6.379  7.047   0.746   1.00 16.81 ? 71  GLN A N   1 
ATOM   576  C CA  . GLN A 1 71  ? -6.143  7.919   1.888   1.00 17.48 ? 71  GLN A CA  1 
ATOM   577  C C   . GLN A 1 71  ? -4.842  7.515   2.574   1.00 17.80 ? 71  GLN A C   1 
ATOM   578  O O   . GLN A 1 71  ? -4.651  6.337   2.862   1.00 18.10 ? 71  GLN A O   1 
ATOM   579  C CB  . GLN A 1 71  ? -7.288  7.827   2.901   1.00 17.85 ? 71  GLN A CB  1 
ATOM   580  C CG  . GLN A 1 71  ? -7.011  8.603   4.199   1.00 18.65 ? 71  GLN A CG  1 
ATOM   581  C CD  . GLN A 1 71  ? -8.126  8.481   5.206   1.00 20.17 ? 71  GLN A CD  1 
ATOM   582  O OE1 . GLN A 1 71  ? -8.997  7.621   5.086   1.00 20.84 ? 71  GLN A OE1 1 
ATOM   583  N NE2 . GLN A 1 71  ? -8.121  9.349   6.202   1.00 21.23 ? 71  GLN A NE2 1 
ATOM   584  N N   . TRP A 1 72  ? -3.951  8.476   2.822   1.00 17.41 ? 72  TRP A N   1 
ATOM   585  C CA  . TRP A 1 72  ? -2.673  8.200   3.492   1.00 17.29 ? 72  TRP A CA  1 
ATOM   586  C C   . TRP A 1 72  ? -2.908  8.177   4.989   1.00 16.76 ? 72  TRP A C   1 
ATOM   587  O O   . TRP A 1 72  ? -3.455  9.139   5.535   1.00 17.06 ? 72  TRP A O   1 
ATOM   588  C CB  . TRP A 1 72  ? -1.621  9.271   3.122   1.00 18.03 ? 72  TRP A CB  1 
ATOM   589  C CG  . TRP A 1 72  ? -0.397  9.367   4.078   1.00 19.40 ? 72  TRP A CG  1 
ATOM   590  C CD1 . TRP A 1 72  ? -0.072  10.442  4.877   1.00 20.33 ? 72  TRP A CD1 1 
ATOM   591  C CD2 . TRP A 1 72  ? 0.672   8.410   4.264   1.00 19.19 ? 72  TRP A CD2 1 
ATOM   592  N NE1 . TRP A 1 72  ? 1.121   10.221  5.519   1.00 20.16 ? 72  TRP A NE1 1 
ATOM   593  C CE2 . TRP A 1 72  ? 1.605   8.991   5.168   1.00 19.60 ? 72  TRP A CE2 1 
ATOM   594  C CE3 . TRP A 1 72  ? 0.939   7.131   3.752   1.00 18.91 ? 72  TRP A CE3 1 
ATOM   595  C CZ2 . TRP A 1 72  ? 2.783   8.346   5.566   1.00 19.02 ? 72  TRP A CZ2 1 
ATOM   596  C CZ3 . TRP A 1 72  ? 2.125   6.485   4.150   1.00 19.04 ? 72  TRP A CZ3 1 
ATOM   597  C CH2 . TRP A 1 72  ? 3.032   7.102   5.050   1.00 19.00 ? 72  TRP A CH2 1 
ATOM   598  N N   . VAL A 1 73  ? -2.563  7.077   5.649   1.00 16.59 ? 73  VAL A N   1 
ATOM   599  C CA  . VAL A 1 73  ? -2.763  7.001   7.103   1.00 17.82 ? 73  VAL A CA  1 
ATOM   600  C C   . VAL A 1 73  ? -1.511  6.564   7.873   1.00 18.57 ? 73  VAL A C   1 
ATOM   601  O O   . VAL A 1 73  ? -1.581  6.217   9.052   1.00 18.86 ? 73  VAL A O   1 
ATOM   602  C CB  . VAL A 1 73  ? -4.004  6.109   7.530   1.00 17.69 ? 73  VAL A CB  1 
ATOM   603  C CG1 . VAL A 1 73  ? -5.319  6.719   7.042   1.00 17.39 ? 73  VAL A CG1 1 
ATOM   604  C CG2 . VAL A 1 73  ? -3.855  4.655   7.036   1.00 17.98 ? 73  VAL A CG2 1 
ATOM   605  N N   . GLY A 1 74  ? -0.354  6.649   7.234   1.00 18.58 ? 74  GLY A N   1 
ATOM   606  C CA  . GLY A 1 74  ? 0.859   6.232   7.906   1.00 20.26 ? 74  GLY A CA  1 
ATOM   607  C C   . GLY A 1 74  ? 1.568   7.329   8.685   1.00 21.50 ? 74  GLY A C   1 
ATOM   608  O O   . GLY A 1 74  ? 1.094   8.470   8.743   1.00 20.76 ? 74  GLY A O   1 
ATOM   609  N N   . ASP A 1 75  ? 2.698   6.957   9.282   1.00 23.59 ? 75  ASP A N   1 
ATOM   610  C CA  . ASP A 1 75  ? 3.554   7.861   10.054  1.00 26.08 ? 75  ASP A CA  1 
ATOM   611  C C   . ASP A 1 75  ? 4.969   7.377   9.937   1.00 25.78 ? 75  ASP A C   1 
ATOM   612  O O   . ASP A 1 75  ? 5.347   6.422   10.572  1.00 24.87 ? 75  ASP A O   1 
ATOM   613  C CB  . ASP A 1 75  ? 3.187   7.882   11.548  1.00 28.22 ? 75  ASP A CB  1 
ATOM   614  C CG  . ASP A 1 75  ? 3.824   9.093   12.320  1.00 29.74 ? 75  ASP A CG  1 
ATOM   615  O OD1 . ASP A 1 75  ? 4.891   9.641   11.925  1.00 29.83 ? 75  ASP A OD1 1 
ATOM   616  O OD2 . ASP A 1 75  ? 3.222   9.504   13.336  1.00 31.20 ? 75  ASP A OD2 1 
ATOM   617  N N   . PRO A 1 76  ? 5.783   8.075   9.167   1.00 28.08 ? 76  PRO A N   1 
ATOM   618  C CA  . PRO A 1 76  ? 7.198   7.800   8.901   1.00 30.38 ? 76  PRO A CA  1 
ATOM   619  C C   . PRO A 1 76  ? 8.010   7.727   10.184  1.00 32.76 ? 76  PRO A C   1 
ATOM   620  O O   . PRO A 1 76  ? 8.982   6.961   10.277  1.00 33.19 ? 76  PRO A O   1 
ATOM   621  C CB  . PRO A 1 76  ? 7.633   9.003   8.084   1.00 30.52 ? 76  PRO A CB  1 
ATOM   622  C CG  . PRO A 1 76  ? 6.352   9.466   7.439   1.00 30.58 ? 76  PRO A CG  1 
ATOM   623  C CD  . PRO A 1 76  ? 5.346   9.319   8.517   1.00 29.43 ? 76  PRO A CD  1 
ATOM   624  N N   . SER A 1 77  ? 7.617   8.534   11.170  1.00 34.66 ? 77  SER A N   1 
ATOM   625  C CA  . SER A 1 77  ? 8.295   8.562   12.461  1.00 36.49 ? 77  SER A CA  1 
ATOM   626  C C   . SER A 1 77  ? 8.177   7.187   13.089  1.00 36.51 ? 77  SER A C   1 
ATOM   627  O O   . SER A 1 77  ? 9.105   6.718   13.750  1.00 37.20 ? 77  SER A O   1 
ATOM   628  C CB  . SER A 1 77  ? 7.658   9.605   13.380  1.00 36.86 ? 77  SER A CB  1 
ATOM   629  O OG  . SER A 1 77  ? 7.694   10.868  12.744  1.00 38.74 ? 77  SER A OG  1 
ATOM   630  N N   . TRP A 1 78  ? 7.047   6.529   12.844  1.00 36.36 ? 78  TRP A N   1 
ATOM   631  C CA  . TRP A 1 78  ? 6.800   5.188   13.379  1.00 35.65 ? 78  TRP A CA  1 
ATOM   632  C C   . TRP A 1 78  ? 7.046   4.059   12.362  1.00 31.57 ? 78  TRP A C   1 
ATOM   633  O O   . TRP A 1 78  ? 6.601   2.934   12.554  1.00 29.07 ? 78  TRP A O   1 
ATOM   634  C CB  . TRP A 1 78  ? 5.378   5.114   13.919  1.00 40.58 ? 78  TRP A CB  1 
ATOM   635  C CG  . TRP A 1 78  ? 5.124   6.076   15.029  1.00 45.22 ? 78  TRP A CG  1 
ATOM   636  C CD1 . TRP A 1 78  ? 5.558   7.383   15.121  1.00 46.48 ? 78  TRP A CD1 1 
ATOM   637  C CD2 . TRP A 1 78  ? 4.377   5.816   16.220  1.00 47.65 ? 78  TRP A CD2 1 
ATOM   638  N NE1 . TRP A 1 78  ? 5.119   7.943   16.296  1.00 47.85 ? 78  TRP A NE1 1 
ATOM   639  C CE2 . TRP A 1 78  ? 4.392   7.007   16.994  1.00 48.54 ? 78  TRP A CE2 1 
ATOM   640  C CE3 . TRP A 1 78  ? 3.691   4.688   16.716  1.00 49.15 ? 78  TRP A CE3 1 
ATOM   641  C CZ2 . TRP A 1 78  ? 3.745   7.100   18.250  1.00 49.44 ? 78  TRP A CZ2 1 
ATOM   642  C CZ3 . TRP A 1 78  ? 3.043   4.784   17.971  1.00 49.71 ? 78  TRP A CZ3 1 
ATOM   643  C CH2 . TRP A 1 78  ? 3.079   5.984   18.716  1.00 49.63 ? 78  TRP A CH2 1 
ATOM   644  N N   . LYS A 1 79  ? 7.726   4.389   11.272  1.00 27.85 ? 79  LYS A N   1 
ATOM   645  C CA  . LYS A 1 79  ? 8.048   3.430   10.236  1.00 26.18 ? 79  LYS A CA  1 
ATOM   646  C C   . LYS A 1 79  ? 6.792   2.745   9.690   1.00 24.57 ? 79  LYS A C   1 
ATOM   647  O O   . LYS A 1 79  ? 6.827   1.568   9.300   1.00 24.07 ? 79  LYS A O   1 
ATOM   648  C CB  . LYS A 1 79  ? 9.058   2.429   10.792  1.00 26.48 ? 79  LYS A CB  1 
ATOM   649  C CG  . LYS A 1 79  ? 10.366  3.113   11.170  1.00 28.21 ? 79  LYS A CG  1 
ATOM   650  C CD  . LYS A 1 79  ? 11.315  2.255   12.005  1.00 29.21 ? 79  LYS A CD  1 
ATOM   651  C CE  . LYS A 1 79  ? 12.630  3.034   12.331  1.00 30.50 ? 79  LYS A CE  1 
ATOM   652  N NZ  . LYS A 1 79  ? 12.473  4.480   12.834  1.00 30.90 ? 79  LYS A NZ  1 
ATOM   653  N N   . ASP A 1 80  ? 5.693   3.494   9.657   1.00 22.15 ? 80  ASP A N   1 
ATOM   654  C CA  . ASP A 1 80  ? 4.421   2.993   9.167   1.00 21.23 ? 80  ASP A CA  1 
ATOM   655  C C   . ASP A 1 80  ? 4.040   3.702   7.860   1.00 20.43 ? 80  ASP A C   1 
ATOM   656  O O   . ASP A 1 80  ? 4.064   4.949   7.793   1.00 19.30 ? 80  ASP A O   1 
ATOM   657  C CB  . ASP A 1 80  ? 3.337   3.202   10.223  1.00 22.45 ? 80  ASP A CB  1 
ATOM   658  C CG  . ASP A 1 80  ? 2.007   2.535   9.855   1.00 23.82 ? 80  ASP A CG  1 
ATOM   659  O OD1 . ASP A 1 80  ? 1.364   2.952   8.874   1.00 23.35 ? 80  ASP A OD1 1 
ATOM   660  O OD2 . ASP A 1 80  ? 1.588   1.572   10.542  1.00 26.00 ? 80  ASP A OD2 1 
ATOM   661  N N   . GLY A 1 81  ? 3.695   2.908   6.834   1.00 18.02 ? 81  GLY A N   1 
ATOM   662  C CA  . GLY A 1 81  ? 3.315   3.444   5.536   1.00 15.95 ? 81  GLY A CA  1 
ATOM   663  C C   . GLY A 1 81  ? 1.972   2.972   5.000   1.00 15.08 ? 81  GLY A C   1 
ATOM   664  O O   . GLY A 1 81  ? 1.784   2.883   3.781   1.00 13.95 ? 81  GLY A O   1 
ATOM   665  N N   . SER A 1 82  ? 1.016   2.761   5.900   1.00 14.30 ? 82  SER A N   1 
ATOM   666  C CA  . SER A 1 82  ? -0.313  2.280   5.548   1.00 14.51 ? 82  SER A CA  1 
ATOM   667  C C   . SER A 1 82  ? -1.234  3.294   4.823   1.00 15.32 ? 82  SER A C   1 
ATOM   668  O O   . SER A 1 82  ? -1.161  4.520   5.052   1.00 14.72 ? 82  SER A O   1 
ATOM   669  C CB  . SER A 1 82  ? -1.027  1.752   6.800   1.00 14.38 ? 82  SER A CB  1 
ATOM   670  O OG  . SER A 1 82  ? -0.245  0.804   7.511   1.00 14.72 ? 82  SER A OG  1 
ATOM   671  N N   . ILE A 1 83  ? -2.144  2.742   4.009   1.00 14.63 ? 83  ILE A N   1 
ATOM   672  C CA  . ILE A 1 83  ? -3.143  3.487   3.226   1.00 14.59 ? 83  ILE A CA  1 
ATOM   673  C C   . ILE A 1 83  ? -4.494  2.767   3.342   1.00 14.84 ? 83  ILE A C   1 
ATOM   674  O O   . ILE A 1 83  ? -4.554  1.593   3.733   1.00 15.70 ? 83  ILE A O   1 
ATOM   675  C CB  A ILE A 1 83  ? -2.750  3.575   1.695   0.32 14.79 ? 83  ILE A CB  1 
ATOM   676  C CB  B ILE A 1 83  ? -2.721  3.618   1.726   0.75 14.22 ? 83  ILE A CB  1 
ATOM   677  C CG1 A ILE A 1 83  ? -2.322  4.993   1.351   0.32 14.29 ? 83  ILE A CG1 1 
ATOM   678  C CG1 B ILE A 1 83  ? -2.713  2.239   1.029   0.75 13.80 ? 83  ILE A CG1 1 
ATOM   679  C CG2 A ILE A 1 83  ? -3.883  3.158   0.745   0.32 14.50 ? 83  ILE A CG2 1 
ATOM   680  C CG2 B ILE A 1 83  ? -1.374  4.332   1.632   0.75 13.14 ? 83  ILE A CG2 1 
ATOM   681  C CD1 A ILE A 1 83  ? -0.930  5.245   1.713   0.32 14.40 ? 83  ILE A CD1 1 
ATOM   682  C CD1 B ILE A 1 83  ? -2.513  2.316   -0.460  0.75 12.33 ? 83  ILE A CD1 1 
ATOM   683  N N   . VAL A 1 84  ? -5.557  3.497   3.032   1.00 15.01 ? 84  VAL A N   1 
ATOM   684  C CA  . VAL A 1 84  ? -6.903  2.954   3.052   1.00 15.51 ? 84  VAL A CA  1 
ATOM   685  C C   . VAL A 1 84  ? -7.442  3.046   1.622   1.00 15.71 ? 84  VAL A C   1 
ATOM   686  O O   . VAL A 1 84  ? -7.227  4.057   0.957   1.00 15.92 ? 84  VAL A O   1 
ATOM   687  C CB  . VAL A 1 84  ? -7.846  3.789   3.979   1.00 16.22 ? 84  VAL A CB  1 
ATOM   688  C CG1 . VAL A 1 84  ? -9.293  3.289   3.884   1.00 15.50 ? 84  VAL A CG1 1 
ATOM   689  C CG2 . VAL A 1 84  ? -7.353  3.743   5.425   1.00 16.76 ? 84  VAL A CG2 1 
ATOM   690  N N   . ILE A 1 85  ? -8.065  1.960   1.142   1.00 16.77 ? 85  ILE A N   1 
ATOM   691  C CA  . ILE A 1 85  ? -8.710  1.892   -0.191  1.00 16.32 ? 85  ILE A CA  1 
ATOM   692  C C   . ILE A 1 85  ? -10.210 2.051   0.124   1.00 16.72 ? 85  ILE A C   1 
ATOM   693  O O   . ILE A 1 85  ? -10.792 1.268   0.911   1.00 16.46 ? 85  ILE A O   1 
ATOM   694  C CB  . ILE A 1 85  ? -8.475  0.506   -0.938  1.00 16.55 ? 85  ILE A CB  1 
ATOM   695  C CG1 . ILE A 1 85  ? -6.978  0.236   -1.138  1.00 15.48 ? 85  ILE A CG1 1 
ATOM   696  C CG2 . ILE A 1 85  ? -9.183  0.504   -2.313  1.00 15.99 ? 85  ILE A CG2 1 
ATOM   697  C CD1 . ILE A 1 85  ? -6.252  1.302   -1.901  1.00 16.32 ? 85  ILE A CD1 1 
ATOM   698  N N   . HIS A 1 86  ? -10.805 3.102   -0.439  1.00 16.78 ? 86  HIS A N   1 
ATOM   699  C CA  . HIS A 1 86  ? -12.197 3.454   -0.200  1.00 17.40 ? 86  HIS A CA  1 
ATOM   700  C C   . HIS A 1 86  ? -13.192 3.004   -1.293  1.00 18.95 ? 86  HIS A C   1 
ATOM   701  O O   . HIS A 1 86  ? -12.808 2.726   -2.438  1.00 18.65 ? 86  HIS A O   1 
ATOM   702  C CB  . HIS A 1 86  ? -12.309 4.997   -0.024  1.00 16.76 ? 86  HIS A CB  1 
ATOM   703  C CG  . HIS A 1 86  ? -11.738 5.515   1.264   1.00 15.80 ? 86  HIS A CG  1 
ATOM   704  N ND1 . HIS A 1 86  ? -12.450 5.505   2.451   1.00 15.55 ? 86  HIS A ND1 1 
ATOM   705  C CD2 . HIS A 1 86  ? -10.530 6.044   1.559   1.00 14.97 ? 86  HIS A CD2 1 
ATOM   706  C CE1 . HIS A 1 86  ? -11.694 5.996   3.419   1.00 15.87 ? 86  HIS A CE1 1 
ATOM   707  N NE2 . HIS A 1 86  ? -10.524 6.333   2.903   1.00 14.89 ? 86  HIS A NE2 1 
ATOM   708  N N   . ASN A 1 87  ? -14.465 2.895   -0.899  1.00 19.81 ? 87  ASN A N   1 
ATOM   709  C CA  . ASN A 1 87  ? -15.558 2.552   -1.800  1.00 20.53 ? 87  ASN A CA  1 
ATOM   710  C C   . ASN A 1 87  ? -15.263 1.379   -2.706  1.00 21.42 ? 87  ASN A C   1 
ATOM   711  O O   . ASN A 1 87  ? -15.326 1.516   -3.913  1.00 21.32 ? 87  ASN A O   1 
ATOM   712  C CB  . ASN A 1 87  ? -15.909 3.756   -2.655  1.00 20.58 ? 87  ASN A CB  1 
ATOM   713  C CG  . ASN A 1 87  ? -17.311 3.687   -3.214  1.00 20.75 ? 87  ASN A CG  1 
ATOM   714  O OD1 . ASN A 1 87  ? -17.741 4.603   -3.908  1.00 21.70 ? 87  ASN A OD1 1 
ATOM   715  N ND2 . ASN A 1 87  ? -18.044 2.638   -2.885  1.00 19.55 ? 87  ASN A ND2 1 
ATOM   716  N N   . LEU A 1 88  ? -15.003 0.230   -2.094  1.00 23.10 ? 88  LEU A N   1 
ATOM   717  C CA  . LEU A 1 88  ? -14.662 -1.007  -2.790  1.00 25.48 ? 88  LEU A CA  1 
ATOM   718  C C   . LEU A 1 88  ? -15.643 -1.429  -3.873  1.00 27.48 ? 88  LEU A C   1 
ATOM   719  O O   . LEU A 1 88  ? -16.856 -1.258  -3.738  1.00 26.33 ? 88  LEU A O   1 
ATOM   720  C CB  . LEU A 1 88  ? -14.481 -2.132  -1.783  1.00 24.81 ? 88  LEU A CB  1 
ATOM   721  C CG  . LEU A 1 88  ? -13.082 -2.554  -1.307  1.00 25.45 ? 88  LEU A CG  1 
ATOM   722  C CD1 . LEU A 1 88  ? -11.938 -1.612  -1.747  1.00 24.16 ? 88  LEU A CD1 1 
ATOM   723  C CD2 . LEU A 1 88  ? -13.113 -2.813  0.205   1.00 24.74 ? 88  LEU A CD2 1 
ATOM   724  N N   . ASP A 1 89  ? -15.081 -2.016  -4.925  1.00 30.49 ? 89  ASP A N   1 
ATOM   725  C CA  . ASP A 1 89  ? -15.810 -2.483  -6.094  1.00 33.26 ? 89  ASP A CA  1 
ATOM   726  C C   . ASP A 1 89  ? -15.346 -3.912  -6.427  1.00 33.40 ? 89  ASP A C   1 
ATOM   727  O O   . ASP A 1 89  ? -14.214 -4.312  -6.133  1.00 32.66 ? 89  ASP A O   1 
ATOM   728  C CB  . ASP A 1 89  ? -15.509 -1.529  -7.254  1.00 37.16 ? 89  ASP A CB  1 
ATOM   729  C CG  . ASP A 1 89  ? -16.400 -1.760  -8.460  1.00 40.34 ? 89  ASP A CG  1 
ATOM   730  O OD1 . ASP A 1 89  ? -17.545 -1.254  -8.474  1.00 41.61 ? 89  ASP A OD1 1 
ATOM   731  O OD2 . ASP A 1 89  ? -15.958 -2.453  -9.406  1.00 42.05 ? 89  ASP A OD2 1 
ATOM   732  N N   . TYR A 1 90  ? -16.235 -4.691  -7.025  1.00 33.32 ? 90  TYR A N   1 
ATOM   733  C CA  . TYR A 1 90  ? -15.938 -6.075  -7.377  1.00 33.41 ? 90  TYR A CA  1 
ATOM   734  C C   . TYR A 1 90  ? -14.660 -6.242  -8.170  1.00 31.64 ? 90  TYR A C   1 
ATOM   735  O O   . TYR A 1 90  ? -13.878 -7.170  -7.939  1.00 32.08 ? 90  TYR A O   1 
ATOM   736  C CB  . TYR A 1 90  ? -17.113 -6.701  -8.163  1.00 35.83 ? 90  TYR A CB  1 
ATOM   737  C CG  . TYR A 1 90  ? -18.179 -7.326  -7.278  1.00 37.94 ? 90  TYR A CG  1 
ATOM   738  C CD1 . TYR A 1 90  ? -17.844 -8.341  -6.378  1.00 38.72 ? 90  TYR A CD1 1 
ATOM   739  C CD2 . TYR A 1 90  ? -19.507 -6.879  -7.311  1.00 38.49 ? 90  TYR A CD2 1 
ATOM   740  C CE1 . TYR A 1 90  ? -18.794 -8.889  -5.530  1.00 39.92 ? 90  TYR A CE1 1 
ATOM   741  C CE2 . TYR A 1 90  ? -20.471 -7.427  -6.462  1.00 39.36 ? 90  TYR A CE2 1 
ATOM   742  C CZ  . TYR A 1 90  ? -20.102 -8.433  -5.578  1.00 40.25 ? 90  TYR A CZ  1 
ATOM   743  O OH  . TYR A 1 90  ? -21.023 -9.030  -4.751  1.00 41.75 ? 90  TYR A OH  1 
ATOM   744  N N   . SER A 1 91  ? -14.425 -5.315  -9.075  1.00 29.65 ? 91  SER A N   1 
ATOM   745  C CA  . SER A 1 91  ? -13.265 -5.394  -9.934  1.00 28.24 ? 91  SER A CA  1 
ATOM   746  C C   . SER A 1 91  ? -11.946 -5.061  -9.291  1.00 26.92 ? 91  SER A C   1 
ATOM   747  O O   . SER A 1 91  ? -10.908 -5.199  -9.934  1.00 26.43 ? 91  SER A O   1 
ATOM   748  C CB  . SER A 1 91  ? -13.471 -4.508  -11.153 1.00 28.60 ? 91  SER A CB  1 
ATOM   749  O OG  . SER A 1 91  ? -13.715 -3.171  -10.763 1.00 29.57 ? 91  SER A OG  1 
ATOM   750  N N   . ASP A 1 92  ? -11.974 -4.658  -8.027  1.00 25.25 ? 92  ASP A N   1 
ATOM   751  C CA  . ASP A 1 92  ? -10.751 -4.274  -7.340  1.00 23.61 ? 92  ASP A CA  1 
ATOM   752  C C   . ASP A 1 92  ? -9.776  -5.411  -7.015  1.00 23.54 ? 92  ASP A C   1 
ATOM   753  O O   . ASP A 1 92  ? -8.611  -5.140  -6.719  1.00 23.13 ? 92  ASP A O   1 
ATOM   754  C CB  . ASP A 1 92  ? -11.089 -3.474  -6.064  1.00 23.01 ? 92  ASP A CB  1 
ATOM   755  C CG  . ASP A 1 92  ? -11.679 -2.092  -6.362  1.00 22.63 ? 92  ASP A CG  1 
ATOM   756  O OD1 . ASP A 1 92  ? -11.489 -1.549  -7.466  1.00 23.00 ? 92  ASP A OD1 1 
ATOM   757  O OD2 . ASP A 1 92  ? -12.338 -1.513  -5.485  1.00 22.66 ? 92  ASP A OD2 1 
ATOM   758  N N   . ASN A 1 93  ? -10.246 -6.673  -7.065  1.00 23.75 ? 93  ASN A N   1 
ATOM   759  C CA  . ASN A 1 93  ? -9.420  -7.870  -6.744  1.00 22.12 ? 93  ASN A CA  1 
ATOM   760  C C   . ASN A 1 93  ? -8.036  -7.729  -7.346  1.00 21.19 ? 93  ASN A C   1 
ATOM   761  O O   . ASN A 1 93  ? -7.904  -7.321  -8.513  1.00 21.64 ? 93  ASN A O   1 
ATOM   762  C CB  . ASN A 1 93  ? -10.021 -9.168  -7.327  1.00 23.49 ? 93  ASN A CB  1 
ATOM   763  C CG  . ASN A 1 93  ? -11.133 -9.756  -6.483  1.00 23.99 ? 93  ASN A CG  1 
ATOM   764  O OD1 . ASN A 1 93  ? -11.326 -10.976 -6.450  1.00 24.40 ? 93  ASN A OD1 1 
ATOM   765  N ND2 . ASN A 1 93  ? -11.877 -8.908  -5.814  1.00 23.94 ? 93  ASN A ND2 1 
ATOM   766  N N   . GLY A 1 94  ? -7.015  -8.110  -6.580  1.00 19.76 ? 94  GLY A N   1 
ATOM   767  C CA  . GLY A 1 94  ? -5.662  -8.022  -7.075  1.00 18.21 ? 94  GLY A CA  1 
ATOM   768  C C   . GLY A 1 94  ? -4.656  -8.081  -5.959  1.00 17.45 ? 94  GLY A C   1 
ATOM   769  O O   . GLY A 1 94  ? -5.009  -8.258  -4.794  1.00 17.01 ? 94  GLY A O   1 
ATOM   770  N N   . THR A 1 95  ? -3.395  -7.928  -6.326  1.00 17.39 ? 95  THR A N   1 
ATOM   771  C CA  . THR A 1 95  ? -2.308  -7.954  -5.365  1.00 18.57 ? 95  THR A CA  1 
ATOM   772  C C   . THR A 1 95  ? -1.636  -6.566  -5.255  1.00 17.81 ? 95  THR A C   1 
ATOM   773  O O   . THR A 1 95  ? -1.302  -5.957  -6.278  1.00 17.40 ? 95  THR A O   1 
ATOM   774  C CB  . THR A 1 95  ? -1.255  -9.025  -5.760  1.00 19.21 ? 95  THR A CB  1 
ATOM   775  O OG1 . THR A 1 95  ? -1.892  -10.307 -5.797  1.00 20.38 ? 95  THR A OG1 1 
ATOM   776  C CG2 . THR A 1 95  ? -0.095  -9.073  -4.746  1.00 18.50 ? 95  THR A CG2 1 
ATOM   777  N N   . PHE A 1 96  ? -1.456  -6.094  -4.019  1.00 17.76 ? 96  PHE A N   1 
ATOM   778  C CA  . PHE A 1 96  ? -0.801  -4.797  -3.717  1.00 17.72 ? 96  PHE A CA  1 
ATOM   779  C C   . PHE A 1 96  ? 0.563   -5.066  -3.104  1.00 17.30 ? 96  PHE A C   1 
ATOM   780  O O   . PHE A 1 96  ? 0.704   -5.936  -2.248  1.00 17.49 ? 96  PHE A O   1 
ATOM   781  C CB  . PHE A 1 96  ? -1.608  -3.965  -2.695  1.00 16.52 ? 96  PHE A CB  1 
ATOM   782  C CG  . PHE A 1 96  ? -2.946  -3.529  -3.182  1.00 15.81 ? 96  PHE A CG  1 
ATOM   783  C CD1 . PHE A 1 96  ? -4.038  -4.404  -3.148  1.00 15.70 ? 96  PHE A CD1 1 
ATOM   784  C CD2 . PHE A 1 96  ? -3.119  -2.245  -3.697  1.00 15.88 ? 96  PHE A CD2 1 
ATOM   785  C CE1 . PHE A 1 96  ? -5.299  -4.014  -3.626  1.00 15.31 ? 96  PHE A CE1 1 
ATOM   786  C CE2 . PHE A 1 96  ? -4.370  -1.832  -4.179  1.00 16.11 ? 96  PHE A CE2 1 
ATOM   787  C CZ  . PHE A 1 96  ? -5.468  -2.722  -4.145  1.00 15.70 ? 96  PHE A CZ  1 
ATOM   788  N N   . THR A 1 97  ? 1.568   -4.332  -3.549  1.00 18.19 ? 97  THR A N   1 
ATOM   789  C CA  . THR A 1 97  ? 2.913   -4.490  -2.998  1.00 18.72 ? 97  THR A CA  1 
ATOM   790  C C   . THR A 1 97  ? 3.479   -3.176  -2.394  1.00 18.68 ? 97  THR A C   1 
ATOM   791  O O   . THR A 1 97  ? 3.467   -2.109  -3.036  1.00 16.61 ? 97  THR A O   1 
ATOM   792  C CB  . THR A 1 97  ? 3.919   -5.012  -4.079  1.00 20.17 ? 97  THR A CB  1 
ATOM   793  O OG1 . THR A 1 97  ? 3.408   -6.219  -4.669  1.00 20.97 ? 97  THR A OG1 1 
ATOM   794  C CG2 . THR A 1 97  ? 5.286   -5.307  -3.439  1.00 20.03 ? 97  THR A CG2 1 
ATOM   795  N N   . CYS A 1 98  ? 3.995   -3.292  -1.169  1.00 18.10 ? 98  CYS A N   1 
ATOM   796  C CA  . CYS A 1 98  ? 4.604   -2.173  -0.477  1.00 18.53 ? 98  CYS A CA  1 
ATOM   797  C C   . CYS A 1 98  ? 6.120   -2.337  -0.609  1.00 17.92 ? 98  CYS A C   1 
ATOM   798  O O   . CYS A 1 98  ? 6.669   -3.382  -0.242  1.00 17.76 ? 98  CYS A O   1 
ATOM   799  C CB  . CYS A 1 98  ? 4.198   -2.153  1.003   1.00 18.80 ? 98  CYS A CB  1 
ATOM   800  S SG  . CYS A 1 98  ? 4.852   -0.667  1.897   1.00 20.00 ? 98  CYS A SG  1 
ATOM   801  N N   . ASP A 1 99  ? 6.772   -1.280  -1.100  1.00 18.34 ? 99  ASP A N   1 
ATOM   802  C CA  . ASP A 1 99  ? 8.222   -1.190  -1.348  1.00 18.45 ? 99  ASP A CA  1 
ATOM   803  C C   . ASP A 1 99  ? 8.821   -0.101  -0.439  1.00 18.09 ? 99  ASP A C   1 
ATOM   804  O O   . ASP A 1 99  ? 8.502   1.099   -0.572  1.00 17.20 ? 99  ASP A O   1 
ATOM   805  C CB  . ASP A 1 99  ? 8.405   -0.831  -2.837  1.00 19.30 ? 99  ASP A CB  1 
ATOM   806  C CG  . ASP A 1 99  ? 9.869   -0.792  -3.299  1.00 21.19 ? 99  ASP A CG  1 
ATOM   807  O OD1 . ASP A 1 99  ? 10.841  -0.958  -2.515  1.00 21.52 ? 99  ASP A OD1 1 
ATOM   808  O OD2 . ASP A 1 99  ? 10.038  -0.544  -4.515  1.00 22.67 ? 99  ASP A OD2 1 
ATOM   809  N N   . VAL A 1 100 ? 9.691   -0.515  0.472   1.00 17.74 ? 100 VAL A N   1 
ATOM   810  C CA  . VAL A 1 100 ? 10.325  0.396   1.424   1.00 17.71 ? 100 VAL A CA  1 
ATOM   811  C C   . VAL A 1 100 ? 11.804  0.648   1.079   1.00 20.00 ? 100 VAL A C   1 
ATOM   812  O O   . VAL A 1 100 ? 12.567  -0.321  0.909   1.00 19.64 ? 100 VAL A O   1 
ATOM   813  C CB  . VAL A 1 100 ? 10.216  -0.165  2.868   1.00 17.39 ? 100 VAL A CB  1 
ATOM   814  C CG1 . VAL A 1 100 ? 10.890  0.799   3.884   1.00 17.30 ? 100 VAL A CG1 1 
ATOM   815  C CG2 . VAL A 1 100 ? 8.747   -0.335  3.243   1.00 15.71 ? 100 VAL A CG2 1 
ATOM   816  N N   . LYS A 1 101 ? 12.209  1.927   0.981   1.00 21.14 ? 101 LYS A N   1 
ATOM   817  C CA  . LYS A 1 101 ? 13.610  2.281   0.666   1.00 23.80 ? 101 LYS A CA  1 
ATOM   818  C C   . LYS A 1 101 ? 14.195  3.282   1.675   1.00 25.69 ? 101 LYS A C   1 
ATOM   819  O O   . LYS A 1 101 ? 13.460  4.040   2.316   1.00 25.62 ? 101 LYS A O   1 
ATOM   820  C CB  . LYS A 1 101 ? 13.753  2.916   -0.723  1.00 23.00 ? 101 LYS A CB  1 
ATOM   821  C CG  . LYS A 1 101 ? 13.585  2.005   -1.885  1.00 24.32 ? 101 LYS A CG  1 
ATOM   822  C CD  . LYS A 1 101 ? 13.543  2.829   -3.160  1.00 26.12 ? 101 LYS A CD  1 
ATOM   823  C CE  . LYS A 1 101 ? 13.257  1.978   -4.393  1.00 28.12 ? 101 LYS A CE  1 
ATOM   824  N NZ  . LYS A 1 101 ? 11.844  1.464   -4.479  1.00 30.17 ? 101 LYS A NZ  1 
ATOM   825  N N   . ASN A 1 102 ? 15.521  3.283   1.784   1.00 27.80 ? 102 ASN A N   1 
ATOM   826  C CA  . ASN A 1 102 ? 16.246  4.210   2.657   1.00 30.44 ? 102 ASN A CA  1 
ATOM   827  C C   . ASN A 1 102 ? 17.078  5.130   1.763   1.00 31.38 ? 102 ASN A C   1 
ATOM   828  O O   . ASN A 1 102 ? 16.527  5.810   0.877   1.00 32.23 ? 102 ASN A O   1 
ATOM   829  C CB  . ASN A 1 102 ? 17.152  3.455   3.627   1.00 31.39 ? 102 ASN A CB  1 
ATOM   830  C CG  . ASN A 1 102 ? 16.368  2.516   4.531   1.00 33.00 ? 102 ASN A CG  1 
ATOM   831  O OD1 . ASN A 1 102 ? 15.577  2.955   5.364   1.00 34.36 ? 102 ASN A OD1 1 
ATOM   832  N ND2 . ASN A 1 102 ? 16.536  1.220   4.329   1.00 34.16 ? 102 ASN A ND2 1 
ATOM   833  N N   . VAL A 1 107 ? 17.622  0.362   -4.199  1.00 34.32 ? 107 VAL A N   1 
ATOM   834  C CA  . VAL A 1 107 ? 16.850  -0.884  -4.116  1.00 34.66 ? 107 VAL A CA  1 
ATOM   835  C C   . VAL A 1 107 ? 16.145  -1.109  -2.740  1.00 34.29 ? 107 VAL A C   1 
ATOM   836  O O   . VAL A 1 107 ? 16.757  -0.978  -1.667  1.00 34.99 ? 107 VAL A O   1 
ATOM   837  C CB  . VAL A 1 107 ? 17.722  -2.124  -4.541  1.00 34.17 ? 107 VAL A CB  1 
ATOM   838  C CG1 . VAL A 1 107 ? 18.782  -2.430  -3.519  1.00 33.81 ? 107 VAL A CG1 1 
ATOM   839  C CG2 . VAL A 1 107 ? 16.842  -3.348  -4.788  1.00 34.23 ? 107 VAL A CG2 1 
ATOM   840  N N   . GLY A 1 108 ? 14.848  -1.407  -2.783  1.00 33.86 ? 108 GLY A N   1 
ATOM   841  C CA  . GLY A 1 108 ? 14.092  -1.616  -1.556  1.00 32.51 ? 108 GLY A CA  1 
ATOM   842  C C   . GLY A 1 108 ? 13.804  -3.056  -1.169  1.00 31.56 ? 108 GLY A C   1 
ATOM   843  O O   . GLY A 1 108 ? 14.352  -4.012  -1.724  1.00 31.26 ? 108 GLY A O   1 
ATOM   844  N N   . LYS A 1 109 ? 12.946  -3.184  -0.166  1.00 30.01 ? 109 LYS A N   1 
ATOM   845  C CA  . LYS A 1 109 ? 12.494  -4.451  0.382   1.00 28.62 ? 109 LYS A CA  1 
ATOM   846  C C   . LYS A 1 109 ? 10.980  -4.377  0.190   1.00 26.79 ? 109 LYS A C   1 
ATOM   847  O O   . LYS A 1 109 ? 10.367  -3.350  0.513   1.00 24.56 ? 109 LYS A O   1 
ATOM   848  C CB  . LYS A 1 109 ? 12.779  -4.477  1.866   1.00 31.04 ? 109 LYS A CB  1 
ATOM   849  C CG  . LYS A 1 109 ? 13.908  -5.332  2.284   1.00 33.94 ? 109 LYS A CG  1 
ATOM   850  C CD  . LYS A 1 109 ? 13.397  -6.345  3.309   1.00 35.83 ? 109 LYS A CD  1 
ATOM   851  C CE  . LYS A 1 109 ? 14.509  -6.745  4.264   1.00 37.69 ? 109 LYS A CE  1 
ATOM   852  N NZ  . LYS A 1 109 ? 15.810  -7.083  3.604   1.00 38.98 ? 109 LYS A NZ  1 
ATOM   853  N N   . THR A 1 110 ? 10.377  -5.454  -0.306  1.00 24.45 ? 110 THR A N   1 
ATOM   854  C CA  . THR A 1 110 ? 8.940   -5.463  -0.584  1.00 23.31 ? 110 THR A CA  1 
ATOM   855  C C   . THR A 1 110 ? 8.146   -6.553  0.140   1.00 22.29 ? 110 THR A C   1 
ATOM   856  O O   . THR A 1 110 ? 8.710   -7.527  0.633   1.00 21.40 ? 110 THR A O   1 
ATOM   857  C CB  . THR A 1 110 ? 8.672   -5.624  -2.122  1.00 23.68 ? 110 THR A CB  1 
ATOM   858  O OG1 . THR A 1 110 ? 9.120   -6.923  -2.557  1.00 23.97 ? 110 THR A OG1 1 
ATOM   859  C CG2 . THR A 1 110 ? 9.440   -4.574  -2.921  1.00 22.94 ? 110 THR A CG2 1 
ATOM   860  N N   . SER A 1 111 ? 6.835   -6.362  0.204   1.00 20.28 ? 111 SER A N   1 
ATOM   861  C CA  . SER A 1 111 ? 5.930   -7.332  0.801   1.00 19.82 ? 111 SER A CA  1 
ATOM   862  C C   . SER A 1 111 ? 4.586   -7.089  0.126   1.00 19.30 ? 111 SER A C   1 
ATOM   863  O O   . SER A 1 111 ? 4.253   -5.941  -0.191  1.00 19.35 ? 111 SER A O   1 
ATOM   864  C CB  . SER A 1 111 ? 5.840   -7.133  2.316   1.00 19.98 ? 111 SER A CB  1 
ATOM   865  O OG  . SER A 1 111 ? 5.215   -8.248  2.952   1.00 19.38 ? 111 SER A OG  1 
ATOM   866  N N   . GLN A 1 112 ? 3.824   -8.154  -0.123  1.00 19.54 ? 112 GLN A N   1 
ATOM   867  C CA  . GLN A 1 112 ? 2.528   -8.019  -0.804  1.00 19.75 ? 112 GLN A CA  1 
ATOM   868  C C   . GLN A 1 112 ? 1.346   -8.563  -0.006  1.00 19.29 ? 112 GLN A C   1 
ATOM   869  O O   . GLN A 1 112 ? 1.520   -9.356  0.911   1.00 19.69 ? 112 GLN A O   1 
ATOM   870  C CB  . GLN A 1 112 ? 2.578   -8.685  -2.198  1.00 21.11 ? 112 GLN A CB  1 
ATOM   871  C CG  . GLN A 1 112 ? 2.952   -10.154 -2.161  1.00 23.47 ? 112 GLN A CG  1 
ATOM   872  C CD  . GLN A 1 112 ? 2.895   -10.847 -3.531  1.00 25.32 ? 112 GLN A CD  1 
ATOM   873  O OE1 . GLN A 1 112 ? 2.400   -11.983 -3.651  1.00 27.42 ? 112 GLN A OE1 1 
ATOM   874  N NE2 . GLN A 1 112 ? 3.354   -10.162 -4.563  1.00 25.30 ? 112 GLN A NE2 1 
ATOM   875  N N   . VAL A 1 113 ? 0.146   -8.122  -0.382  1.00 19.82 ? 113 VAL A N   1 
ATOM   876  C CA  . VAL A 1 113 ? -1.119  -8.521  0.241   1.00 18.42 ? 113 VAL A CA  1 
ATOM   877  C C   . VAL A 1 113 ? -2.132  -8.648  -0.907  1.00 18.49 ? 113 VAL A C   1 
ATOM   878  O O   . VAL A 1 113 ? -2.113  -7.837  -1.836  1.00 17.15 ? 113 VAL A O   1 
ATOM   879  C CB  . VAL A 1 113 ? -1.592  -7.445  1.275   1.00 19.10 ? 113 VAL A CB  1 
ATOM   880  C CG1 . VAL A 1 113 ? -1.671  -6.041  0.607   1.00 18.63 ? 113 VAL A CG1 1 
ATOM   881  C CG2 . VAL A 1 113 ? -2.951  -7.830  1.880   1.00 18.61 ? 113 VAL A CG2 1 
ATOM   882  N N   . THR A 1 114 ? -2.962  -9.695  -0.886  1.00 18.84 ? 114 THR A N   1 
ATOM   883  C CA  . THR A 1 114 ? -3.965  -9.911  -1.936  1.00 18.70 ? 114 THR A CA  1 
ATOM   884  C C   . THR A 1 114 ? -5.356  -9.530  -1.438  1.00 18.52 ? 114 THR A C   1 
ATOM   885  O O   . THR A 1 114 ? -5.741  -9.882  -0.316  1.00 19.86 ? 114 THR A O   1 
ATOM   886  C CB  . THR A 1 114 ? -3.963  -11.414 -2.426  1.00 19.81 ? 114 THR A CB  1 
ATOM   887  O OG1 . THR A 1 114 ? -2.694  -11.718 -3.015  1.00 20.28 ? 114 THR A OG1 1 
ATOM   888  C CG2 . THR A 1 114 ? -5.066  -11.671 -3.470  1.00 20.04 ? 114 THR A CG2 1 
ATOM   889  N N   . LEU A 1 115 ? -6.096  -8.805  -2.270  1.00 18.93 ? 115 LEU A N   1 
ATOM   890  C CA  . LEU A 1 115 ? -7.448  -8.352  -1.955  1.00 19.95 ? 115 LEU A CA  1 
ATOM   891  C C   . LEU A 1 115 ? -8.564  -9.136  -2.688  1.00 22.15 ? 115 LEU A C   1 
ATOM   892  O O   . LEU A 1 115 ? -8.495  -9.328  -3.914  1.00 21.90 ? 115 LEU A O   1 
ATOM   893  C CB  . LEU A 1 115 ? -7.605  -6.871  -2.331  1.00 18.62 ? 115 LEU A CB  1 
ATOM   894  C CG  . LEU A 1 115 ? -9.038  -6.282  -2.276  1.00 18.41 ? 115 LEU A CG  1 
ATOM   895  C CD1 . LEU A 1 115 ? -9.564  -6.223  -0.824  1.00 16.73 ? 115 LEU A CD1 1 
ATOM   896  C CD2 . LEU A 1 115 ? -9.066  -4.892  -2.941  1.00 17.60 ? 115 LEU A CD2 1 
ATOM   897  N N   . TYR A 1 116 ? -9.613  -9.502  -1.946  1.00 23.95 ? 116 TYR A N   1 
ATOM   898  C CA  . TYR A 1 116 ? -10.792 -10.178 -2.498  1.00 25.78 ? 116 TYR A CA  1 
ATOM   899  C C   . TYR A 1 116 ? -12.005 -9.415  -1.988  1.00 26.27 ? 116 TYR A C   1 
ATOM   900  O O   . TYR A 1 116 ? -12.118 -9.200  -0.786  1.00 26.08 ? 116 TYR A O   1 
ATOM   901  C CB  . TYR A 1 116 ? -10.934 -11.617 -1.982  1.00 26.08 ? 116 TYR A CB  1 
ATOM   902  C CG  . TYR A 1 116 ? -9.799  -12.506 -2.325  1.00 27.15 ? 116 TYR A CG  1 
ATOM   903  C CD1 . TYR A 1 116 ? -9.646  -12.987 -3.610  1.00 27.60 ? 116 TYR A CD1 1 
ATOM   904  C CD2 . TYR A 1 116 ? -8.850  -12.841 -1.365  1.00 28.08 ? 116 TYR A CD2 1 
ATOM   905  C CE1 . TYR A 1 116 ? -8.567  -13.775 -3.940  1.00 29.03 ? 116 TYR A CE1 1 
ATOM   906  C CE2 . TYR A 1 116 ? -7.764  -13.627 -1.673  1.00 28.99 ? 116 TYR A CE2 1 
ATOM   907  C CZ  . TYR A 1 116 ? -7.629  -14.095 -2.965  1.00 29.21 ? 116 TYR A CZ  1 
ATOM   908  O OH  . TYR A 1 116 ? -6.552  -14.889 -3.287  1.00 30.88 ? 116 TYR A OH  1 
ATOM   909  N N   . VAL A 1 117 ? -12.885 -8.978  -2.885  1.00 28.07 ? 117 VAL A N   1 
ATOM   910  C CA  . VAL A 1 117 ? -14.101 -8.297  -2.458  1.00 31.06 ? 117 VAL A CA  1 
ATOM   911  C C   . VAL A 1 117 ? -15.311 -9.181  -2.778  1.00 33.35 ? 117 VAL A C   1 
ATOM   912  O O   . VAL A 1 117 ? -15.389 -9.796  -3.842  1.00 33.60 ? 117 VAL A O   1 
ATOM   913  C CB  . VAL A 1 117 ? -14.265 -6.825  -3.025  1.00 31.20 ? 117 VAL A CB  1 
ATOM   914  C CG1 . VAL A 1 117 ? -12.941 -6.255  -3.555  1.00 30.99 ? 117 VAL A CG1 1 
ATOM   915  C CG2 . VAL A 1 117 ? -15.391 -6.714  -4.010  1.00 31.10 ? 117 VAL A CG2 1 
ATOM   916  N N   . PHE A 1 118 ? -16.214 -9.280  -1.812  1.00 36.43 ? 118 PHE A N   1 
ATOM   917  C CA  . PHE A 1 118 ? -17.423 -10.086 -1.916  1.00 38.60 ? 118 PHE A CA  1 
ATOM   918  C C   . PHE A 1 118 ? -18.644 -9.171  -1.738  1.00 40.24 ? 118 PHE A C   1 
ATOM   919  O O   . PHE A 1 118 ? -18.541 -7.956  -1.881  1.00 40.92 ? 118 PHE A O   1 
ATOM   920  C CB  . PHE A 1 118 ? -17.436 -11.121 -0.791  1.00 39.62 ? 118 PHE A CB  1 
ATOM   921  C CG  . PHE A 1 118 ? -16.143 -11.866 -0.620  1.00 41.00 ? 118 PHE A CG  1 
ATOM   922  C CD1 . PHE A 1 118 ? -15.096 -11.308 0.110   1.00 41.09 ? 118 PHE A CD1 1 
ATOM   923  C CD2 . PHE A 1 118 ? -15.967 -13.128 -1.201  1.00 41.68 ? 118 PHE A CD2 1 
ATOM   924  C CE1 . PHE A 1 118 ? -13.889 -11.982 0.262   1.00 41.62 ? 118 PHE A CE1 1 
ATOM   925  C CE2 . PHE A 1 118 ? -14.760 -13.818 -1.057  1.00 42.16 ? 118 PHE A CE2 1 
ATOM   926  C CZ  . PHE A 1 118 ? -13.712 -13.238 -0.320  1.00 42.06 ? 118 PHE A CZ  1 
ATOM   927  N N   . GLU A 1 119 ? -19.777 -9.771  -1.362  1.00 41.85 ? 119 GLU A N   1 
ATOM   928  C CA  . GLU A 1 119 ? -21.054 -9.089  -1.114  1.00 42.50 ? 119 GLU A CA  1 
ATOM   929  C C   . GLU A 1 119 ? -21.466 -8.115  -2.200  1.00 43.48 ? 119 GLU A C   1 
ATOM   930  O O   . GLU A 1 119 ? -22.568 -8.326  -2.760  1.00 44.91 ? 119 GLU A O   1 
ATOM   931  C CB  . GLU A 1 119 ? -21.052 -8.379  0.244   1.00 42.28 ? 119 GLU A CB  1 
HETATM 932  O O   . HOH B 2 .   ? 9.761   3.407   -1.724  1.00 14.57 ? 200 HOH A O   1 
HETATM 933  O O   . HOH B 2 .   ? -1.265  -5.540  4.245   1.00 19.40 ? 201 HOH A O   1 
HETATM 934  O O   . HOH B 2 .   ? -7.692  9.696   -3.193  1.00 15.50 ? 202 HOH A O   1 
HETATM 935  O O   . HOH B 2 .   ? 6.575   -9.442  4.570   1.00 16.42 ? 204 HOH A O   1 
HETATM 936  O O   . HOH B 2 .   ? 12.610  10.533  2.388   1.00 30.14 ? 205 HOH A O   1 
HETATM 937  O O   . HOH B 2 .   ? 9.687   11.125  4.805   1.00 44.16 ? 208 HOH A O   1 
HETATM 938  O O   . HOH B 2 .   ? 17.055  -6.287  12.581  1.00 37.23 ? 209 HOH A O   1 
HETATM 939  O O   . HOH B 2 .   ? -4.833  4.317   -8.811  1.00 20.77 ? 210 HOH A O   1 
HETATM 940  O O   . HOH B 2 .   ? 16.491  5.926   6.482   1.00 31.84 ? 211 HOH A O   1 
HETATM 941  O O   . HOH B 2 .   ? -3.844  0.381   -11.908 1.00 31.86 ? 212 HOH A O   1 
HETATM 942  O O   . HOH B 2 .   ? 4.819   -10.061 6.254   1.00 25.81 ? 214 HOH A O   1 
HETATM 943  O O   . HOH B 2 .   ? 1.563   -5.774  -6.743  1.00 26.03 ? 215 HOH A O   1 
HETATM 944  O O   . HOH B 2 .   ? 2.556   -11.371 3.588   1.00 37.25 ? 216 HOH A O   1 
HETATM 945  O O   . HOH B 2 .   ? -2.410  -10.179 -9.455  1.00 32.60 ? 217 HOH A O   1 
HETATM 946  O O   . HOH B 2 .   ? -0.965  13.913  -3.335  1.00 47.90 ? 218 HOH A O   1 
HETATM 947  O O   . HOH B 2 .   ? -8.999  -3.717  -11.175 1.00 33.42 ? 219 HOH A O   1 
HETATM 948  O O   . HOH B 2 .   ? 5.387   -10.967 0.209   1.00 18.91 ? 220 HOH A O   1 
HETATM 949  O O   . HOH B 2 .   ? -20.076 -10.218 2.299   1.00 44.11 ? 221 HOH A O   1 
HETATM 950  O O   . HOH B 2 .   ? 13.046  6.282   -2.917  1.00 38.21 ? 222 HOH A O   1 
HETATM 951  O O   . HOH B 2 .   ? 2.401   -5.569  -20.512 1.00 25.54 ? 224 HOH A O   1 
HETATM 952  O O   . HOH B 2 .   ? -20.981 2.633   0.417   1.00 26.99 ? 226 HOH A O   1 
HETATM 953  O O   . HOH B 2 .   ? -9.176  -3.159  6.880   1.00 32.30 ? 228 HOH A O   1 
HETATM 954  O O   . HOH B 2 .   ? -3.357  -12.326 6.231   1.00 50.51 ? 230 HOH A O   1 
HETATM 955  O O   . HOH B 2 .   ? -9.438  -7.444  -10.710 1.00 31.77 ? 231 HOH A O   1 
HETATM 956  O O   . HOH B 2 .   ? 5.765   -1.623  -4.811  1.00 28.04 ? 232 HOH A O   1 
HETATM 957  O O   . HOH B 2 .   ? -4.516  6.743   -9.636  1.00 34.11 ? 233 HOH A O   1 
HETATM 958  O O   . HOH B 2 .   ? 12.479  -7.652  -1.062  1.00 38.59 ? 234 HOH A O   1 
HETATM 959  O O   . HOH B 2 .   ? 11.016  -9.131  0.585   1.00 65.20 ? 235 HOH A O   1 
HETATM 960  O O   . HOH B 2 .   ? -2.370  -2.059  -12.247 1.00 45.60 ? 236 HOH A O   1 
HETATM 961  O O   . HOH B 2 .   ? -11.143 -9.601  -10.362 1.00 49.21 ? 237 HOH A O   1 
HETATM 962  O O   . HOH B 2 .   ? -3.707  -4.927  5.284   1.00 16.31 ? 251 HOH A O   1 
HETATM 963  O O   . HOH B 2 .   ? -6.655  11.439  0.374   1.00 19.37 ? 253 HOH A O   1 
HETATM 964  O O   . HOH B 2 .   ? -7.376  -11.486 -6.059  1.00 29.00 ? 254 HOH A O   1 
HETATM 965  O O   . HOH B 2 .   ? 19.550  5.765   9.241   1.00 37.08 ? 255 HOH A O   1 
HETATM 966  O O   . HOH B 2 .   ? 5.440   0.618   13.097  1.00 37.49 ? 256 HOH A O   1 
HETATM 967  O O   . HOH B 2 .   ? -2.969  -12.760 -10.507 1.00 38.51 ? 258 HOH A O   1 
HETATM 968  O O   . HOH B 2 .   ? 17.948  -3.865  18.996  1.00 28.06 ? 259 HOH A O   1 
HETATM 969  O O   . HOH B 2 .   ? -10.476 6.352   6.958   1.00 31.61 ? 260 HOH A O   1 
HETATM 970  O O   . HOH B 2 .   ? -1.412  10.306  8.473   1.00 42.14 ? 261 HOH A O   1 
HETATM 971  O O   . HOH B 2 .   ? 9.861   3.154   -5.314  1.00 32.22 ? 262 HOH A O   1 
HETATM 972  O O   . HOH B 2 .   ? -3.327  2.927   -10.973 1.00 33.96 ? 263 HOH A O   1 
HETATM 973  O O   . HOH B 2 .   ? 8.524   -9.328  2.934   1.00 29.59 ? 265 HOH A O   1 
HETATM 974  O O   . HOH B 2 .   ? 15.341  3.912   14.609  1.00 26.98 ? 267 HOH A O   1 
HETATM 975  O O   . HOH B 2 .   ? 13.669  -1.690  17.849  1.00 48.92 ? 270 HOH A O   1 
HETATM 976  O O   . HOH B 2 .   ? -14.724 -9.542  -6.502  1.00 37.06 ? 271 HOH A O   1 
HETATM 977  O O   . HOH B 2 .   ? 12.790  -0.051  13.513  1.00 55.75 ? 272 HOH A O   1 
HETATM 978  O O   . HOH B 2 .   ? 14.810  -1.255  2.543   1.00 44.84 ? 273 HOH A O   1 
HETATM 979  O O   . HOH B 2 .   ? 15.011  7.539   0.281   1.00 38.82 ? 274 HOH A O   1 
HETATM 980  O O   . HOH B 2 .   ? 21.829  -2.798  17.812  1.00 46.49 ? 275 HOH A O   1 
HETATM 981  O O   . HOH B 2 .   ? 10.937  -8.508  4.382   1.00 27.32 ? 301 HOH A O   1 
HETATM 982  O O   . HOH B 2 .   ? -5.297  -12.040 -7.496  1.00 35.47 ? 303 HOH A O   1 
HETATM 983  O O   . HOH B 2 .   ? 1.719   9.046   -6.849  1.00 38.28 ? 304 HOH A O   1 
HETATM 984  O O   . HOH B 2 .   ? 11.705  9.516   -3.524  1.00 67.39 ? 305 HOH A O   1 
HETATM 985  O O   . HOH B 2 .   ? -4.580  11.329  2.302   1.00 19.59 ? 307 HOH A O   1 
HETATM 986  O O   . HOH B 2 .   ? 6.835   -8.879  -2.342  1.00 30.25 ? 308 HOH A O   1 
HETATM 987  O O   . HOH B 2 .   ? -7.254  -1.886  -13.268 1.00 38.99 ? 309 HOH A O   1 
HETATM 988  O O   . HOH B 2 .   ? 14.146  7.673   13.262  1.00 22.74 ? 310 HOH A O   1 
HETATM 989  O O   . HOH B 2 .   ? -2.518  -0.809  9.779   1.00 32.17 ? 311 HOH A O   1 
HETATM 990  O O   . HOH B 2 .   ? 3.092   -9.683  8.532   1.00 39.78 ? 312 HOH A O   1 
HETATM 991  O O   . HOH B 2 .   ? 13.697  6.004   15.323  1.00 40.74 ? 313 HOH A O   1 
HETATM 992  O O   . HOH B 2 .   ? 12.994  -6.637  -3.555  1.00 39.44 ? 315 HOH A O   1 
HETATM 993  O O   . HOH B 2 .   ? 22.629  2.838   13.349  1.00 38.66 ? 316 HOH A O   1 
HETATM 994  O O   . HOH B 2 .   ? 0.370   -6.697  9.300   1.00 46.32 ? 317 HOH A O   1 
HETATM 995  O O   . HOH B 2 .   ? -11.390 -2.043  -10.234 1.00 43.28 ? 318 HOH A O   1 
HETATM 996  O O   . HOH B 2 .   ? -0.814  -12.430 7.690   1.00 47.11 ? 319 HOH A O   1 
HETATM 997  O O   . HOH B 2 .   ? -13.160 6.976   6.574   1.00 29.98 ? 320 HOH A O   1 
HETATM 998  O O   . HOH B 2 .   ? -2.275  12.759  1.904   1.00 25.96 ? 352 HOH A O   1 
HETATM 999  O O   . HOH B 2 .   ? 5.587   -11.376 3.305   1.00 34.21 ? 353 HOH A O   1 
HETATM 1000 O O   . HOH B 2 .   ? 9.401   14.353  -1.502  1.00 26.97 ? 354 HOH A O   1 
HETATM 1001 O O   . HOH B 2 .   ? 7.869   -1.115  13.147  1.00 37.34 ? 355 HOH A O   1 
HETATM 1002 O O   . HOH B 2 .   ? 2.741   0.330   12.818  1.00 59.30 ? 358 HOH A O   1 
HETATM 1003 O O   . HOH B 2 .   ? -14.714 -4.286  3.925   1.00 41.21 ? 360 HOH A O   1 
HETATM 1004 O O   . HOH B 2 .   ? -14.796 5.793   8.395   1.00 33.64 ? 361 HOH A O   1 
HETATM 1005 O O   . HOH B 2 .   ? -6.804  2.507   9.334   1.00 41.88 ? 362 HOH A O   1 
HETATM 1006 O O   . HOH B 2 .   ? 3.502   -7.555  -8.760  1.00 59.18 ? 363 HOH A O   1 
HETATM 1007 O O   . HOH B 2 .   ? 5.142   -8.393  -4.196  1.00 43.07 ? 364 HOH A O   1 
HETATM 1008 O O   . HOH B 2 .   ? -7.039  -4.754  7.112   1.00 34.56 ? 366 HOH A O   1 
HETATM 1009 O O   . HOH B 2 .   ? 19.527  8.923   6.730   1.00 46.55 ? 370 HOH A O   1 
HETATM 1010 O O   . HOH B 2 .   ? 7.587   17.974  3.831   1.00 41.34 ? 372 HOH A O   1 
HETATM 1011 O O   . HOH B 2 .   ? 2.986   -13.497 1.562   1.00 65.66 ? 373 HOH A O   1 
HETATM 1012 O O   . HOH B 2 .   ? 0.877   -1.583  -19.786 1.00 53.79 ? 374 HOH A O   1 
HETATM 1013 O O   . HOH B 2 .   ? 11.527  6.769   12.221  1.00 44.82 ? 376 HOH A O   1 
HETATM 1014 O O   . HOH B 2 .   ? 13.204  -9.625  4.963   1.00 27.33 ? 377 HOH A O   1 
HETATM 1015 O O   . HOH B 2 .   ? -15.668 6.872   -4.844  1.00 37.86 ? 378 HOH A O   1 
HETATM 1016 O O   . HOH B 2 .   ? -0.950  -8.578  -17.705 1.00 52.00 ? 379 HOH A O   1 
HETATM 1017 O O   . HOH B 2 .   ? 19.754  -6.203  18.934  1.00 42.11 ? 384 HOH A O   1 
HETATM 1018 O O   . HOH B 2 .   ? -3.826  6.248   -7.129  1.00 53.66 ? 387 HOH A O   1 
HETATM 1019 O O   . HOH B 2 .   ? -8.709  -8.895  -13.148 1.00 57.84 ? 389 HOH A O   1 
HETATM 1020 O O   . HOH B 2 .   ? 10.636  12.281  12.628  1.00 48.66 ? 390 HOH A O   1 
HETATM 1021 O O   . HOH B 2 .   ? -0.899  -12.460 -0.979  1.00 32.79 ? 391 HOH A O   1 
HETATM 1022 O O   . HOH B 2 .   ? 1.068   -8.463  -19.505 1.00 56.18 ? 392 HOH A O   1 
HETATM 1023 O O   . HOH B 2 .   ? 21.450  -5.184  15.819  1.00 46.97 ? 394 HOH A O   1 
HETATM 1024 O O   . HOH B 2 .   ? 19.354  2.119   -0.975  1.00 71.72 ? 399 HOH A O   1 
HETATM 1025 O O   . HOH B 2 .   ? -1.518  11.081  -10.614 1.00 37.03 ? 400 HOH A O   1 
HETATM 1026 O O   . HOH B 2 .   ? -9.385  -9.382  5.713   1.00 38.90 ? 401 HOH A O   1 
HETATM 1027 O O   . HOH B 2 .   ? 2.997   12.448  7.291   1.00 27.10 ? 402 HOH A O   1 
HETATM 1028 O O   . HOH B 2 .   ? -1.809  14.165  -0.345  1.00 29.75 ? 403 HOH A O   1 
HETATM 1029 O O   . HOH B 2 .   ? -18.827 0.470   -5.037  1.00 46.28 ? 405 HOH A O   1 
HETATM 1030 O O   . HOH B 2 .   ? -3.319  -15.255 -1.185  1.00 35.69 ? 408 HOH A O   1 
HETATM 1031 O O   . HOH B 2 .   ? 19.923  -8.787  18.782  1.00 30.83 ? 409 HOH A O   1 
HETATM 1032 O O   . HOH B 2 .   ? -2.905  7.695   -11.377 1.00 50.08 ? 410 HOH A O   1 
HETATM 1033 O O   . HOH B 2 .   ? 6.876   -13.363 4.361   1.00 44.55 ? 411 HOH A O   1 
HETATM 1034 O O   . HOH B 2 .   ? -14.503 13.024  -4.795  1.00 59.79 ? 415 HOH A O   1 
HETATM 1035 O O   . HOH B 2 .   ? 9.186   -12.745 2.457   1.00 57.91 ? 417 HOH A O   1 
HETATM 1036 O O   . HOH B 2 .   ? -22.103 -4.514  -0.053  1.00 41.05 ? 419 HOH A O   1 
HETATM 1037 O O   . HOH B 2 .   ? -5.534  12.399  4.612   1.00 65.76 ? 420 HOH A O   1 
HETATM 1038 O O   . HOH B 2 .   ? -3.996  -2.898  9.525   1.00 48.84 ? 421 HOH A O   1 
HETATM 1039 O O   . HOH B 2 .   ? -1.514  13.921  4.600   1.00 40.69 ? 422 HOH A O   1 
HETATM 1040 O O   . HOH B 2 .   ? -9.999  4.092   8.262   1.00 60.51 ? 423 HOH A O   1 
HETATM 1041 O O   . HOH B 2 .   ? 3.472   16.712  -0.654  1.00 59.90 ? 427 HOH A O   1 
HETATM 1042 O O   . HOH B 2 .   ? -21.082 -1.450  1.939   1.00 85.61 ? 433 HOH A O   1 
HETATM 1043 O O   . HOH B 2 .   ? -2.121  5.197   -11.805 1.00 41.01 ? 435 HOH A O   1 
HETATM 1044 O O   . HOH B 2 .   ? -2.363  -3.575  -14.705 1.00 49.79 ? 437 HOH A O   1 
HETATM 1045 O O   . HOH B 2 .   ? -10.501 0.553   6.755   1.00 28.87 ? 438 HOH A O   1 
HETATM 1046 O O   . HOH B 2 .   ? 19.316  5.389   -2.990  1.00 57.33 ? 440 HOH A O   1 
HETATM 1047 O O   . HOH B 2 .   ? 1.423   -16.365 -0.790  1.00 43.64 ? 441 HOH A O   1 
HETATM 1048 O O   . HOH B 2 .   ? -5.542  10.710  6.747   1.00 44.97 ? 442 HOH A O   1 
HETATM 1049 O O   . HOH B 2 .   ? 8.659   14.189  14.123  1.00 73.41 ? 443 HOH A O   1 
HETATM 1050 O O   . HOH B 2 .   ? 16.594  0.571   0.744   1.00 42.94 ? 452 HOH A O   1 
HETATM 1051 O O   . HOH B 2 .   ? -2.013  -6.164  -15.568 1.00 34.08 ? 453 HOH A O   1 
HETATM 1052 O O   . HOH B 2 .   ? 15.730  5.592   -3.218  1.00 32.31 ? 455 HOH A O   1 
HETATM 1053 O O   . HOH B 2 .   ? 21.659  1.519   16.476  1.00 50.09 ? 457 HOH A O   1 
HETATM 1054 O O   . HOH B 2 .   ? -18.609 -3.482  -7.687  1.00 41.58 ? 458 HOH A O   1 
HETATM 1055 O O   . HOH B 2 .   ? 3.042   11.117  -8.162  1.00 64.94 ? 462 HOH A O   1 
HETATM 1056 O O   . HOH B 2 .   ? -19.660 -12.393 -3.655  1.00 36.92 ? 463 HOH A O   1 
HETATM 1057 O O   . HOH B 2 .   ? -20.687 3.456   -2.094  1.00 48.42 ? 467 HOH A O   1 
HETATM 1058 O O   . HOH B 2 .   ? 10.585  17.741  1.224   1.00 51.97 ? 469 HOH A O   1 
HETATM 1059 O O   . HOH B 2 .   ? 1.357   -13.574 -1.309  1.00 33.27 ? 471 HOH A O   1 
HETATM 1060 O O   . HOH B 2 .   ? 11.463  5.350   -5.458  1.00 40.00 ? 473 HOH A O   1 
HETATM 1061 O O   . HOH B 2 .   ? -6.227  -9.388  7.104   1.00 67.85 ? 484 HOH A O   1 
HETATM 1062 O O   . HOH B 2 .   ? -11.836 5.484   -8.433  1.00 38.37 ? 500 HOH A O   1 
HETATM 1063 O O   . HOH B 2 .   ? 2.127   7.079   -8.425  1.00 46.33 ? 501 HOH A O   1 
HETATM 1064 O O   . HOH B 2 .   ? 4.215   -10.677 -8.796  1.00 42.58 ? 506 HOH A O   1 
HETATM 1065 O O   . HOH B 2 .   ? -1.528  1.953   10.836  1.00 44.70 ? 510 HOH A O   1 
HETATM 1066 O O   . HOH B 2 .   ? -14.800 3.637   10.062  1.00 57.35 ? 511 HOH A O   1 
HETATM 1067 O O   . HOH B 2 .   ? -22.835 -6.115  -5.078  1.00 51.41 ? 514 HOH A O   1 
HETATM 1068 O O   . HOH B 2 .   ? 13.845  -4.300  -5.385  1.00 79.16 ? 516 HOH A O   1 
HETATM 1069 O O   . HOH B 2 .   ? 11.234  13.623  -3.145  1.00 59.31 ? 517 HOH A O   1 
HETATM 1070 O O   . HOH B 2 .   ? -20.604 -7.466  4.754   1.00 46.96 ? 520 HOH A O   1 
HETATM 1071 O O   . HOH B 2 .   ? 3.454   -5.865  11.432  1.00 56.37 ? 521 HOH A O   1 
HETATM 1072 O O   . HOH B 2 .   ? 17.955  2.991   -3.075  1.00 47.99 ? 551 HOH A O   1 
HETATM 1073 O O   . HOH B 2 .   ? -1.622  -5.488  11.231  1.00 63.40 ? 555 HOH A O   1 
HETATM 1074 O O   . HOH B 2 .   ? 8.774   12.369  -6.045  1.00 57.30 ? 556 HOH A O   1 
HETATM 1075 O O   . HOH B 2 .   ? 1.690   -12.922 6.917   1.00 48.45 ? 557 HOH A O   1 
HETATM 1076 O O   . HOH B 2 .   ? -22.415 -5.574  2.245   1.00 58.74 ? 559 HOH A O   1 
HETATM 1077 O O   . HOH B 2 .   ? -16.113 2.082   -6.468  1.00 57.30 ? 567 HOH A O   1 
HETATM 1078 O O   . HOH B 2 .   ? -20.521 5.357   -5.064  1.00 57.72 ? 571 HOH A O   1 
HETATM 1079 O O   . HOH B 2 .   ? -4.187  13.634  -4.843  1.00 60.97 ? 572 HOH A O   1 
HETATM 1080 O O   . HOH B 2 .   ? 7.708   -8.782  -6.250  1.00 51.44 ? 573 HOH A O   1 
HETATM 1081 O O   . HOH B 2 .   ? 0.029   -1.419  12.604  1.00 57.69 ? 578 HOH A O   1 
HETATM 1082 O O   . HOH B 2 .   ? 22.267  7.474   9.356   1.00 38.84 ? 579 HOH A O   1 
HETATM 1083 O O   . HOH B 2 .   ? 16.938  -3.793  2.173   1.00 74.40 ? 581 HOH A O   1 
HETATM 1084 O O   . HOH B 2 .   ? 12.608  -2.238  -4.122  1.00 65.55 ? 583 HOH A O   1 
HETATM 1085 O O   . HOH B 2 .   ? 2.277   -7.253  -22.756 1.00 62.47 ? 600 HOH A O   1 
HETATM 1086 O O   . HOH B 2 .   ? -17.790 -9.987  3.832   1.00 48.37 ? 601 HOH A O   1 
HETATM 1087 O O   . HOH B 2 .   ? 10.431  17.464  -1.748  1.00 69.95 ? 602 HOH A O   1 
HETATM 1088 O O   . HOH B 2 .   ? 4.551   0.492   16.007  1.00 52.79 ? 603 HOH A O   1 
HETATM 1089 O O   . HOH B 2 .   ? 18.499  7.921   0.194   1.00 59.45 ? 604 HOH A O   1 
HETATM 1090 O O   . HOH B 2 .   ? 15.937  -0.056  16.832  1.00 58.25 ? 605 HOH A O   1 
HETATM 1091 O O   . HOH B 2 .   ? -13.727 -12.285 -4.897  1.00 57.72 ? 606 HOH A O   1 
HETATM 1092 O O   . HOH B 2 .   ? 14.568  -3.576  5.461   1.00 59.57 ? 607 HOH A O   1 
HETATM 1093 O O   . HOH B 2 .   ? 1.956   11.599  9.661   1.00 48.85 ? 608 HOH A O   1 
HETATM 1094 O O   . HOH B 2 .   ? 15.105  0.651   14.363  1.00 50.08 ? 612 HOH A O   1 
HETATM 1095 O O   . HOH B 2 .   ? -3.512  7.159   11.681  1.00 65.73 ? 615 HOH A O   1 
# 
